data_3ABN
# 
_entry.id   3ABN 
# 
_audit_conform.dict_name       mmcif_pdbx.dic 
_audit_conform.dict_version    5.403 
_audit_conform.dict_location   http://mmcif.pdb.org/dictionaries/ascii/mmcif_pdbx.dic 
# 
loop_
_database_2.database_id 
_database_2.database_code 
_database_2.pdbx_database_accession 
_database_2.pdbx_DOI 
PDB   3ABN         pdb_00003abn 10.2210/pdb3abn/pdb 
RCSB  RCSB029054   ?            ?                   
WWPDB D_1000029054 ?            ?                   
# 
loop_
_pdbx_audit_revision_history.ordinal 
_pdbx_audit_revision_history.data_content_type 
_pdbx_audit_revision_history.major_revision 
_pdbx_audit_revision_history.minor_revision 
_pdbx_audit_revision_history.revision_date 
_pdbx_audit_revision_history.part_number 
1 'Structure model' 1 0 2010-12-01 ? 
2 'Structure model' 1 1 2011-07-13 ? 
3 'Structure model' 1 2 2013-11-27 ? 
4 'Structure model' 1 3 2025-03-26 ? 
# 
_pdbx_audit_revision_details.ordinal             1 
_pdbx_audit_revision_details.revision_ordinal    1 
_pdbx_audit_revision_details.data_content_type   'Structure model' 
_pdbx_audit_revision_details.provider            repository 
_pdbx_audit_revision_details.type                'Initial release' 
_pdbx_audit_revision_details.description         ? 
_pdbx_audit_revision_details.details             ? 
# 
loop_
_pdbx_audit_revision_group.ordinal 
_pdbx_audit_revision_group.revision_ordinal 
_pdbx_audit_revision_group.data_content_type 
_pdbx_audit_revision_group.group 
1 2 'Structure model' 'Version format compliance' 
2 3 'Structure model' 'Database references'       
3 4 'Structure model' 'Data collection'           
4 4 'Structure model' 'Database references'       
5 4 'Structure model' 'Derived calculations'      
6 4 'Structure model' 'Structure summary'         
# 
loop_
_pdbx_audit_revision_category.ordinal 
_pdbx_audit_revision_category.revision_ordinal 
_pdbx_audit_revision_category.data_content_type 
_pdbx_audit_revision_category.category 
1 4 'Structure model' chem_comp_atom            
2 4 'Structure model' chem_comp_bond            
3 4 'Structure model' database_2                
4 4 'Structure model' pdbx_entry_details        
5 4 'Structure model' pdbx_modification_feature 
6 4 'Structure model' struct_conn               
# 
loop_
_pdbx_audit_revision_item.ordinal 
_pdbx_audit_revision_item.revision_ordinal 
_pdbx_audit_revision_item.data_content_type 
_pdbx_audit_revision_item.item 
1 4 'Structure model' '_database_2.pdbx_DOI'                         
2 4 'Structure model' '_database_2.pdbx_database_accession'          
3 4 'Structure model' '_pdbx_entry_details.has_protein_modification' 
4 4 'Structure model' '_struct_conn.pdbx_leaving_atom_flag'          
# 
_pdbx_database_status.status_code                     REL 
_pdbx_database_status.entry_id                        3ABN 
_pdbx_database_status.recvd_initial_deposition_date   2009-12-16 
_pdbx_database_status.deposit_site                    PDBJ 
_pdbx_database_status.process_site                    PDBJ 
_pdbx_database_status.status_code_sf                  REL 
_pdbx_database_status.status_code_mr                  ? 
_pdbx_database_status.SG_entry                        ? 
_pdbx_database_status.status_code_cs                  ? 
_pdbx_database_status.pdb_format_compatible           Y 
_pdbx_database_status.status_code_nmr_data            ? 
_pdbx_database_status.methods_development_category    ? 
# 
loop_
_pdbx_database_related.db_name 
_pdbx_database_related.db_id 
_pdbx_database_related.details 
_pdbx_database_related.content_type 
PDB 3A08 'The similar host-guest peptide' unspecified 
PDB 3A19 'The similar host-guest peptide' unspecified 
PDB 3A0M 'The similar host-guest peptide' unspecified 
PDB 2DRX 'The similar host-guest peptide' unspecified 
PDB 2DRT 'The similar host-guest peptide' unspecified 
# 
loop_
_audit_author.name 
_audit_author.pdbx_ordinal 
'Okuyama, K.'     1 
'Shimura, M.'     2 
'Kawaguchi, T.'   3 
'Noguchi, K.'     4 
'Mizuno, K.'      5 
'Bachinger, H.P.' 6 
# 
_citation.id                        primary 
_citation.title                     
'Crystal structure of the collagen model peptide (Pro-Pro-Gly)4 -Hyp-Asp-Gly-(Pro-Pro-Gly)4 at 1.0 angstrom resolution.' 
_citation.journal_abbrev            Biopolymers 
_citation.journal_volume            99 
_citation.page_first                436 
_citation.page_last                 447 
_citation.year                      2013 
_citation.journal_id_ASTM           BIPMAA 
_citation.country                   US 
_citation.journal_id_ISSN           0006-3525 
_citation.journal_id_CSD            0161 
_citation.book_publisher            ? 
_citation.pdbx_database_id_PubMed   23616212 
_citation.pdbx_database_id_DOI      10.1002/bip.22198 
# 
loop_
_citation_author.citation_id 
_citation_author.name 
_citation_author.ordinal 
_citation_author.identifier_ORCID 
primary 'Okuyama, K.'     1 ? 
primary 'Kawaguchi, T.'   2 ? 
primary 'Shimura, M.'     3 ? 
primary 'Noguchi, K.'     4 ? 
primary 'Mizuno, K.'      5 ? 
primary 'Bachinger, H.P.' 6 ? 
# 
loop_
_entity.id 
_entity.type 
_entity.src_method 
_entity.pdbx_description 
_entity.formula_weight 
_entity.pdbx_number_of_molecules 
_entity.pdbx_ec 
_entity.pdbx_mutation 
_entity.pdbx_fragment 
_entity.details 
1 polymer syn 'collagen-like peptide' 2313.520 3   ? ? ? ? 
2 water   nat water                   18.015   164 ? ? ? ? 
# 
_entity_poly.entity_id                      1 
_entity_poly.type                           'polypeptide(L)' 
_entity_poly.nstd_linkage                   no 
_entity_poly.nstd_monomer                   yes 
_entity_poly.pdbx_seq_one_letter_code       'PPGPPGPPGPPG(HYP)DGPPGPPGPPGPPG' 
_entity_poly.pdbx_seq_one_letter_code_can   PPGPPGPPGPPGPDGPPGPPGPPGPPG 
_entity_poly.pdbx_strand_id                 A,B,C 
_entity_poly.pdbx_target_identifier         ? 
# 
_pdbx_entity_nonpoly.entity_id   2 
_pdbx_entity_nonpoly.name        water 
_pdbx_entity_nonpoly.comp_id     HOH 
# 
loop_
_entity_poly_seq.entity_id 
_entity_poly_seq.num 
_entity_poly_seq.mon_id 
_entity_poly_seq.hetero 
1 1  PRO n 
1 2  PRO n 
1 3  GLY n 
1 4  PRO n 
1 5  PRO n 
1 6  GLY n 
1 7  PRO n 
1 8  PRO n 
1 9  GLY n 
1 10 PRO n 
1 11 PRO n 
1 12 GLY n 
1 13 HYP n 
1 14 ASP n 
1 15 GLY n 
1 16 PRO n 
1 17 PRO n 
1 18 GLY n 
1 19 PRO n 
1 20 PRO n 
1 21 GLY n 
1 22 PRO n 
1 23 PRO n 
1 24 GLY n 
1 25 PRO n 
1 26 PRO n 
1 27 GLY n 
# 
_pdbx_entity_src_syn.entity_id              1 
_pdbx_entity_src_syn.pdbx_src_id            1 
_pdbx_entity_src_syn.pdbx_alt_source_flag   sample 
_pdbx_entity_src_syn.pdbx_beg_seq_num       ? 
_pdbx_entity_src_syn.pdbx_end_seq_num       ? 
_pdbx_entity_src_syn.organism_scientific    ? 
_pdbx_entity_src_syn.organism_common_name   ? 
_pdbx_entity_src_syn.ncbi_taxonomy_id       ? 
_pdbx_entity_src_syn.details                'THIS PEPTIDE WAS CHEMICALLY SYSTHESIZED.' 
# 
loop_
_chem_comp.id 
_chem_comp.type 
_chem_comp.mon_nstd_flag 
_chem_comp.name 
_chem_comp.pdbx_synonyms 
_chem_comp.formula 
_chem_comp.formula_weight 
ASP 'L-peptide linking' y 'ASPARTIC ACID'  ?              'C4 H7 N O4' 133.103 
GLY 'peptide linking'   y GLYCINE          ?              'C2 H5 N O2' 75.067  
HOH non-polymer         . WATER            ?              'H2 O'       18.015  
HYP 'L-peptide linking' n 4-HYDROXYPROLINE HYDROXYPROLINE 'C5 H9 N O3' 131.130 
PRO 'L-peptide linking' y PROLINE          ?              'C5 H9 N O2' 115.130 
# 
loop_
_pdbx_poly_seq_scheme.asym_id 
_pdbx_poly_seq_scheme.entity_id 
_pdbx_poly_seq_scheme.seq_id 
_pdbx_poly_seq_scheme.mon_id 
_pdbx_poly_seq_scheme.ndb_seq_num 
_pdbx_poly_seq_scheme.pdb_seq_num 
_pdbx_poly_seq_scheme.auth_seq_num 
_pdbx_poly_seq_scheme.pdb_mon_id 
_pdbx_poly_seq_scheme.auth_mon_id 
_pdbx_poly_seq_scheme.pdb_strand_id 
_pdbx_poly_seq_scheme.pdb_ins_code 
_pdbx_poly_seq_scheme.hetero 
A 1 1  PRO 1  1  1  PRO PRO A . n 
A 1 2  PRO 2  2  2  PRO PRO A . n 
A 1 3  GLY 3  3  3  GLY GLY A . n 
A 1 4  PRO 4  4  4  PRO PRO A . n 
A 1 5  PRO 5  5  5  PRO PRO A . n 
A 1 6  GLY 6  6  6  GLY GLY A . n 
A 1 7  PRO 7  7  7  PRO PRO A . n 
A 1 8  PRO 8  8  8  PRO PRO A . n 
A 1 9  GLY 9  9  9  GLY GLY A . n 
A 1 10 PRO 10 10 10 PRO PRO A . n 
A 1 11 PRO 11 11 11 PRO PRO A . n 
A 1 12 GLY 12 12 12 GLY GLY A . n 
A 1 13 HYP 13 13 13 HYP HYP A . n 
A 1 14 ASP 14 14 14 ASP ASP A . n 
A 1 15 GLY 15 15 15 GLY GLY A . n 
A 1 16 PRO 16 16 16 PRO PRO A . n 
A 1 17 PRO 17 17 17 PRO PRO A . n 
A 1 18 GLY 18 18 18 GLY GLY A . n 
A 1 19 PRO 19 19 19 PRO PRO A . n 
A 1 20 PRO 20 20 20 PRO PRO A . n 
A 1 21 GLY 21 21 21 GLY GLY A . n 
A 1 22 PRO 22 22 22 PRO PRO A . n 
A 1 23 PRO 23 23 23 PRO PRO A . n 
A 1 24 GLY 24 24 24 GLY GLY A . n 
A 1 25 PRO 25 25 25 PRO PRO A . n 
A 1 26 PRO 26 26 26 PRO PRO A . n 
A 1 27 GLY 27 27 27 GLY GLY A . n 
B 1 1  PRO 1  1  ?  ?   ?   B . n 
B 1 2  PRO 2  2  2  PRO PRO B . n 
B 1 3  GLY 3  3  3  GLY GLY B . n 
B 1 4  PRO 4  4  4  PRO PRO B . n 
B 1 5  PRO 5  5  5  PRO PRO B . n 
B 1 6  GLY 6  6  6  GLY GLY B . n 
B 1 7  PRO 7  7  7  PRO PRO B . n 
B 1 8  PRO 8  8  8  PRO PRO B . n 
B 1 9  GLY 9  9  9  GLY GLY B . n 
B 1 10 PRO 10 10 10 PRO PRO B . n 
B 1 11 PRO 11 11 11 PRO PRO B . n 
B 1 12 GLY 12 12 12 GLY GLY B . n 
B 1 13 HYP 13 13 13 HYP HYP B . n 
B 1 14 ASP 14 14 14 ASP ASP B . n 
B 1 15 GLY 15 15 15 GLY GLY B . n 
B 1 16 PRO 16 16 16 PRO PRO B . n 
B 1 17 PRO 17 17 17 PRO PRO B . n 
B 1 18 GLY 18 18 18 GLY GLY B . n 
B 1 19 PRO 19 19 19 PRO PRO B . n 
B 1 20 PRO 20 20 20 PRO PRO B . n 
B 1 21 GLY 21 21 21 GLY GLY B . n 
B 1 22 PRO 22 22 22 PRO PRO B . n 
B 1 23 PRO 23 23 23 PRO PRO B . n 
B 1 24 GLY 24 24 24 GLY GLY B . n 
B 1 25 PRO 25 25 25 PRO PRO B . n 
B 1 26 PRO 26 26 26 PRO PRO B . n 
B 1 27 GLY 27 27 ?  ?   ?   B . n 
C 1 1  PRO 1  1  ?  ?   ?   C . n 
C 1 2  PRO 2  2  ?  ?   ?   C . n 
C 1 3  GLY 3  3  ?  ?   ?   C . n 
C 1 4  PRO 4  4  4  PRO PRO C . n 
C 1 5  PRO 5  5  5  PRO PRO C . n 
C 1 6  GLY 6  6  6  GLY GLY C . n 
C 1 7  PRO 7  7  7  PRO PRO C . n 
C 1 8  PRO 8  8  8  PRO PRO C . n 
C 1 9  GLY 9  9  9  GLY GLY C . n 
C 1 10 PRO 10 10 10 PRO PRO C . n 
C 1 11 PRO 11 11 11 PRO PRO C . n 
C 1 12 GLY 12 12 12 GLY GLY C . n 
C 1 13 HYP 13 13 13 HYP HYP C . n 
C 1 14 ASP 14 14 14 ASP ASP C . n 
C 1 15 GLY 15 15 15 GLY GLY C . n 
C 1 16 PRO 16 16 16 PRO PRO C . n 
C 1 17 PRO 17 17 17 PRO PRO C . n 
C 1 18 GLY 18 18 18 GLY GLY C . n 
C 1 19 PRO 19 19 19 PRO PRO C . n 
C 1 20 PRO 20 20 20 PRO PRO C . n 
C 1 21 GLY 21 21 21 GLY GLY C . n 
C 1 22 PRO 22 22 22 PRO PRO C . n 
C 1 23 PRO 23 23 23 PRO PRO C . n 
C 1 24 GLY 24 24 24 GLY GLY C . n 
C 1 25 PRO 25 25 25 PRO PRO C . n 
C 1 26 PRO 26 26 26 PRO PRO C . n 
C 1 27 GLY 27 27 27 GLY GLY C . n 
# 
loop_
_pdbx_nonpoly_scheme.asym_id 
_pdbx_nonpoly_scheme.entity_id 
_pdbx_nonpoly_scheme.mon_id 
_pdbx_nonpoly_scheme.ndb_seq_num 
_pdbx_nonpoly_scheme.pdb_seq_num 
_pdbx_nonpoly_scheme.auth_seq_num 
_pdbx_nonpoly_scheme.pdb_mon_id 
_pdbx_nonpoly_scheme.auth_mon_id 
_pdbx_nonpoly_scheme.pdb_strand_id 
_pdbx_nonpoly_scheme.pdb_ins_code 
D 2 HOH 1  101 101 HOH HOH A . 
D 2 HOH 2  103 103 HOH HOH A . 
D 2 HOH 3  106 106 HOH HOH A . 
D 2 HOH 4  112 112 HOH HOH A . 
D 2 HOH 5  117 117 HOH HOH A . 
D 2 HOH 6  121 121 HOH HOH A . 
D 2 HOH 7  127 127 HOH HOH A . 
D 2 HOH 8  133 133 HOH HOH A . 
D 2 HOH 9  134 134 HOH HOH A . 
D 2 HOH 10 135 135 HOH HOH A . 
D 2 HOH 11 136 136 HOH HOH A . 
D 2 HOH 12 138 138 HOH HOH A . 
D 2 HOH 13 141 141 HOH HOH A . 
D 2 HOH 14 142 142 HOH HOH A . 
D 2 HOH 15 143 143 HOH HOH A . 
D 2 HOH 16 145 145 HOH HOH A . 
D 2 HOH 17 151 151 HOH HOH A . 
D 2 HOH 18 153 153 HOH HOH A . 
D 2 HOH 19 157 157 HOH HOH A . 
D 2 HOH 20 158 158 HOH HOH A . 
D 2 HOH 21 160 160 HOH HOH A . 
D 2 HOH 22 161 161 HOH HOH A . 
D 2 HOH 23 162 162 HOH HOH A . 
D 2 HOH 24 165 165 HOH HOH A . 
D 2 HOH 25 166 166 HOH HOH A . 
D 2 HOH 26 168 168 HOH HOH A . 
D 2 HOH 27 170 170 HOH HOH A . 
D 2 HOH 28 174 174 HOH HOH A . 
D 2 HOH 29 175 175 HOH HOH A . 
D 2 HOH 30 176 176 HOH HOH A . 
D 2 HOH 31 178 178 HOH HOH A . 
D 2 HOH 32 179 179 HOH HOH A . 
D 2 HOH 33 180 180 HOH HOH A . 
D 2 HOH 34 181 181 HOH HOH A . 
D 2 HOH 35 185 185 HOH HOH A . 
D 2 HOH 36 199 199 HOH HOH A . 
D 2 HOH 37 204 204 HOH HOH A . 
D 2 HOH 38 205 205 HOH HOH A . 
D 2 HOH 39 206 206 HOH HOH A . 
D 2 HOH 40 208 208 HOH HOH A . 
D 2 HOH 41 209 209 HOH HOH A . 
D 2 HOH 42 211 211 HOH HOH A . 
D 2 HOH 43 213 213 HOH HOH A . 
D 2 HOH 44 217 217 HOH HOH A . 
D 2 HOH 45 220 220 HOH HOH A . 
D 2 HOH 46 222 222 HOH HOH A . 
D 2 HOH 47 223 223 HOH HOH A . 
D 2 HOH 48 224 224 HOH HOH A . 
D 2 HOH 49 227 227 HOH HOH A . 
D 2 HOH 50 229 229 HOH HOH A . 
D 2 HOH 51 230 230 HOH HOH A . 
D 2 HOH 52 231 231 HOH HOH A . 
D 2 HOH 53 242 242 HOH HOH A . 
D 2 HOH 54 243 243 HOH HOH A . 
D 2 HOH 55 247 247 HOH HOH A . 
D 2 HOH 56 249 249 HOH HOH A . 
D 2 HOH 57 253 253 HOH HOH A . 
D 2 HOH 58 257 257 HOH HOH A . 
D 2 HOH 59 258 258 HOH HOH A . 
D 2 HOH 60 259 259 HOH HOH A . 
D 2 HOH 61 261 261 HOH HOH A . 
D 2 HOH 62 263 263 HOH HOH A . 
D 2 HOH 63 264 264 HOH HOH A . 
E 2 HOH 1  104 104 HOH HOH B . 
E 2 HOH 2  109 109 HOH HOH B . 
E 2 HOH 3  113 113 HOH HOH B . 
E 2 HOH 4  115 115 HOH HOH B . 
E 2 HOH 5  116 116 HOH HOH B . 
E 2 HOH 6  118 118 HOH HOH B . 
E 2 HOH 7  120 120 HOH HOH B . 
E 2 HOH 8  122 122 HOH HOH B . 
E 2 HOH 9  124 124 HOH HOH B . 
E 2 HOH 10 128 128 HOH HOH B . 
E 2 HOH 11 129 129 HOH HOH B . 
E 2 HOH 12 131 131 HOH HOH B . 
E 2 HOH 13 132 132 HOH HOH B . 
E 2 HOH 14 139 139 HOH HOH B . 
E 2 HOH 15 144 144 HOH HOH B . 
E 2 HOH 16 146 146 HOH HOH B . 
E 2 HOH 17 150 150 HOH HOH B . 
E 2 HOH 18 155 155 HOH HOH B . 
E 2 HOH 19 159 159 HOH HOH B . 
E 2 HOH 20 163 163 HOH HOH B . 
E 2 HOH 21 164 164 HOH HOH B . 
E 2 HOH 22 169 169 HOH HOH B . 
E 2 HOH 23 171 171 HOH HOH B . 
E 2 HOH 24 172 172 HOH HOH B . 
E 2 HOH 25 173 173 HOH HOH B . 
E 2 HOH 26 182 182 HOH HOH B . 
E 2 HOH 27 186 186 HOH HOH B . 
E 2 HOH 28 188 188 HOH HOH B . 
E 2 HOH 29 189 189 HOH HOH B . 
E 2 HOH 30 190 190 HOH HOH B . 
E 2 HOH 31 194 194 HOH HOH B . 
E 2 HOH 32 201 201 HOH HOH B . 
E 2 HOH 33 202 202 HOH HOH B . 
E 2 HOH 34 207 207 HOH HOH B . 
E 2 HOH 35 210 210 HOH HOH B . 
E 2 HOH 36 212 212 HOH HOH B . 
E 2 HOH 37 214 214 HOH HOH B . 
E 2 HOH 38 219 219 HOH HOH B . 
E 2 HOH 39 221 221 HOH HOH B . 
E 2 HOH 40 225 225 HOH HOH B . 
E 2 HOH 41 228 228 HOH HOH B . 
E 2 HOH 42 232 232 HOH HOH B . 
E 2 HOH 43 233 233 HOH HOH B . 
E 2 HOH 44 235 235 HOH HOH B . 
E 2 HOH 45 236 236 HOH HOH B . 
E 2 HOH 46 237 237 HOH HOH B . 
E 2 HOH 47 238 238 HOH HOH B . 
E 2 HOH 48 240 240 HOH HOH B . 
E 2 HOH 49 241 241 HOH HOH B . 
E 2 HOH 50 244 244 HOH HOH B . 
E 2 HOH 51 248 248 HOH HOH B . 
E 2 HOH 52 250 250 HOH HOH B . 
E 2 HOH 53 256 256 HOH HOH B . 
E 2 HOH 54 262 262 HOH HOH B . 
F 2 HOH 1  102 102 HOH HOH C . 
F 2 HOH 2  105 105 HOH HOH C . 
F 2 HOH 3  107 107 HOH HOH C . 
F 2 HOH 4  108 108 HOH HOH C . 
F 2 HOH 5  110 110 HOH HOH C . 
F 2 HOH 6  111 111 HOH HOH C . 
F 2 HOH 7  114 114 HOH HOH C . 
F 2 HOH 8  119 119 HOH HOH C . 
F 2 HOH 9  123 123 HOH HOH C . 
F 2 HOH 10 125 125 HOH HOH C . 
F 2 HOH 11 126 126 HOH HOH C . 
F 2 HOH 12 130 130 HOH HOH C . 
F 2 HOH 13 137 137 HOH HOH C . 
F 2 HOH 14 140 140 HOH HOH C . 
F 2 HOH 15 147 147 HOH HOH C . 
F 2 HOH 16 148 148 HOH HOH C . 
F 2 HOH 17 149 149 HOH HOH C . 
F 2 HOH 18 152 152 HOH HOH C . 
F 2 HOH 19 154 154 HOH HOH C . 
F 2 HOH 20 156 156 HOH HOH C . 
F 2 HOH 21 167 167 HOH HOH C . 
F 2 HOH 22 177 177 HOH HOH C . 
F 2 HOH 23 183 183 HOH HOH C . 
F 2 HOH 24 184 184 HOH HOH C . 
F 2 HOH 25 187 187 HOH HOH C . 
F 2 HOH 26 191 191 HOH HOH C . 
F 2 HOH 27 192 192 HOH HOH C . 
F 2 HOH 28 193 193 HOH HOH C . 
F 2 HOH 29 195 195 HOH HOH C . 
F 2 HOH 30 196 196 HOH HOH C . 
F 2 HOH 31 197 197 HOH HOH C . 
F 2 HOH 32 198 198 HOH HOH C . 
F 2 HOH 33 200 200 HOH HOH C . 
F 2 HOH 34 203 203 HOH HOH C . 
F 2 HOH 35 215 215 HOH HOH C . 
F 2 HOH 36 216 216 HOH HOH C . 
F 2 HOH 37 218 218 HOH HOH C . 
F 2 HOH 38 226 226 HOH HOH C . 
F 2 HOH 39 234 234 HOH HOH C . 
F 2 HOH 40 239 239 HOH HOH C . 
F 2 HOH 41 245 245 HOH HOH C . 
F 2 HOH 42 246 246 HOH HOH C . 
F 2 HOH 43 251 251 HOH HOH C . 
F 2 HOH 44 252 252 HOH HOH C . 
F 2 HOH 45 254 254 HOH HOH C . 
F 2 HOH 46 255 255 HOH HOH C . 
F 2 HOH 47 260 260 HOH HOH C . 
# 
loop_
_software.name 
_software.classification 
_software.version 
_software.citation_id 
_software.pdbx_ordinal 
HKL-2000     'data collection' . ? 1 
X-PLOR       'model building'  . ? 2 
SHELXL-97    refinement        . ? 3 
CrystalClear 'data reduction'  . ? 4 
CrystalClear 'data scaling'    . ? 5 
X-PLOR       phasing           . ? 6 
# 
_cell.entry_id           3ABN 
_cell.length_a           31.590 
_cell.length_b           21.706 
_cell.length_c           39.151 
_cell.angle_alpha        90.00 
_cell.angle_beta         100.17 
_cell.angle_gamma        90.00 
_cell.Z_PDB              6 
_cell.pdbx_unique_axis   ? 
_cell.length_a_esd       ? 
_cell.length_b_esd       ? 
_cell.length_c_esd       ? 
_cell.angle_alpha_esd    ? 
_cell.angle_beta_esd     ? 
_cell.angle_gamma_esd    ? 
# 
_symmetry.entry_id                         3ABN 
_symmetry.space_group_name_H-M             'P 1 21 1' 
_symmetry.pdbx_full_space_group_name_H-M   ? 
_symmetry.cell_setting                     ? 
_symmetry.Int_Tables_number                4 
_symmetry.space_group_name_Hall            ? 
# 
_exptl.entry_id          3ABN 
_exptl.method            'X-RAY DIFFRACTION' 
_exptl.crystals_number   1 
# 
_exptl_crystal.id                    1 
_exptl_crystal.density_meas          ? 
_exptl_crystal.density_Matthews      1.90 
_exptl_crystal.density_percent_sol   35.38 
_exptl_crystal.description           ? 
_exptl_crystal.F_000                 ? 
_exptl_crystal.preparation           ? 
# 
_exptl_crystal_grow.crystal_id      1 
_exptl_crystal_grow.method          'VAPOR DIFFUSION, HANGING DROP' 
_exptl_crystal_grow.temp            277 
_exptl_crystal_grow.temp_details    ? 
_exptl_crystal_grow.pH              4.6 
_exptl_crystal_grow.pdbx_details    
'15% PEG 4000, 0.05M Ammonium Acetate, 0.05M Sodium Acetate Trihydrate, pH 4.6, VAPOR DIFFUSION, HANGING DROP, temperature 277K' 
_exptl_crystal_grow.pdbx_pH_range   . 
# 
_diffrn.id                     1 
_diffrn.ambient_temp           95 
_diffrn.ambient_temp_details   ? 
_diffrn.crystal_id             1 
# 
_diffrn_detector.diffrn_id              1 
_diffrn_detector.detector               CCD 
_diffrn_detector.type                   'ADSC QUANTUM 4' 
_diffrn_detector.pdbx_collection_date   2005-02-18 
_diffrn_detector.details                '1.1 M bent-plane mirror' 
# 
_diffrn_radiation.diffrn_id                        1 
_diffrn_radiation.wavelength_id                    1 
_diffrn_radiation.pdbx_monochromatic_or_laue_m_l   M 
_diffrn_radiation.monochromator                    'Si (111)' 
_diffrn_radiation.pdbx_diffrn_protocol             'SINGLE WAVELENGTH' 
_diffrn_radiation.pdbx_scattering_type             x-ray 
# 
_diffrn_radiation_wavelength.id           1 
_diffrn_radiation_wavelength.wavelength   0.978 
_diffrn_radiation_wavelength.wt           1.0 
# 
_diffrn_source.diffrn_id                   1 
_diffrn_source.source                      SYNCHROTRON 
_diffrn_source.type                        'PHOTON FACTORY BEAMLINE BL-6A' 
_diffrn_source.pdbx_synchrotron_site       'Photon Factory' 
_diffrn_source.pdbx_synchrotron_beamline   BL-6A 
_diffrn_source.pdbx_wavelength             ? 
_diffrn_source.pdbx_wavelength_list        0.978 
# 
_reflns.entry_id                     3ABN 
_reflns.observed_criterion_sigma_I   ? 
_reflns.observed_criterion_sigma_F   ? 
_reflns.d_resolution_low             22.35 
_reflns.d_resolution_high            1.02 
_reflns.number_obs                   27010 
_reflns.number_all                   ? 
_reflns.percent_possible_obs         99.1 
_reflns.pdbx_Rmerge_I_obs            0.037 
_reflns.pdbx_Rsym_value              ? 
_reflns.B_iso_Wilson_estimate        ? 
_reflns.pdbx_redundancy              3.9 
_reflns.pdbx_netI_over_sigmaI        11.7 
_reflns.R_free_details               ? 
_reflns.limit_h_max                  ? 
_reflns.limit_h_min                  ? 
_reflns.limit_k_max                  ? 
_reflns.limit_k_min                  ? 
_reflns.limit_l_max                  ? 
_reflns.limit_l_min                  ? 
_reflns.observed_criterion_F_max     ? 
_reflns.observed_criterion_F_min     ? 
_reflns.pdbx_chi_squared             ? 
_reflns.pdbx_scaling_rejects         ? 
_reflns.pdbx_ordinal                 1 
_reflns.pdbx_diffrn_id               1 
# 
_reflns_shell.d_res_high             1.02 
_reflns_shell.d_res_low              1.06 
_reflns_shell.percent_possible_all   99.6 
_reflns_shell.Rmerge_I_obs           0.12 
_reflns_shell.pdbx_Rsym_value        ? 
_reflns_shell.meanI_over_sigI_obs    4.4 
_reflns_shell.pdbx_redundancy        3.6 
_reflns_shell.percent_possible_obs   ? 
_reflns_shell.number_unique_all      2687 
_reflns_shell.number_measured_all    ? 
_reflns_shell.number_measured_obs    ? 
_reflns_shell.number_unique_obs      ? 
_reflns_shell.pdbx_chi_squared       ? 
_reflns_shell.pdbx_ordinal           1 
_reflns_shell.pdbx_diffrn_id         1 
# 
_refine.entry_id                                 3ABN 
_refine.ls_number_reflns_obs                     25349 
_refine.ls_number_reflns_all                     25349 
_refine.pdbx_ls_sigma_I                          ? 
_refine.pdbx_ls_sigma_F                          0.0 
_refine.pdbx_data_cutoff_high_absF               ? 
_refine.pdbx_data_cutoff_low_absF                ? 
_refine.pdbx_data_cutoff_high_rms_absF           ? 
_refine.ls_d_res_low                             10.00 
_refine.ls_d_res_high                            1.02 
_refine.ls_percent_reflns_obs                    89.3 
_refine.ls_R_factor_obs                          ? 
_refine.ls_R_factor_all                          ? 
_refine.ls_R_factor_R_work                       0.130 
_refine.ls_R_factor_R_free                       0.163 
_refine.ls_R_factor_R_free_error                 ? 
_refine.ls_R_factor_R_free_error_details         ? 
_refine.ls_percent_reflns_R_free                 ? 
_refine.ls_number_reflns_R_free                  1259 
_refine.ls_number_parameters                     5737 
_refine.ls_number_restraints                     7108 
_refine.occupancy_min                            ? 
_refine.occupancy_max                            ? 
_refine.correlation_coeff_Fo_to_Fc               ? 
_refine.correlation_coeff_Fo_to_Fc_free          ? 
_refine.B_iso_mean                               ? 
_refine.aniso_B[1][1]                            ? 
_refine.aniso_B[2][2]                            ? 
_refine.aniso_B[3][3]                            ? 
_refine.aniso_B[1][2]                            ? 
_refine.aniso_B[1][3]                            ? 
_refine.aniso_B[2][3]                            ? 
_refine.solvent_model_details                    ? 
_refine.solvent_model_param_ksol                 ? 
_refine.solvent_model_param_bsol                 ? 
_refine.pdbx_solvent_vdw_probe_radii             ? 
_refine.pdbx_solvent_ion_probe_radii             ? 
_refine.pdbx_solvent_shrinkage_radii             ? 
_refine.pdbx_ls_cross_valid_method               THROUGHOUT 
_refine.details                                  ? 
_refine.pdbx_starting_model                      ? 
_refine.pdbx_method_to_determine_struct          'MOLECULAR REPLACEMENT' 
_refine.pdbx_isotropic_thermal_model             anisotropic 
_refine.pdbx_stereochemistry_target_values       'Engh & Huber' 
_refine.pdbx_stereochem_target_val_spec_case     ? 
_refine.pdbx_R_Free_selection_details            RANDOM 
_refine.pdbx_overall_ESU_R                       ? 
_refine.pdbx_overall_ESU_R_Free                  ? 
_refine.overall_SU_ML                            ? 
_refine.overall_SU_B                             ? 
_refine.ls_redundancy_reflns_obs                 ? 
_refine.B_iso_min                                ? 
_refine.B_iso_max                                ? 
_refine.overall_SU_R_Cruickshank_DPI             ? 
_refine.overall_SU_R_free                        ? 
_refine.ls_wR_factor_R_free                      ? 
_refine.ls_wR_factor_R_work                      ? 
_refine.overall_FOM_free_R_set                   ? 
_refine.overall_FOM_work_R_set                   ? 
_refine.pdbx_refine_id                           'X-RAY DIFFRACTION' 
_refine.pdbx_overall_phase_error                 ? 
_refine.pdbx_diffrn_id                           1 
_refine.pdbx_TLS_residual_ADP_flag               ? 
_refine.pdbx_overall_SU_R_free_Cruickshank_DPI   ? 
_refine.pdbx_overall_SU_R_Blow_DPI               ? 
_refine.pdbx_overall_SU_R_free_Blow_DPI          ? 
# 
_refine_analyze.entry_id                        3ABN 
_refine_analyze.Luzzati_coordinate_error_obs    ? 
_refine_analyze.Luzzati_sigma_a_obs             ? 
_refine_analyze.Luzzati_d_res_low_obs           ? 
_refine_analyze.Luzzati_coordinate_error_free   ? 
_refine_analyze.Luzzati_sigma_a_free            ? 
_refine_analyze.Luzzati_d_res_low_free          ? 
_refine_analyze.number_disordered_residues      1 
_refine_analyze.occupancy_sum_hydrogen          410.44 
_refine_analyze.occupancy_sum_non_hydrogen      625.42 
_refine_analyze.pdbx_Luzzati_d_res_high_obs     ? 
_refine_analyze.pdbx_refine_id                  'X-RAY DIFFRACTION' 
# 
_refine_hist.pdbx_refine_id                   'X-RAY DIFFRACTION' 
_refine_hist.cycle_id                         LAST 
_refine_hist.pdbx_number_atoms_protein        465 
_refine_hist.pdbx_number_atoms_nucleic_acid   0 
_refine_hist.pdbx_number_atoms_ligand         0 
_refine_hist.number_atoms_solvent             164 
_refine_hist.number_atoms_total               629 
_refine_hist.d_res_high                       1.02 
_refine_hist.d_res_low                        10.00 
# 
loop_
_refine_ls_restr.type 
_refine_ls_restr.dev_ideal 
_refine_ls_restr.dev_ideal_target 
_refine_ls_restr.weight 
_refine_ls_restr.number 
_refine_ls_restr.pdbx_refine_id 
_refine_ls_restr.pdbx_restraint_function 
s_bond_d               0.013  ? ? ? 'X-RAY DIFFRACTION' ? 
s_angle_d              0.026  ? ? ? 'X-RAY DIFFRACTION' ? 
s_similar_dist         0.000  ? ? ? 'X-RAY DIFFRACTION' ? 
s_from_restr_planes    0.0393 ? ? ? 'X-RAY DIFFRACTION' ? 
s_zero_chiral_vol      0.089  ? ? ? 'X-RAY DIFFRACTION' ? 
s_non_zero_chiral_vol  0.060  ? ? ? 'X-RAY DIFFRACTION' ? 
s_anti_bump_dis_restr  0.011  ? ? ? 'X-RAY DIFFRACTION' ? 
s_rigid_bond_adp_cmpnt 0.005  ? ? ? 'X-RAY DIFFRACTION' ? 
s_similar_adp_cmpnt    0.046  ? ? ? 'X-RAY DIFFRACTION' ? 
s_approx_iso_adps      0.086  ? ? ? 'X-RAY DIFFRACTION' ? 
# 
loop_
_refine_ls_shell.pdbx_total_number_of_bins_used 
_refine_ls_shell.d_res_high 
_refine_ls_shell.d_res_low 
_refine_ls_shell.number_reflns_R_work 
_refine_ls_shell.R_factor_R_work 
_refine_ls_shell.percent_reflns_obs 
_refine_ls_shell.R_factor_R_free 
_refine_ls_shell.R_factor_R_free_error 
_refine_ls_shell.percent_reflns_R_free 
_refine_ls_shell.number_reflns_R_free 
_refine_ls_shell.number_reflns_all 
_refine_ls_shell.R_factor_all 
_refine_ls_shell.number_reflns_obs 
_refine_ls_shell.redundancy_reflns_obs 
_refine_ls_shell.pdbx_refine_id 
6 1.02 1.06 . 0.158 . . . . . . . 2467 . 'X-RAY DIFFRACTION' 
6 1.06 1.11 . 0.146 . . . . . . . 2417 . 'X-RAY DIFFRACTION' 
6 1.11 1.16 . 0.133 . . . . . . . 2389 . 'X-RAY DIFFRACTION' 
6 1.16 1.22 . 0.125 . . . . . . . 2458 . 'X-RAY DIFFRACTION' 
6 1.22 1.30 . 0.130 . . . . . . . 2356 . 'X-RAY DIFFRACTION' 
6 1.30 1.39 . 0.123 . . . . . . . 2380 . 'X-RAY DIFFRACTION' 
# 
_pdbx_refine.pdbx_refine_id                              'X-RAY DIFFRACTION' 
_pdbx_refine.entry_id                                    3ABN 
_pdbx_refine.R_factor_all_no_cutoff                      ? 
_pdbx_refine.R_factor_obs_no_cutoff                      0.1305 
_pdbx_refine.free_R_factor_no_cutoff                     ? 
_pdbx_refine.free_R_error_no_cutoff                      ? 
_pdbx_refine.free_R_val_test_set_size_perc_no_cutoff     ? 
_pdbx_refine.free_R_val_test_set_ct_no_cutoff            ? 
_pdbx_refine.R_factor_all_4sig_cutoff                    ? 
_pdbx_refine.R_factor_obs_4sig_cutoff                    0.1216 
_pdbx_refine.free_R_factor_4sig_cutoff                   ? 
_pdbx_refine.free_R_val_test_set_size_perc_4sig_cutoff   ? 
_pdbx_refine.free_R_val_test_set_ct_4sig_cutoff          1026 
_pdbx_refine.number_reflns_obs_4sig_cutoff               21219 
# 
_struct.entry_id                  3ABN 
_struct.title                     'Crystal structure of (Pro-Pro-Gly)4-Hyp-Asp-Gly-(Pro-Pro-Gly)4 at 1.02 A' 
_struct.pdbx_model_details        ? 
_struct.pdbx_CASP_flag            ? 
_struct.pdbx_model_type_details   ? 
# 
_struct_keywords.entry_id        3ABN 
_struct_keywords.pdbx_keywords   'STRUCTURAL PROTEIN' 
_struct_keywords.text            'collagen-helix, STRUCTURAL PROTEIN' 
# 
loop_
_struct_asym.id 
_struct_asym.pdbx_blank_PDB_chainid_flag 
_struct_asym.pdbx_modified 
_struct_asym.entity_id 
_struct_asym.details 
A N N 1 ? 
B N N 1 ? 
C N N 1 ? 
D N N 2 ? 
E N N 2 ? 
F N N 2 ? 
# 
_struct_ref.id                         1 
_struct_ref.db_name                    PDB 
_struct_ref.db_code                    3ABN 
_struct_ref.pdbx_db_accession          3ABN 
_struct_ref.entity_id                  1 
_struct_ref.pdbx_align_begin           ? 
_struct_ref.pdbx_seq_one_letter_code   ? 
_struct_ref.pdbx_db_isoform            ? 
# 
loop_
_struct_ref_seq.align_id 
_struct_ref_seq.ref_id 
_struct_ref_seq.pdbx_PDB_id_code 
_struct_ref_seq.pdbx_strand_id 
_struct_ref_seq.seq_align_beg 
_struct_ref_seq.pdbx_seq_align_beg_ins_code 
_struct_ref_seq.seq_align_end 
_struct_ref_seq.pdbx_seq_align_end_ins_code 
_struct_ref_seq.pdbx_db_accession 
_struct_ref_seq.db_align_beg 
_struct_ref_seq.pdbx_db_align_beg_ins_code 
_struct_ref_seq.db_align_end 
_struct_ref_seq.pdbx_db_align_end_ins_code 
_struct_ref_seq.pdbx_auth_seq_align_beg 
_struct_ref_seq.pdbx_auth_seq_align_end 
1 1 3ABN A 1 ? 27 ? 3ABN 1 ? 27 ? 1 27 
2 1 3ABN B 1 ? 27 ? 3ABN 1 ? 27 ? 1 27 
3 1 3ABN C 1 ? 27 ? 3ABN 1 ? 27 ? 1 27 
# 
_pdbx_struct_assembly.id                   1 
_pdbx_struct_assembly.details              author_and_software_defined_assembly 
_pdbx_struct_assembly.method_details       PISA 
_pdbx_struct_assembly.oligomeric_details   trimeric 
_pdbx_struct_assembly.oligomeric_count     3 
# 
loop_
_pdbx_struct_assembly_prop.biol_id 
_pdbx_struct_assembly_prop.type 
_pdbx_struct_assembly_prop.value 
_pdbx_struct_assembly_prop.details 
1 'ABSA (A^2)' 4200 ? 
1 MORE         -26  ? 
1 'SSA (A^2)'  4170 ? 
# 
_pdbx_struct_assembly_gen.assembly_id       1 
_pdbx_struct_assembly_gen.oper_expression   1 
_pdbx_struct_assembly_gen.asym_id_list      A,B,C,D,E,F 
# 
_pdbx_struct_oper_list.id                   1 
_pdbx_struct_oper_list.type                 'identity operation' 
_pdbx_struct_oper_list.name                 1_555 
_pdbx_struct_oper_list.symmetry_operation   x,y,z 
_pdbx_struct_oper_list.matrix[1][1]         1.0000000000 
_pdbx_struct_oper_list.matrix[1][2]         0.0000000000 
_pdbx_struct_oper_list.matrix[1][3]         0.0000000000 
_pdbx_struct_oper_list.vector[1]            0.0000000000 
_pdbx_struct_oper_list.matrix[2][1]         0.0000000000 
_pdbx_struct_oper_list.matrix[2][2]         1.0000000000 
_pdbx_struct_oper_list.matrix[2][3]         0.0000000000 
_pdbx_struct_oper_list.vector[2]            0.0000000000 
_pdbx_struct_oper_list.matrix[3][1]         0.0000000000 
_pdbx_struct_oper_list.matrix[3][2]         0.0000000000 
_pdbx_struct_oper_list.matrix[3][3]         1.0000000000 
_pdbx_struct_oper_list.vector[3]            0.0000000000 
# 
_struct_biol.id        1 
_struct_biol.details   ? 
# 
loop_
_struct_conn.id 
_struct_conn.conn_type_id 
_struct_conn.pdbx_leaving_atom_flag 
_struct_conn.pdbx_PDB_id 
_struct_conn.ptnr1_label_asym_id 
_struct_conn.ptnr1_label_comp_id 
_struct_conn.ptnr1_label_seq_id 
_struct_conn.ptnr1_label_atom_id 
_struct_conn.pdbx_ptnr1_label_alt_id 
_struct_conn.pdbx_ptnr1_PDB_ins_code 
_struct_conn.pdbx_ptnr1_standard_comp_id 
_struct_conn.ptnr1_symmetry 
_struct_conn.ptnr2_label_asym_id 
_struct_conn.ptnr2_label_comp_id 
_struct_conn.ptnr2_label_seq_id 
_struct_conn.ptnr2_label_atom_id 
_struct_conn.pdbx_ptnr2_label_alt_id 
_struct_conn.pdbx_ptnr2_PDB_ins_code 
_struct_conn.ptnr1_auth_asym_id 
_struct_conn.ptnr1_auth_comp_id 
_struct_conn.ptnr1_auth_seq_id 
_struct_conn.ptnr2_auth_asym_id 
_struct_conn.ptnr2_auth_comp_id 
_struct_conn.ptnr2_auth_seq_id 
_struct_conn.ptnr2_symmetry 
_struct_conn.pdbx_ptnr3_label_atom_id 
_struct_conn.pdbx_ptnr3_label_seq_id 
_struct_conn.pdbx_ptnr3_label_comp_id 
_struct_conn.pdbx_ptnr3_label_asym_id 
_struct_conn.pdbx_ptnr3_label_alt_id 
_struct_conn.pdbx_ptnr3_PDB_ins_code 
_struct_conn.details 
_struct_conn.pdbx_dist_value 
_struct_conn.pdbx_value_order 
_struct_conn.pdbx_role 
covale1 covale both ? A GLY 12 C ? ? ? 1_555 A HYP 13 N ? ? A GLY 12 A HYP 13 1_555 ? ? ? ? ? ? ? 1.314 ? ? 
covale2 covale both ? A HYP 13 C ? ? ? 1_555 A ASP 14 N ? ? A HYP 13 A ASP 14 1_555 ? ? ? ? ? ? ? 1.334 ? ? 
covale3 covale both ? B GLY 12 C ? ? ? 1_555 B HYP 13 N ? ? B GLY 12 B HYP 13 1_555 ? ? ? ? ? ? ? 1.339 ? ? 
covale4 covale both ? B HYP 13 C ? ? ? 1_555 B ASP 14 N ? ? B HYP 13 B ASP 14 1_555 ? ? ? ? ? ? ? 1.332 ? ? 
covale5 covale both ? C GLY 12 C ? ? ? 1_555 C HYP 13 N A ? C GLY 12 C HYP 13 1_555 ? ? ? ? ? ? ? 1.333 ? ? 
covale6 covale both ? C GLY 12 C ? ? ? 1_555 C HYP 13 N B ? C GLY 12 C HYP 13 1_555 ? ? ? ? ? ? ? 1.332 ? ? 
covale7 covale both ? C HYP 13 C A ? ? 1_555 C ASP 14 N ? ? C HYP 13 C ASP 14 1_555 ? ? ? ? ? ? ? 1.326 ? ? 
covale8 covale both ? C HYP 13 C B ? ? 1_555 C ASP 14 N ? ? C HYP 13 C ASP 14 1_555 ? ? ? ? ? ? ? 1.316 ? ? 
# 
_struct_conn_type.id          covale 
_struct_conn_type.criteria    ? 
_struct_conn_type.reference   ? 
# 
loop_
_pdbx_modification_feature.ordinal 
_pdbx_modification_feature.label_comp_id 
_pdbx_modification_feature.label_asym_id 
_pdbx_modification_feature.label_seq_id 
_pdbx_modification_feature.label_alt_id 
_pdbx_modification_feature.modified_residue_label_comp_id 
_pdbx_modification_feature.modified_residue_label_asym_id 
_pdbx_modification_feature.modified_residue_label_seq_id 
_pdbx_modification_feature.modified_residue_label_alt_id 
_pdbx_modification_feature.auth_comp_id 
_pdbx_modification_feature.auth_asym_id 
_pdbx_modification_feature.auth_seq_id 
_pdbx_modification_feature.PDB_ins_code 
_pdbx_modification_feature.symmetry 
_pdbx_modification_feature.modified_residue_auth_comp_id 
_pdbx_modification_feature.modified_residue_auth_asym_id 
_pdbx_modification_feature.modified_residue_auth_seq_id 
_pdbx_modification_feature.modified_residue_PDB_ins_code 
_pdbx_modification_feature.modified_residue_symmetry 
_pdbx_modification_feature.comp_id_linking_atom 
_pdbx_modification_feature.modified_residue_id_linking_atom 
_pdbx_modification_feature.modified_residue_id 
_pdbx_modification_feature.ref_pcm_id 
_pdbx_modification_feature.ref_comp_id 
_pdbx_modification_feature.type 
_pdbx_modification_feature.category 
1 HYP A 13 ? . . . . HYP A 13 ? 1_555 . . . . . . . PRO 1 HYP Hydroxylation 'Named protein modification' 
2 HYP B 13 ? . . . . HYP B 13 ? 1_555 . . . . . . . PRO 1 HYP Hydroxylation 'Named protein modification' 
3 HYP C 13 A . . . . HYP C 13 ? 1_555 . . . . . . . PRO 1 HYP Hydroxylation 'Named protein modification' 
4 HYP C 13 B . . . . HYP C 13 ? 1_555 . . . . . . . PRO 1 HYP Hydroxylation 'Named protein modification' 
# 
_pdbx_entry_details.sequence_details           'THIS SEQUENCE ADOPTS COLLAGEN-HELIX' 
_pdbx_entry_details.entry_id                   3ABN 
_pdbx_entry_details.nonpolymer_details         ? 
_pdbx_entry_details.compound_details           ? 
_pdbx_entry_details.source_details             ? 
_pdbx_entry_details.has_ligand_of_interest     ? 
_pdbx_entry_details.has_protein_modification   Y 
# 
loop_
_pdbx_struct_mod_residue.id 
_pdbx_struct_mod_residue.label_asym_id 
_pdbx_struct_mod_residue.label_comp_id 
_pdbx_struct_mod_residue.label_seq_id 
_pdbx_struct_mod_residue.auth_asym_id 
_pdbx_struct_mod_residue.auth_comp_id 
_pdbx_struct_mod_residue.auth_seq_id 
_pdbx_struct_mod_residue.PDB_ins_code 
_pdbx_struct_mod_residue.parent_comp_id 
_pdbx_struct_mod_residue.details 
1 A HYP 13 A HYP 13 ? PRO 4-HYDROXYPROLINE 
2 B HYP 13 B HYP 13 ? PRO 4-HYDROXYPROLINE 
3 C HYP 13 C HYP 13 ? PRO 4-HYDROXYPROLINE 
# 
loop_
_pdbx_unobs_or_zero_occ_residues.id 
_pdbx_unobs_or_zero_occ_residues.PDB_model_num 
_pdbx_unobs_or_zero_occ_residues.polymer_flag 
_pdbx_unobs_or_zero_occ_residues.occupancy_flag 
_pdbx_unobs_or_zero_occ_residues.auth_asym_id 
_pdbx_unobs_or_zero_occ_residues.auth_comp_id 
_pdbx_unobs_or_zero_occ_residues.auth_seq_id 
_pdbx_unobs_or_zero_occ_residues.PDB_ins_code 
_pdbx_unobs_or_zero_occ_residues.label_asym_id 
_pdbx_unobs_or_zero_occ_residues.label_comp_id 
_pdbx_unobs_or_zero_occ_residues.label_seq_id 
1 1 Y 1 B PRO 1  ? B PRO 1  
2 1 Y 1 B GLY 27 ? B GLY 27 
3 1 Y 1 C PRO 1  ? C PRO 1  
4 1 Y 1 C PRO 2  ? C PRO 2  
5 1 Y 1 C GLY 3  ? C GLY 3  
# 
loop_
_chem_comp_atom.comp_id 
_chem_comp_atom.atom_id 
_chem_comp_atom.type_symbol 
_chem_comp_atom.pdbx_aromatic_flag 
_chem_comp_atom.pdbx_stereo_config 
_chem_comp_atom.pdbx_ordinal 
ASP N    N N N 1  
ASP CA   C N S 2  
ASP C    C N N 3  
ASP O    O N N 4  
ASP CB   C N N 5  
ASP CG   C N N 6  
ASP OD1  O N N 7  
ASP OD2  O N N 8  
ASP OXT  O N N 9  
ASP H    H N N 10 
ASP H2   H N N 11 
ASP HA   H N N 12 
ASP HB2  H N N 13 
ASP HB3  H N N 14 
ASP HD2  H N N 15 
ASP HXT  H N N 16 
GLY N    N N N 17 
GLY CA   C N N 18 
GLY C    C N N 19 
GLY O    O N N 20 
GLY OXT  O N N 21 
GLY H    H N N 22 
GLY H2   H N N 23 
GLY HA2  H N N 24 
GLY HA3  H N N 25 
GLY HXT  H N N 26 
HOH O    O N N 27 
HOH H1   H N N 28 
HOH H2   H N N 29 
HYP N    N N N 30 
HYP CA   C N S 31 
HYP C    C N N 32 
HYP O    O N N 33 
HYP CB   C N N 34 
HYP CG   C N R 35 
HYP CD   C N N 36 
HYP OD1  O N N 37 
HYP OXT  O N N 38 
HYP H    H N N 39 
HYP HA   H N N 40 
HYP HB2  H N N 41 
HYP HB3  H N N 42 
HYP HG   H N N 43 
HYP HD22 H N N 44 
HYP HD23 H N N 45 
HYP HD1  H N N 46 
HYP HXT  H N N 47 
PRO N    N N N 48 
PRO CA   C N S 49 
PRO C    C N N 50 
PRO O    O N N 51 
PRO CB   C N N 52 
PRO CG   C N N 53 
PRO CD   C N N 54 
PRO OXT  O N N 55 
PRO H    H N N 56 
PRO HA   H N N 57 
PRO HB2  H N N 58 
PRO HB3  H N N 59 
PRO HG2  H N N 60 
PRO HG3  H N N 61 
PRO HD2  H N N 62 
PRO HD3  H N N 63 
PRO HXT  H N N 64 
# 
loop_
_chem_comp_bond.comp_id 
_chem_comp_bond.atom_id_1 
_chem_comp_bond.atom_id_2 
_chem_comp_bond.value_order 
_chem_comp_bond.pdbx_aromatic_flag 
_chem_comp_bond.pdbx_stereo_config 
_chem_comp_bond.pdbx_ordinal 
ASP N   CA   sing N N 1  
ASP N   H    sing N N 2  
ASP N   H2   sing N N 3  
ASP CA  C    sing N N 4  
ASP CA  CB   sing N N 5  
ASP CA  HA   sing N N 6  
ASP C   O    doub N N 7  
ASP C   OXT  sing N N 8  
ASP CB  CG   sing N N 9  
ASP CB  HB2  sing N N 10 
ASP CB  HB3  sing N N 11 
ASP CG  OD1  doub N N 12 
ASP CG  OD2  sing N N 13 
ASP OD2 HD2  sing N N 14 
ASP OXT HXT  sing N N 15 
GLY N   CA   sing N N 16 
GLY N   H    sing N N 17 
GLY N   H2   sing N N 18 
GLY CA  C    sing N N 19 
GLY CA  HA2  sing N N 20 
GLY CA  HA3  sing N N 21 
GLY C   O    doub N N 22 
GLY C   OXT  sing N N 23 
GLY OXT HXT  sing N N 24 
HOH O   H1   sing N N 25 
HOH O   H2   sing N N 26 
HYP N   CA   sing N N 27 
HYP N   CD   sing N N 28 
HYP N   H    sing N N 29 
HYP CA  C    sing N N 30 
HYP CA  CB   sing N N 31 
HYP CA  HA   sing N N 32 
HYP C   O    doub N N 33 
HYP C   OXT  sing N N 34 
HYP CB  CG   sing N N 35 
HYP CB  HB2  sing N N 36 
HYP CB  HB3  sing N N 37 
HYP CG  CD   sing N N 38 
HYP CG  OD1  sing N N 39 
HYP CG  HG   sing N N 40 
HYP CD  HD22 sing N N 41 
HYP CD  HD23 sing N N 42 
HYP OD1 HD1  sing N N 43 
HYP OXT HXT  sing N N 44 
PRO N   CA   sing N N 45 
PRO N   CD   sing N N 46 
PRO N   H    sing N N 47 
PRO CA  C    sing N N 48 
PRO CA  CB   sing N N 49 
PRO CA  HA   sing N N 50 
PRO C   O    doub N N 51 
PRO C   OXT  sing N N 52 
PRO CB  CG   sing N N 53 
PRO CB  HB2  sing N N 54 
PRO CB  HB3  sing N N 55 
PRO CG  CD   sing N N 56 
PRO CG  HG2  sing N N 57 
PRO CG  HG3  sing N N 58 
PRO CD  HD2  sing N N 59 
PRO CD  HD3  sing N N 60 
PRO OXT HXT  sing N N 61 
# 
_atom_sites.entry_id                    3ABN 
_atom_sites.fract_transf_matrix[1][1]   0.02263425 
_atom_sites.fract_transf_matrix[1][2]   0.02200528 
_atom_sites.fract_transf_matrix[1][3]   -0.00614911 
_atom_sites.fract_transf_matrix[2][1]   0.03079414 
_atom_sites.fract_transf_matrix[2][2]   -0.03358036 
_atom_sites.fract_transf_matrix[2][3]   -0.00682095 
_atom_sites.fract_transf_matrix[3][1]   -0.00292228 
_atom_sites.fract_transf_matrix[3][2]   0.00253238 
_atom_sites.fract_transf_matrix[3][3]   -0.02566028 
_atom_sites.fract_transf_vector[1]      0.375298 
_atom_sites.fract_transf_vector[2]      -0.001526 
_atom_sites.fract_transf_vector[3]      -0.001104 
# 
loop_
_atom_type.symbol 
C 
N 
O 
# 
loop_
_atom_site.group_PDB 
_atom_site.id 
_atom_site.type_symbol 
_atom_site.label_atom_id 
_atom_site.label_alt_id 
_atom_site.label_comp_id 
_atom_site.label_asym_id 
_atom_site.label_entity_id 
_atom_site.label_seq_id 
_atom_site.pdbx_PDB_ins_code 
_atom_site.Cartn_x 
_atom_site.Cartn_y 
_atom_site.Cartn_z 
_atom_site.occupancy 
_atom_site.B_iso_or_equiv 
_atom_site.pdbx_formal_charge 
_atom_site.auth_seq_id 
_atom_site.auth_comp_id 
_atom_site.auth_asym_id 
_atom_site.auth_atom_id 
_atom_site.pdbx_PDB_model_num 
ATOM   1   N N   . PRO A 1 1  ? -7.171  -3.882  37.215  0.50 23.65 ? 1   PRO A N   1 
ATOM   2   C CA  . PRO A 1 1  ? -7.068  -3.778  35.747  0.50 22.55 ? 1   PRO A CA  1 
ATOM   3   C C   . PRO A 1 1  ? -6.207  -4.862  35.109  0.50 26.52 ? 1   PRO A C   1 
ATOM   4   O O   . PRO A 1 1  ? -5.442  -5.537  35.765  0.50 22.74 ? 1   PRO A O   1 
ATOM   5   C CB  . PRO A 1 1  ? -6.332  -2.462  35.493  0.50 26.40 ? 1   PRO A CB  1 
ATOM   6   C CG  . PRO A 1 1  ? -5.447  -2.435  36.703  0.50 26.85 ? 1   PRO A CG  1 
ATOM   7   C CD  . PRO A 1 1  ? -6.402  -2.751  37.814  0.50 26.20 ? 1   PRO A CD  1 
ATOM   8   N N   . PRO A 1 2  ? -6.298  -5.007  33.783  1.00 29.38 ? 2   PRO A N   1 
ATOM   9   C CA  . PRO A 1 2  ? -5.450  -5.955  33.078  1.00 27.56 ? 2   PRO A CA  1 
ATOM   10  C C   . PRO A 1 2  ? -3.967  -5.593  33.067  1.00 24.62 ? 2   PRO A C   1 
ATOM   11  O O   . PRO A 1 2  ? -3.632  -4.485  33.439  1.00 35.31 ? 2   PRO A O   1 
ATOM   12  C CB  . PRO A 1 2  ? -5.913  -5.897  31.605  1.00 32.31 ? 2   PRO A CB  1 
ATOM   13  C CG  . PRO A 1 2  ? -6.897  -4.801  31.495  1.00 34.84 ? 2   PRO A CG  1 
ATOM   14  C CD  . PRO A 1 2  ? -7.181  -4.268  32.866  1.00 31.47 ? 2   PRO A CD  1 
ATOM   15  N N   . GLY A 1 3  ? -3.122  -6.485  32.580  1.00 23.53 ? 3   GLY A N   1 
ATOM   16  C CA  . GLY A 1 3  ? -1.820  -6.197  32.030  1.00 17.86 ? 3   GLY A CA  1 
ATOM   17  C C   . GLY A 1 3  ? -1.984  -5.132  30.980  1.00 14.01 ? 3   GLY A C   1 
ATOM   18  O O   . GLY A 1 3  ? -3.082  -4.929  30.510  1.00 14.50 ? 3   GLY A O   1 
ATOM   19  N N   . PRO A 1 4  ? -0.826  -4.548  30.638  1.00 12.51 ? 4   PRO A N   1 
ATOM   20  C CA  . PRO A 1 4  ? -0.964  -3.532  29.596  1.00 11.42 ? 4   PRO A CA  1 
ATOM   21  C C   . PRO A 1 4  ? -1.310  -4.161  28.267  1.00 8.06  ? 4   PRO A C   1 
ATOM   22  O O   . PRO A 1 4  ? -0.993  -5.334  28.048  1.00 7.81  ? 4   PRO A O   1 
ATOM   23  C CB  . PRO A 1 4  ? 0.451   -2.912  29.626  1.00 15.27 ? 4   PRO A CB  1 
ATOM   24  C CG  . PRO A 1 4  ? 1.333   -4.036  30.039  1.00 16.85 ? 4   PRO A CG  1 
ATOM   25  C CD  . PRO A 1 4  ? 0.564   -4.749  31.093  1.00 15.10 ? 4   PRO A CD  1 
ATOM   26  N N   . PRO A 1 5  ? -1.857  -3.369  27.348  1.00 7.21  ? 5   PRO A N   1 
ATOM   27  C CA  . PRO A 1 5  ? -1.973  -3.842  25.974  1.00 6.65  ? 5   PRO A CA  1 
ATOM   28  C C   . PRO A 1 5  ? -0.590  -4.204  25.437  1.00 6.18  ? 5   PRO A C   1 
ATOM   29  O O   . PRO A 1 5  ? 0.424   -3.654  25.886  1.00 6.86  ? 5   PRO A O   1 
ATOM   30  C CB  . PRO A 1 5  ? -2.544  -2.665  25.207  1.00 7.39  ? 5   PRO A CB  1 
ATOM   31  C CG  . PRO A 1 5  ? -3.282  -1.904  26.297  1.00 8.64  ? 5   PRO A CG  1 
ATOM   32  C CD  . PRO A 1 5  ? -2.392  -2.011  27.504  1.00 8.66  ? 5   PRO A CD  1 
ATOM   33  N N   . GLY A 1 6  ? -0.572  -5.096  24.458  1.00 5.39  ? 6   GLY A N   1 
ATOM   34  C CA  . GLY A 1 6  ? 0.652   -5.354  23.713  1.00 5.64  ? 6   GLY A CA  1 
ATOM   35  C C   . GLY A 1 6  ? 1.089   -4.186  22.870  1.00 5.58  ? 6   GLY A C   1 
ATOM   36  O O   . GLY A 1 6  ? 0.413   -3.163  22.808  1.00 6.16  ? 6   GLY A O   1 
ATOM   37  N N   . PRO A 1 7  ? 2.243   -4.349  22.223  1.00 5.83  ? 7   PRO A N   1 
ATOM   38  C CA  . PRO A 1 7  ? 2.720   -3.288  21.351  1.00 6.74  ? 7   PRO A CA  1 
ATOM   39  C C   . PRO A 1 7  ? 1.834   -3.109  20.144  1.00 5.42  ? 7   PRO A C   1 
ATOM   40  O O   . PRO A 1 7  ? 1.101   -4.032  19.735  1.00 5.84  ? 7   PRO A O   1 
ATOM   41  C CB  . PRO A 1 7  ? 4.114   -3.760  20.939  1.00 9.10  ? 7   PRO A CB  1 
ATOM   42  C CG  . PRO A 1 7  ? 4.080   -5.199  21.107  1.00 10.27 ? 7   PRO A CG  1 
ATOM   43  C CD  . PRO A 1 7  ? 3.144   -5.514  22.277  1.00 6.06  ? 7   PRO A CD  1 
ATOM   44  N N   . PRO A 1 8  ? 1.912   -1.962  19.507  1.00 6.27  ? 8   PRO A N   1 
ATOM   45  C CA  . PRO A 1 8  ? 1.221   -1.772  18.221  1.00 6.37  ? 8   PRO A CA  1 
ATOM   46  C C   . PRO A 1 8  ? 1.680   -2.812  17.219  1.00 6.28  ? 8   PRO A C   1 
ATOM   47  O O   . PRO A 1 8  ? 2.860   -3.189  17.207  1.00 7.29  ? 8   PRO A O   1 
ATOM   48  C CB  . PRO A 1 8  ? 1.657   -0.365  17.798  1.00 7.93  ? 8   PRO A CB  1 
ATOM   49  C CG  . PRO A 1 8  ? 2.007   0.355   19.078  1.00 7.70  ? 8   PRO A CG  1 
ATOM   50  C CD  . PRO A 1 8  ? 2.636   -0.720  19.893  1.00 7.43  ? 8   PRO A CD  1 
ATOM   51  N N   . GLY A 1 9  ? 0.767   -3.258  16.368  1.00 6.45  ? 9   GLY A N   1 
ATOM   52  C CA  . GLY A 1 9  ? 1.103   -4.176  15.310  1.00 6.11  ? 9   GLY A CA  1 
ATOM   53  C C   . GLY A 1 9  ? 1.981   -3.521  14.269  1.00 5.30  ? 9   GLY A C   1 
ATOM   54  O O   . GLY A 1 9  ? 2.133   -2.294  14.210  1.00 6.07  ? 9   GLY A O   1 
ATOM   55  N N   . PRO A 1 10 ? 2.556   -4.331  13.384  1.00 6.31  ? 10  PRO A N   1 
ATOM   56  C CA  . PRO A 1 10 ? 3.425   -3.813  12.324  1.00 6.13  ? 10  PRO A CA  1 
ATOM   57  C C   . PRO A 1 10 ? 2.599   -3.173  11.216  1.00 5.41  ? 10  PRO A C   1 
ATOM   58  O O   . PRO A 1 10 ? 1.403   -3.376  11.096  1.00 5.28  ? 10  PRO A O   1 
ATOM   59  C CB  . PRO A 1 10 ? 4.152   -5.041  11.818  1.00 7.53  ? 10  PRO A CB  1 
ATOM   60  C CG  . PRO A 1 10 ? 3.129   -6.129  12.003  1.00 7.30  ? 10  PRO A CG  1 
ATOM   61  C CD  . PRO A 1 10 ? 2.444   -5.783  13.324  1.00 6.50  ? 10  PRO A CD  1 
ATOM   62  N N   . PRO A 1 11 ? 3.244   -2.403  10.345  1.00 6.45  ? 11  PRO A N   1 
ATOM   63  C CA  . PRO A 1 11 ? 2.573   -1.939  9.160   1.00 6.76  ? 11  PRO A CA  1 
ATOM   64  C C   . PRO A 1 11 ? 2.049   -3.109  8.353   1.00 6.45  ? 11  PRO A C   1 
ATOM   65  O O   . PRO A 1 11 ? 2.560   -4.230  8.344   1.00 9.13  ? 11  PRO A O   1 
ATOM   66  C CB  . PRO A 1 11 ? 3.682   -1.224  8.357   1.00 9.48  ? 11  PRO A CB  1 
ATOM   67  C CG  . PRO A 1 11 ? 4.725   -0.895  9.371   1.00 14.37 ? 11  PRO A CG  1 
ATOM   68  C CD  . PRO A 1 11 ? 4.678   -1.998  10.368  1.00 7.82  ? 11  PRO A CD  1 
ATOM   69  N N   . GLY A 1 12 ? 0.969   -2.859  7.614   1.00 6.43  ? 12  GLY A N   1 
ATOM   70  C CA  . GLY A 1 12 ? 0.381   -3.844  6.735   1.00 9.49  ? 12  GLY A CA  1 
ATOM   71  C C   . GLY A 1 12 ? 1.168   -4.111  5.483   1.00 10.41 ? 12  GLY A C   1 
ATOM   72  O O   . GLY A 1 12 ? 2.268   -3.591  5.269   1.00 10.49 ? 12  GLY A O   1 
HETATM 73  N N   . HYP A 1 13 ? 0.595   -4.896  4.600   1.00 14.20 ? 13  HYP A N   1 
HETATM 74  C CA  . HYP A 1 13 ? 1.242   -5.210  3.309   1.00 15.80 ? 13  HYP A CA  1 
HETATM 75  C C   . HYP A 1 13 ? 1.260   -4.005  2.418   1.00 12.13 ? 13  HYP A C   1 
HETATM 76  O O   . HYP A 1 13 ? 0.552   -3.024  2.593   1.00 10.03 ? 13  HYP A O   1 
HETATM 77  C CB  . HYP A 1 13 ? 0.303   -6.243  2.691   1.00 21.80 ? 13  HYP A CB  1 
HETATM 78  C CG  . HYP A 1 13 ? -0.441  -6.863  3.818   1.00 24.30 ? 13  HYP A CG  1 
HETATM 79  C CD  . HYP A 1 13 ? -0.616  -5.682  4.769   1.00 17.87 ? 13  HYP A CD  1 
HETATM 80  O OD1 . HYP A 1 13 ? 0.363   -7.864  4.379   1.00 29.24 ? 13  HYP A OD1 1 
ATOM   81  N N   . ASP A 1 14 ? 2.136   -4.092  1.415   1.00 10.42 ? 14  ASP A N   1 
ATOM   82  C CA  . ASP A 1 14 ? 2.173   -3.093  0.371   1.00 9.26  ? 14  ASP A CA  1 
ATOM   83  C C   . ASP A 1 14 ? 0.805   -2.913  -0.243  1.00 7.94  ? 14  ASP A C   1 
ATOM   84  O O   . ASP A 1 14 ? 0.047   -3.860  -0.403  1.00 9.82  ? 14  ASP A O   1 
ATOM   85  C CB  . ASP A 1 14 ? 3.140   -3.551  -0.742  1.00 11.12 ? 14  ASP A CB  1 
ATOM   86  C CG  . ASP A 1 14 ? 4.632   -3.480  -0.384  1.00 12.00 ? 14  ASP A CG  1 
ATOM   87  O OD1 . ASP A 1 14 ? 4.992   -3.276  0.766   1.00 17.50 ? 14  ASP A OD1 1 
ATOM   88  O OD2 . ASP A 1 14 ? 5.470   -3.620  -1.337  1.00 14.46 ? 14  ASP A OD2 1 
ATOM   89  N N   . GLY A 1 15 ? 0.494   -1.689  -0.633  1.00 7.26  ? 15  GLY A N   1 
ATOM   90  C CA  . GLY A 1 15 ? -0.694  -1.413  -1.403  1.00 7.96  ? 15  GLY A CA  1 
ATOM   91  C C   . GLY A 1 15 ? -0.636  -2.051  -2.770  1.00 7.68  ? 15  GLY A C   1 
ATOM   92  O O   . GLY A 1 15 ? 0.374   -2.589  -3.227  1.00 7.94  ? 15  GLY A O   1 
ATOM   93  N N   . PRO A 1 16 ? -1.762  -1.963  -3.474  1.00 9.18  ? 16  PRO A N   1 
ATOM   94  C CA  . PRO A 1 16 ? -1.892  -2.493  -4.815  1.00 10.25 ? 16  PRO A CA  1 
ATOM   95  C C   . PRO A 1 16 ? -1.171  -1.640  -5.846  1.00 7.75  ? 16  PRO A C   1 
ATOM   96  O O   . PRO A 1 16 ? -0.958  -0.442  -5.620  1.00 8.04  ? 16  PRO A O   1 
ATOM   97  C CB  . PRO A 1 16 ? -3.415  -2.478  -5.022  1.00 12.74 ? 16  PRO A CB  1 
ATOM   98  C CG  . PRO A 1 16 ? -3.864  -1.267  -4.251  1.00 15.54 ? 16  PRO A CG  1 
ATOM   99  C CD  . PRO A 1 16 ? -3.017  -1.333  -3.030  1.00 11.16 ? 16  PRO A CD  1 
ATOM   100 N N   . PRO A 1 17 ? -0.850  -2.205  -6.978  1.00 8.82  ? 17  PRO A N   1 
ATOM   101 C CA  . PRO A 1 17 ? -0.252  -1.400  -8.039  1.00 8.32  ? 17  PRO A CA  1 
ATOM   102 C C   . PRO A 1 17 ? -1.169  -0.299  -8.496  1.00 8.00  ? 17  PRO A C   1 
ATOM   103 O O   . PRO A 1 17 ? -2.396  -0.363  -8.516  1.00 9.49  ? 17  PRO A O   1 
ATOM   104 C CB  . PRO A 1 17 ? 0.023   -2.418  -9.165  1.00 11.50 ? 17  PRO A CB  1 
ATOM   105 C CG  . PRO A 1 17 ? -0.010  -3.739  -8.525  1.00 15.18 ? 17  PRO A CG  1 
ATOM   106 C CD  . PRO A 1 17 ? -0.949  -3.630  -7.341  1.00 11.59 ? 17  PRO A CD  1 
ATOM   107 N N   . GLY A 1 18 ? -0.550  0.804   -8.929  1.00 7.02  ? 18  GLY A N   1 
ATOM   108 C CA  . GLY A 1 18 ? -1.230  1.938   -9.524  1.00 6.83  ? 18  GLY A CA  1 
ATOM   109 C C   . GLY A 1 18 ? -1.780  1.611   -10.930 1.00 6.08  ? 18  GLY A C   1 
ATOM   110 O O   . GLY A 1 18 ? -1.523  0.558   -11.487 1.00 6.12  ? 18  GLY A O   1 
ATOM   111 N N   . PRO A 1 19 ? -2.539  2.552   -11.479 1.00 5.88  ? 19  PRO A N   1 
ATOM   112 C CA  . PRO A 1 19 ? -3.108  2.376   -12.804 1.00 5.50  ? 19  PRO A CA  1 
ATOM   113 C C   . PRO A 1 19 ? -2.070  2.613   -13.890 1.00 4.84  ? 19  PRO A C   1 
ATOM   114 O O   . PRO A 1 19 ? -1.005  3.195   -13.656 1.00 4.97  ? 19  PRO A O   1 
ATOM   115 C CB  . PRO A 1 19 ? -4.168  3.489   -12.881 1.00 7.17  ? 19  PRO A CB  1 
ATOM   116 C CG  . PRO A 1 19 ? -3.574  4.586   -12.039 1.00 7.19  ? 19  PRO A CG  1 
ATOM   117 C CD  . PRO A 1 19 ? -2.881  3.856   -10.891 1.00 6.86  ? 19  PRO A CD  1 
ATOM   118 N N   . PRO A 1 20 ? -2.383  2.221   -15.134 1.00 5.74  ? 20  PRO A N   1 
ATOM   119 C CA  . PRO A 1 20 ? -1.488  2.577   -16.258 1.00 5.43  ? 20  PRO A CA  1 
ATOM   120 C C   . PRO A 1 20 ? -1.321  4.097   -16.341 1.00 5.09  ? 20  PRO A C   1 
ATOM   121 O O   . PRO A 1 20 ? -2.211  4.869   -16.005 1.00 5.56  ? 20  PRO A O   1 
ATOM   122 C CB  . PRO A 1 20 ? -2.233  2.032   -17.475 1.00 7.04  ? 20  PRO A CB  1 
ATOM   123 C CG  . PRO A 1 20 ? -3.098  0.934   -16.934 1.00 7.17  ? 20  PRO A CG  1 
ATOM   124 C CD  . PRO A 1 20 ? -3.553  1.459   -15.585 1.00 6.41  ? 20  PRO A CD  1 
ATOM   125 N N   . GLY A 1 21 ? -0.160  4.480   -16.837 1.00 5.15  ? 21  GLY A N   1 
ATOM   126 C CA  . GLY A 1 21 ? 0.081   5.867   -17.160 1.00 5.02  ? 21  GLY A CA  1 
ATOM   127 C C   . GLY A 1 21 ? -0.757  6.356   -18.318 1.00 4.67  ? 21  GLY A C   1 
ATOM   128 O O   . GLY A 1 21 ? -1.486  5.574   -18.944 1.00 4.95  ? 21  GLY A O   1 
ATOM   129 N N   . PRO A 1 22 ? -0.639  7.647   -18.612 1.00 5.24  ? 22  PRO A N   1 
ATOM   130 C CA  . PRO A 1 22 ? -1.394  8.210   -19.733 1.00 5.00  ? 22  PRO A CA  1 
ATOM   131 C C   . PRO A 1 22 ? -0.874  7.636   -21.047 1.00 4.95  ? 22  PRO A C   1 
ATOM   132 O O   . PRO A 1 22 ? 0.293   7.249   -21.153 1.00 5.49  ? 22  PRO A O   1 
ATOM   133 C CB  . PRO A 1 22 ? -1.127  9.713   -19.607 1.00 6.51  ? 22  PRO A CB  1 
ATOM   134 C CG  . PRO A 1 22 ? 0.212   9.822   -18.947 1.00 6.88  ? 22  PRO A CG  1 
ATOM   135 C CD  . PRO A 1 22 ? 0.229   8.667   -17.970 1.00 6.02  ? 22  PRO A CD  1 
ATOM   136 N N   . PRO A 1 23 ? -1.714  7.570   -22.074 1.00 4.93  ? 23  PRO A N   1 
ATOM   137 C CA  . PRO A 1 23 ? -1.209  7.179   -23.388 1.00 5.15  ? 23  PRO A CA  1 
ATOM   138 C C   . PRO A 1 23 ? -0.151  8.178   -23.880 1.00 4.96  ? 23  PRO A C   1 
ATOM   139 O O   . PRO A 1 23 ? -0.175  9.361   -23.557 1.00 5.33  ? 23  PRO A O   1 
ATOM   140 C CB  . PRO A 1 23 ? -2.434  7.257   -24.304 1.00 7.00  ? 23  PRO A CB  1 
ATOM   141 C CG  . PRO A 1 23 ? -3.579  7.359   -23.395 1.00 11.78 ? 23  PRO A CG  1 
ATOM   142 C CD  . PRO A 1 23 ? -3.145  7.935   -22.106 1.00 5.72  ? 23  PRO A CD  1 
ATOM   143 N N   . GLY A 1 24 ? 0.762   7.654   -24.684 1.00 5.24  ? 24  GLY A N   1 
ATOM   144 C CA  . GLY A 1 24 ? 1.672   8.533   -25.372 1.00 5.42  ? 24  GLY A CA  1 
ATOM   145 C C   . GLY A 1 24 ? 0.973   9.379   -26.413 1.00 4.91  ? 24  GLY A C   1 
ATOM   146 O O   . GLY A 1 24 ? -0.177  9.140   -26.787 1.00 5.88  ? 24  GLY A O   1 
ATOM   147 N N   . PRO A 1 25 ? 1.660   10.384  -26.919 1.00 6.26  ? 25  PRO A N   1 
ATOM   148 C CA  . PRO A 1 25 ? 1.088   11.279  -27.938 1.00 6.92  ? 25  PRO A CA  1 
ATOM   149 C C   . PRO A 1 25 ? 1.044   10.585  -29.279 1.00 7.73  ? 25  PRO A C   1 
ATOM   150 O O   . PRO A 1 25 ? 1.730   9.594   -29.562 1.00 7.00  ? 25  PRO A O   1 
ATOM   151 C CB  . PRO A 1 25 ? 2.081   12.457  -27.962 1.00 8.61  ? 25  PRO A CB  1 
ATOM   152 C CG  . PRO A 1 25 ? 3.380   11.798  -27.657 1.00 9.24  ? 25  PRO A CG  1 
ATOM   153 C CD  . PRO A 1 25 ? 3.074   10.770  -26.570 1.00 7.87  ? 25  PRO A CD  1 
ATOM   154 N N   . PRO A 1 26 ? 0.265   11.115  -30.221 1.00 12.86 ? 26  PRO A N   1 
ATOM   155 C CA  . PRO A 1 26 ? 0.232   10.554  -31.567 1.00 13.44 ? 26  PRO A CA  1 
ATOM   156 C C   . PRO A 1 26 ? 1.619   10.727  -32.184 1.00 15.78 ? 26  PRO A C   1 
ATOM   157 O O   . PRO A 1 26 ? 2.433   11.594  -31.941 1.00 23.02 ? 26  PRO A O   1 
ATOM   158 C CB  . PRO A 1 26 ? -0.823  11.396  -32.319 1.00 20.12 ? 26  PRO A CB  1 
ATOM   159 C CG  . PRO A 1 26 ? -1.605  12.020  -31.195 1.00 20.12 ? 26  PRO A CG  1 
ATOM   160 C CD  . PRO A 1 26 ? -0.612  12.277  -30.070 1.00 16.19 ? 26  PRO A CD  1 
ATOM   161 N N   . GLY A 1 27 ? 1.927   9.841   -33.105 1.00 17.73 ? 27  GLY A N   1 
ATOM   162 C CA  . GLY A 1 27 ? 3.081   10.074  -33.907 1.00 32.38 ? 27  GLY A CA  1 
ATOM   163 C C   . GLY A 1 27 ? 2.731   10.923  -35.141 1.00 47.00 ? 27  GLY A C   1 
ATOM   164 O O   . GLY A 1 27 ? 3.459   10.697  -36.115 1.00 61.51 ? 27  GLY A O   1 
ATOM   165 O OXT . GLY A 1 27 ? 1.814   11.778  -35.183 1.00 45.69 ? 27  GLY A OXT 1 
ATOM   166 N N   . PRO B 1 2  ? -3.608  -11.432 31.499  1.00 26.93 ? 2   PRO B N   1 
ATOM   167 C CA  . PRO B 1 2  ? -2.859  -10.744 30.418  1.00 17.07 ? 2   PRO B CA  1 
ATOM   168 C C   . PRO B 1 2  ? -3.657  -9.606  29.816  1.00 13.40 ? 2   PRO B C   1 
ATOM   169 O O   . PRO B 1 2  ? -4.877  -9.648  29.715  1.00 14.47 ? 2   PRO B O   1 
ATOM   170 C CB  . PRO B 1 2  ? -2.580  -11.792 29.330  1.00 24.05 ? 2   PRO B CB  1 
ATOM   171 C CG  . PRO B 1 2  ? -2.670  -13.063 30.107  1.00 34.93 ? 2   PRO B CG  1 
ATOM   172 C CD  . PRO B 1 2  ? -3.797  -12.838 31.100  1.00 31.35 ? 2   PRO B CD  1 
ATOM   173 N N   . GLY B 1 3  ? -2.917  -8.581  29.387  1.00 10.92 ? 3   GLY B N   1 
ATOM   174 C CA  . GLY B 1 3  ? -3.542  -7.493  28.677  1.00 9.75  ? 3   GLY B CA  1 
ATOM   175 C C   . GLY B 1 3  ? -4.062  -7.886  27.326  1.00 7.42  ? 3   GLY B C   1 
ATOM   176 O O   . GLY B 1 3  ? -3.803  -8.978  26.825  1.00 9.02  ? 3   GLY B O   1 
ATOM   177 N N   . PRO B 1 4  ? -4.782  -6.953  26.709  1.00 6.87  ? 4   PRO B N   1 
ATOM   178 C CA  . PRO B 1 4  ? -5.341  -7.200  25.395  1.00 6.78  ? 4   PRO B CA  1 
ATOM   179 C C   . PRO B 1 4  ? -4.294  -7.026  24.309  1.00 5.71  ? 4   PRO B C   1 
ATOM   180 O O   . PRO B 1 4  ? -3.231  -6.469  24.550  1.00 5.82  ? 4   PRO B O   1 
ATOM   181 C CB  . PRO B 1 4  ? -6.412  -6.098  25.247  1.00 8.48  ? 4   PRO B CB  1 
ATOM   182 C CG  . PRO B 1 4  ? -5.821  -4.980  26.065  1.00 8.27  ? 4   PRO B CG  1 
ATOM   183 C CD  . PRO B 1 4  ? -5.125  -5.610  27.235  1.00 7.98  ? 4   PRO B CD  1 
ATOM   184 N N   . PRO B 1 5  ? -4.590  -7.468  23.095  1.00 6.36  ? 5   PRO B N   1 
ATOM   185 C CA  . PRO B 1 5  ? -3.714  -7.138  21.968  1.00 6.36  ? 5   PRO B CA  1 
ATOM   186 C C   . PRO B 1 5  ? -3.511  -5.625  21.863  1.00 5.77  ? 5   PRO B C   1 
ATOM   187 O O   . PRO B 1 5  ? -4.406  -4.854  22.202  1.00 6.11  ? 5   PRO B O   1 
ATOM   188 C CB  . PRO B 1 5  ? -4.451  -7.681  20.758  1.00 8.20  ? 5   PRO B CB  1 
ATOM   189 C CG  . PRO B 1 5  ? -5.306  -8.773  21.313  1.00 8.36  ? 5   PRO B CG  1 
ATOM   190 C CD  . PRO B 1 5  ? -5.783  -8.243  22.655  1.00 7.58  ? 5   PRO B CD  1 
ATOM   191 N N   . GLY B 1 6  ? -2.327  -5.255  21.381  1.00 5.80  ? 6   GLY B N   1 
ATOM   192 C CA  . GLY B 1 6  ? -2.073  -3.864  21.056  1.00 5.49  ? 6   GLY B CA  1 
ATOM   193 C C   . GLY B 1 6  ? -2.952  -3.359  19.926  1.00 5.00  ? 6   GLY B C   1 
ATOM   194 O O   . GLY B 1 6  ? -3.685  -4.144  19.272  1.00 5.42  ? 6   GLY B O   1 
ATOM   195 N N   . PRO B 1 7  ? -2.836  -2.067  19.610  1.00 5.00  ? 7   PRO B N   1 
ATOM   196 C CA  . PRO B 1 7  ? -3.598  -1.517  18.503  1.00 5.02  ? 7   PRO B CA  1 
ATOM   197 C C   . PRO B 1 7  ? -3.087  -2.085  17.179  1.00 4.63  ? 7   PRO B C   1 
ATOM   198 O O   . PRO B 1 7  ? -1.929  -2.484  17.051  1.00 5.21  ? 7   PRO B O   1 
ATOM   199 C CB  . PRO B 1 7  ? -3.294  -0.030  18.629  1.00 5.96  ? 7   PRO B CB  1 
ATOM   200 C CG  . PRO B 1 7  ? -1.970  0.074   19.262  1.00 6.69  ? 7   PRO B CG  1 
ATOM   201 C CD  . PRO B 1 7  ? -1.945  -1.057  20.248  1.00 5.80  ? 7   PRO B CD  1 
ATOM   202 N N   . PRO B 1 8  ? -3.939  -2.123  16.159  1.00 5.02  ? 8   PRO B N   1 
ATOM   203 C CA  . PRO B 1 8  ? -3.484  -2.526  14.837  1.00 5.58  ? 8   PRO B CA  1 
ATOM   204 C C   . PRO B 1 8  ? -2.379  -1.565  14.356  1.00 4.99  ? 8   PRO B C   1 
ATOM   205 O O   . PRO B 1 8  ? -2.344  -0.377  14.697  1.00 5.71  ? 8   PRO B O   1 
ATOM   206 C CB  . PRO B 1 8  ? -4.699  -2.345  13.929  1.00 7.88  ? 8   PRO B CB  1 
ATOM   207 C CG  . PRO B 1 8  ? -5.835  -2.199  14.807  1.00 11.73 ? 8   PRO B CG  1 
ATOM   208 C CD  . PRO B 1 8  ? -5.376  -1.750  16.162  1.00 5.31  ? 8   PRO B CD  1 
ATOM   209 N N   . GLY B 1 9  ? -1.513  -2.103  13.510  1.00 5.31  ? 9   GLY B N   1 
ATOM   210 C CA  . GLY B 1 9  ? -0.532  -1.286  12.890  1.00 5.64  ? 9   GLY B CA  1 
ATOM   211 C C   . GLY B 1 9  ? -1.136  -0.354  11.837  1.00 5.33  ? 9   GLY B C   1 
ATOM   212 O O   . GLY B 1 9  ? -2.315  -0.431  11.479  1.00 6.70  ? 9   GLY B O   1 
ATOM   213 N N   . PRO B 1 10 ? -0.307  0.526   11.318  1.00 6.54  ? 10  PRO B N   1 
ATOM   214 C CA  . PRO B 1 10 ? -0.734  1.454   10.269  1.00 7.23  ? 10  PRO B CA  1 
ATOM   215 C C   . PRO B 1 10 ? -0.726  0.729   8.927   1.00 7.30  ? 10  PRO B C   1 
ATOM   216 O O   . PRO B 1 10 ? -0.258  -0.394  8.777   1.00 6.03  ? 10  PRO B O   1 
ATOM   217 C CB  . PRO B 1 10 ? 0.327   2.532   10.344  1.00 8.93  ? 10  PRO B CB  1 
ATOM   218 C CG  . PRO B 1 10 ? 1.584   1.746   10.622  1.00 8.18  ? 10  PRO B CG  1 
ATOM   219 C CD  . PRO B 1 10 ? 1.102   0.734   11.660  1.00 7.44  ? 10  PRO B CD  1 
ATOM   220 N N   . PRO B 1 11 ? -1.238  1.420   7.895   1.00 8.50  ? 11  PRO B N   1 
ATOM   221 C CA  . PRO B 1 11 ? -1.185  0.830   6.569   1.00 7.71  ? 11  PRO B CA  1 
ATOM   222 C C   . PRO B 1 11 ? 0.259   0.606   6.118   1.00 7.94  ? 11  PRO B C   1 
ATOM   223 O O   . PRO B 1 11 ? 1.221   1.261   6.547   1.00 9.64  ? 11  PRO B O   1 
ATOM   224 C CB  . PRO B 1 11 ? -1.888  1.876   5.683   1.00 10.48 ? 11  PRO B CB  1 
ATOM   225 C CG  . PRO B 1 11 ? -2.740  2.642   6.633   1.00 13.63 ? 11  PRO B CG  1 
ATOM   226 C CD  . PRO B 1 11 ? -1.934  2.695   7.908   1.00 11.63 ? 11  PRO B CD  1 
ATOM   227 N N   . GLY B 1 12 ? 0.384   -0.361  5.222   1.00 7.30  ? 12  GLY B N   1 
ATOM   228 C CA  . GLY B 1 12 ? 1.670   -0.643  4.623   1.00 7.36  ? 12  GLY B CA  1 
ATOM   229 C C   . GLY B 1 12 ? 2.196   0.396   3.663   1.00 7.41  ? 12  GLY B C   1 
ATOM   230 O O   . GLY B 1 12 ? 1.587   1.426   3.445   1.00 8.22  ? 12  GLY B O   1 
HETATM 231 N N   . HYP B 1 13 ? 3.346   0.098   3.045   1.00 8.41  ? 13  HYP B N   1 
HETATM 232 C CA  . HYP B 1 13 ? 3.891   0.995   2.017   1.00 7.44  ? 13  HYP B CA  1 
HETATM 233 C C   . HYP B 1 13 ? 2.939   1.211   0.870   1.00 7.25  ? 13  HYP B C   1 
HETATM 234 O O   . HYP B 1 13 ? 2.115   0.358   0.530   1.00 7.08  ? 13  HYP B O   1 
HETATM 235 C CB  . HYP B 1 13 ? 5.154   0.254   1.576   1.00 10.47 ? 13  HYP B CB  1 
HETATM 236 C CG  . HYP B 1 13 ? 5.542   -0.620  2.721   1.00 13.03 ? 13  HYP B CG  1 
HETATM 237 C CD  . HYP B 1 13 ? 4.204   -1.088  3.247   1.00 10.61 ? 13  HYP B CD  1 
HETATM 238 O OD1 . HYP B 1 13 ? 6.235   0.180   3.680   1.00 17.25 ? 13  HYP B OD1 1 
ATOM   239 N N   . ASP B 1 14 ? 3.128   2.323   0.161   1.00 7.34  ? 14  ASP B N   1 
ATOM   240 C CA  . ASP B 1 14 ? 2.461   2.523   -1.116  1.00 7.69  ? 14  ASP B CA  1 
ATOM   241 C C   . ASP B 1 14 ? 2.707   1.364   -2.047  1.00 6.70  ? 14  ASP B C   1 
ATOM   242 O O   . ASP B 1 14 ? 3.813   0.771   -2.073  1.00 7.37  ? 14  ASP B O   1 
ATOM   243 C CB  . ASP B 1 14 ? 3.011   3.778   -1.805  1.00 9.87  ? 14  ASP B CB  1 
ATOM   244 C CG  . ASP B 1 14 ? 2.860   5.028   -0.990  1.00 11.89 ? 14  ASP B CG  1 
ATOM   245 O OD1 . ASP B 1 14 ? 1.919   5.082   -0.198  1.00 14.70 ? 14  ASP B OD1 1 
ATOM   246 O OD2 . ASP B 1 14 ? 3.633   5.993   -1.177  1.00 17.97 ? 14  ASP B OD2 1 
ATOM   247 N N   . GLY B 1 15 ? 1.728   1.055   -2.866  1.00 6.94  ? 15  GLY B N   1 
ATOM   248 C CA  . GLY B 1 15 ? 1.906   0.047   -3.873  1.00 6.89  ? 15  GLY B CA  1 
ATOM   249 C C   . GLY B 1 15 ? 2.853   0.429   -4.967  1.00 6.76  ? 15  GLY B C   1 
ATOM   250 O O   . GLY B 1 15 ? 3.280   1.571   -5.051  1.00 7.91  ? 15  GLY B O   1 
ATOM   251 N N   . PRO B 1 16 ? 3.228   -0.523  -5.824  1.00 7.57  ? 16  PRO B N   1 
ATOM   252 C CA  . PRO B 1 16 ? 4.093   -0.239  -6.943  1.00 8.83  ? 16  PRO B CA  1 
ATOM   253 C C   . PRO B 1 16 ? 3.407   0.697   -7.953  1.00 7.70  ? 16  PRO B C   1 
ATOM   254 O O   . PRO B 1 16 ? 2.197   0.776   -8.001  1.00 6.77  ? 16  PRO B O   1 
ATOM   255 C CB  . PRO B 1 16 ? 4.307   -1.605  -7.592  1.00 11.31 ? 16  PRO B CB  1 
ATOM   256 C CG  . PRO B 1 16 ? 3.647   -2.626  -6.789  1.00 19.87 ? 16  PRO B CG  1 
ATOM   257 C CD  . PRO B 1 16 ? 2.858   -1.951  -5.742  1.00 8.37  ? 16  PRO B CD  1 
ATOM   258 N N   . PRO B 1 17 ? 4.176   1.363   -8.767  1.00 7.53  ? 17  PRO B N   1 
ATOM   259 C CA  . PRO B 1 17 ? 3.567   2.147   -9.855  1.00 6.73  ? 17  PRO B CA  1 
ATOM   260 C C   . PRO B 1 17 ? 2.853   1.219   -10.830 1.00 6.43  ? 17  PRO B C   1 
ATOM   261 O O   . PRO B 1 17 ? 3.178   0.040   -10.970 1.00 7.24  ? 17  PRO B O   1 
ATOM   262 C CB  . PRO B 1 17 ? 4.742   2.775   -10.552 1.00 9.19  ? 17  PRO B CB  1 
ATOM   263 C CG  . PRO B 1 17 ? 5.960   2.115   -10.083 1.00 17.90 ? 17  PRO B CG  1 
ATOM   264 C CD  . PRO B 1 17 ? 5.642   1.366   -8.824  1.00 10.19 ? 17  PRO B CD  1 
ATOM   265 N N   . GLY B 1 18 ? 1.881   1.802   -11.514 1.00 5.89  ? 18  GLY B N   1 
ATOM   266 C CA  . GLY B 1 18 ? 1.262   1.115   -12.610 1.00 5.68  ? 18  GLY B CA  1 
ATOM   267 C C   . GLY B 1 18 ? 2.237   0.960   -13.770 1.00 5.26  ? 18  GLY B C   1 
ATOM   268 O O   . GLY B 1 18 ? 3.372   1.462   -13.791 1.00 5.70  ? 18  GLY B O   1 
ATOM   269 N N   . PRO B 1 19 ? 1.763   0.226   -14.786 1.00 5.57  ? 19  PRO B N   1 
ATOM   270 C CA  . PRO B 1 19 ? 2.544   0.046   -15.993 1.00 5.34  ? 19  PRO B CA  1 
ATOM   271 C C   . PRO B 1 19 ? 2.596   1.329   -16.835 1.00 5.10  ? 19  PRO B C   1 
ATOM   272 O O   . PRO B 1 19 ? 1.726   2.211   -16.676 1.00 5.00  ? 19  PRO B O   1 
ATOM   273 C CB  . PRO B 1 19 ? 1.781   -1.040  -16.749 1.00 6.35  ? 19  PRO B CB  1 
ATOM   274 C CG  . PRO B 1 19 ? 0.354   -0.787  -16.354 1.00 6.92  ? 19  PRO B CG  1 
ATOM   275 C CD  . PRO B 1 19 ? 0.429   -0.405  -14.893 1.00 6.33  ? 19  PRO B CD  1 
ATOM   276 N N   . PRO B 1 20 ? 3.551   1.433   -17.744 1.00 4.87  ? 20  PRO B N   1 
ATOM   277 C CA  . PRO B 1 20 ? 3.500   2.499   -18.731 1.00 4.98  ? 20  PRO B CA  1 
ATOM   278 C C   . PRO B 1 20 ? 2.133   2.518   -19.426 1.00 4.86  ? 20  PRO B C   1 
ATOM   279 O O   . PRO B 1 20 ? 1.524   1.475   -19.676 1.00 5.38  ? 20  PRO B O   1 
ATOM   280 C CB  . PRO B 1 20 ? 4.616   2.148   -19.729 1.00 6.26  ? 20  PRO B CB  1 
ATOM   281 C CG  . PRO B 1 20 ? 5.574   1.325   -18.886 1.00 6.49  ? 20  PRO B CG  1 
ATOM   282 C CD  . PRO B 1 20 ? 4.657   0.497   -17.976 1.00 5.95  ? 20  PRO B CD  1 
ATOM   283 N N   . GLY B 1 21 ? 1.712   3.730   -19.798 1.00 5.07  ? 21  GLY B N   1 
ATOM   284 C CA  . GLY B 1 21 ? 0.505   3.871   -20.619 1.00 5.12  ? 21  GLY B CA  1 
ATOM   285 C C   . GLY B 1 21 ? 0.719   3.247   -22.009 1.00 4.71  ? 21  GLY B C   1 
ATOM   286 O O   . GLY B 1 21 ? 1.835   2.914   -22.402 1.00 4.99  ? 21  GLY B O   1 
ATOM   287 N N   . PRO B 1 22 ? -0.380  3.108   -22.753 1.00 4.90  ? 22  PRO B N   1 
ATOM   288 C CA  . PRO B 1 22 ? -0.283  2.591   -24.120 1.00 5.37  ? 22  PRO B CA  1 
ATOM   289 C C   . PRO B 1 22 ? 0.505   3.516   -25.035 1.00 4.73  ? 22  PRO B C   1 
ATOM   290 O O   . PRO B 1 22 ? 0.542   4.744   -24.825 1.00 5.22  ? 22  PRO B O   1 
ATOM   291 C CB  . PRO B 1 22 ? -1.711  2.534   -24.594 1.00 6.19  ? 22  PRO B CB  1 
ATOM   292 C CG  . PRO B 1 22 ? -2.600  2.690   -23.448 1.00 12.56 ? 22  PRO B CG  1 
ATOM   293 C CD  . PRO B 1 22 ? -1.784  3.380   -22.368 1.00 5.66  ? 22  PRO B CD  1 
ATOM   294 N N   . PRO B 1 23 ? 1.088   2.970   -26.105 1.00 5.13  ? 23  PRO B N   1 
ATOM   295 C CA  . PRO B 1 23 ? 1.608   3.812   -27.160 1.00 5.51  ? 23  PRO B CA  1 
ATOM   296 C C   . PRO B 1 23 ? 0.493   4.710   -27.704 1.00 5.33  ? 23  PRO B C   1 
ATOM   297 O O   . PRO B 1 23 ? -0.691  4.323   -27.794 1.00 6.19  ? 23  PRO B O   1 
ATOM   298 C CB  . PRO B 1 23 ? 2.074   2.817   -28.197 1.00 6.68  ? 23  PRO B CB  1 
ATOM   299 C CG  . PRO B 1 23 ? 2.256   1.520   -27.501 1.00 7.48  ? 23  PRO B CG  1 
ATOM   300 C CD  . PRO B 1 23 ? 1.198   1.528   -26.437 1.00 6.10  ? 23  PRO B CD  1 
ATOM   301 N N   . GLY B 1 24 ? 0.886   5.909   -28.147 1.00 5.95  ? 24  GLY B N   1 
ATOM   302 C CA  . GLY B 1 24 ? -0.038  6.773   -28.845 1.00 6.24  ? 24  GLY B CA  1 
ATOM   303 C C   . GLY B 1 24 ? -0.423  6.213   -30.207 1.00 7.07  ? 24  GLY B C   1 
ATOM   304 O O   . GLY B 1 24 ? 0.160   5.269   -30.683 1.00 8.44  ? 24  GLY B O   1 
ATOM   305 N N   . PRO B 1 25 ? -1.394  6.841   -30.840 1.00 9.00  ? 25  PRO B N   1 
ATOM   306 C CA  . PRO B 1 25 ? -1.801  6.410   -32.184 1.00 12.15 ? 25  PRO B CA  1 
ATOM   307 C C   . PRO B 1 25 ? -0.729  6.746   -33.189 1.00 10.87 ? 25  PRO B C   1 
ATOM   308 O O   . PRO B 1 25 ? 0.104   7.614   -32.990 1.00 11.94 ? 25  PRO B O   1 
ATOM   309 C CB  . PRO B 1 25 ? -3.057  7.199   -32.511 1.00 15.99 ? 25  PRO B CB  1 
ATOM   310 C CG  . PRO B 1 25 ? -3.029  8.323   -31.562 1.00 16.20 ? 25  PRO B CG  1 
ATOM   311 C CD  . PRO B 1 25 ? -2.177  7.987   -30.349 1.00 11.35 ? 25  PRO B CD  1 
ATOM   312 N N   . PRO B 1 26 ? -0.730  6.043   -34.303 1.00 17.88 ? 26  PRO B N   1 
ATOM   313 C CA  . PRO B 1 26 ? 0.059   6.522   -35.433 1.00 25.00 ? 26  PRO B CA  1 
ATOM   314 C C   . PRO B 1 26 ? -0.640  7.674   -36.153 1.00 31.64 ? 26  PRO B C   1 
ATOM   315 O O   . PRO B 1 26 ? -0.452  8.849   -35.853 1.00 46.08 ? 26  PRO B O   1 
ATOM   316 C CB  . PRO B 1 26 ? 0.048   5.286   -36.330 1.00 34.09 ? 26  PRO B CB  1 
ATOM   317 C CG  . PRO B 1 26 ? -1.061  4.397   -35.888 1.00 34.98 ? 26  PRO B CG  1 
ATOM   318 C CD  . PRO B 1 26 ? -1.455  4.779   -34.495 1.00 26.67 ? 26  PRO B CD  1 
ATOM   319 N N   . PRO C 1 4  ? 0.831   -9.506  32.807  1.00 37.50 ? 4   PRO C N   1 
ATOM   320 C CA  . PRO C 1 4  ? 1.691   -9.597  31.598  1.00 31.07 ? 4   PRO C CA  1 
ATOM   321 C C   . PRO C 1 4  ? 1.045   -8.848  30.452  1.00 19.64 ? 4   PRO C C   1 
ATOM   322 O O   . PRO C 1 4  ? -0.196  -8.776  30.373  1.00 14.56 ? 4   PRO C O   1 
ATOM   323 C CB  . PRO C 1 4  ? 1.762   -11.059 31.184  1.00 35.25 ? 4   PRO C CB  1 
ATOM   324 C CG  . PRO C 1 4  ? 0.967   -11.800 32.199  1.00 44.36 ? 4   PRO C CG  1 
ATOM   325 C CD  . PRO C 1 4  ? 0.169   -10.796 32.970  1.00 44.83 ? 4   PRO C CD  1 
ATOM   326 N N   . PRO C 1 5  ? 1.863   -8.304  29.587  1.00 12.34 ? 5   PRO C N   1 
ATOM   327 C CA  . PRO C 1 5  ? 1.265   -7.578  28.463  1.00 9.39  ? 5   PRO C CA  1 
ATOM   328 C C   . PRO C 1 5  ? 0.488   -8.522  27.515  1.00 8.67  ? 5   PRO C C   1 
ATOM   329 O O   . PRO C 1 5  ? 0.760   -9.710  27.433  1.00 9.90  ? 5   PRO C O   1 
ATOM   330 C CB  . PRO C 1 5  ? 2.467   -6.995  27.743  1.00 11.85 ? 5   PRO C CB  1 
ATOM   331 C CG  . PRO C 1 5  ? 3.674   -7.237  28.588  1.00 16.45 ? 5   PRO C CG  1 
ATOM   332 C CD  . PRO C 1 5  ? 3.320   -8.275  29.581  1.00 14.27 ? 5   PRO C CD  1 
ATOM   333 N N   . GLY C 1 6  ? -0.399  -7.917  26.787  1.00 7.43  ? 6   GLY C N   1 
ATOM   334 C CA  . GLY C 1 6  ? -1.004  -8.604  25.693  1.00 7.14  ? 6   GLY C CA  1 
ATOM   335 C C   . GLY C 1 6  ? -0.026  -8.770  24.539  1.00 6.67  ? 6   GLY C C   1 
ATOM   336 O O   . GLY C 1 6  ? 1.119   -8.297  24.534  1.00 7.26  ? 6   GLY C O   1 
ATOM   337 N N   . PRO C 1 7  ? -0.487  -9.493  23.510  1.00 6.73  ? 7   PRO C N   1 
ATOM   338 C CA  . PRO C 1 7  ? 0.323   -9.705  22.313  1.00 6.17  ? 7   PRO C CA  1 
ATOM   339 C C   . PRO C 1 7  ? 0.359   -8.434  21.468  1.00 5.02  ? 7   PRO C C   1 
ATOM   340 O O   . PRO C 1 7  ? -0.486  -7.531  21.609  1.00 5.79  ? 7   PRO C O   1 
ATOM   341 C CB  . PRO C 1 7  ? -0.472  -10.799 21.561  1.00 7.27  ? 7   PRO C CB  1 
ATOM   342 C CG  . PRO C 1 7  ? -1.891  -10.546 21.983  1.00 7.71  ? 7   PRO C CG  1 
ATOM   343 C CD  . PRO C 1 7  ? -1.834  -10.136 23.430  1.00 7.80  ? 7   PRO C CD  1 
ATOM   344 N N   . PRO C 1 8  ? 1.293   -8.360  20.531  1.00 5.44  ? 8   PRO C N   1 
ATOM   345 C CA  . PRO C 1 8  ? 1.261   -7.311  19.526  1.00 5.93  ? 8   PRO C CA  1 
ATOM   346 C C   . PRO C 1 8  ? -0.088  -7.269  18.853  1.00 5.05  ? 8   PRO C C   1 
ATOM   347 O O   . PRO C 1 8  ? -0.744  -8.296  18.614  1.00 5.68  ? 8   PRO C O   1 
ATOM   348 C CB  . PRO C 1 8  ? 2.384   -7.660  18.579  1.00 6.69  ? 8   PRO C CB  1 
ATOM   349 C CG  . PRO C 1 8  ? 3.329   -8.501  19.392  1.00 7.33  ? 8   PRO C CG  1 
ATOM   350 C CD  . PRO C 1 8  ? 2.397   -9.294  20.299  1.00 6.52  ? 8   PRO C CD  1 
ATOM   351 N N   . GLY C 1 9  ? -0.507  -6.052  18.460  1.00 5.24  ? 9   GLY C N   1 
ATOM   352 C CA  . GLY C 1 9  ? -1.689  -5.898  17.626  1.00 4.88  ? 9   GLY C CA  1 
ATOM   353 C C   . GLY C 1 9  ? -1.493  -6.525  16.269  1.00 5.02  ? 9   GLY C C   1 
ATOM   354 O O   . GLY C 1 9  ? -0.382  -6.876  15.862  1.00 5.39  ? 9   GLY C O   1 
ATOM   355 N N   . PRO C 1 10 ? -2.580  -6.626  15.512  1.00 4.99  ? 10  PRO C N   1 
ATOM   356 C CA  . PRO C 1 10 ? -2.507  -7.170  14.149  1.00 5.11  ? 10  PRO C CA  1 
ATOM   357 C C   . PRO C 1 10 ? -1.735  -6.251  13.209  1.00 4.78  ? 10  PRO C C   1 
ATOM   358 O O   . PRO C 1 10 ? -1.672  -5.019  13.401  1.00 5.22  ? 10  PRO C O   1 
ATOM   359 C CB  . PRO C 1 10 ? -3.962  -7.266  13.693  1.00 6.16  ? 10  PRO C CB  1 
ATOM   360 C CG  . PRO C 1 10 ? -4.780  -6.805  14.770  1.00 17.82 ? 10  PRO C CG  1 
ATOM   361 C CD  . PRO C 1 10 ? -3.964  -6.295  15.886  1.00 6.30  ? 10  PRO C CD  1 
ATOM   362 N N   . PRO C 1 11 ? -1.186  -6.819  12.137  1.00 4.93  ? 11  PRO C N   1 
ATOM   363 C CA  . PRO C 1 11 ? -0.683  -5.960  11.051  1.00 5.39  ? 11  PRO C CA  1 
ATOM   364 C C   . PRO C 1 11 ? -1.782  -5.023  10.570  1.00 5.42  ? 11  PRO C C   1 
ATOM   365 O O   . PRO C 1 11 ? -2.973  -5.367  10.561  1.00 5.93  ? 11  PRO C O   1 
ATOM   366 C CB  . PRO C 1 11 ? -0.270  -6.959  10.000  1.00 7.00  ? 11  PRO C CB  1 
ATOM   367 C CG  . PRO C 1 11 ? -0.062  -8.252  10.687  1.00 7.34  ? 11  PRO C CG  1 
ATOM   368 C CD  . PRO C 1 11 ? -1.080  -8.250  11.816  1.00 5.78  ? 11  PRO C CD  1 
ATOM   369 N N   . GLY C 1 12 ? -1.369  -3.857  10.126  1.00 5.64  ? 12  GLY C N   1 
ATOM   370 C CA  . GLY C 1 12 ? -2.293  -2.899  9.579   1.00 5.91  ? 12  GLY C CA  1 
ATOM   371 C C   . GLY C 1 12 ? -2.864  -3.269  8.235   1.00 7.26  ? 12  GLY C C   1 
ATOM   372 O O   . GLY C 1 12 ? -2.529  -4.331  7.667   1.00 9.03  ? 12  GLY C O   1 
HETATM 373 N N   A HYP C 1 13 ? -3.672  -2.352  7.703   0.58 8.40  ? 13  HYP C N   1 
HETATM 374 N N   B HYP C 1 13 ? -3.721  -2.402  7.697   0.41 8.62  ? 13  HYP C N   1 
HETATM 375 C CA  A HYP C 1 13 ? -4.240  -2.456  6.367   0.58 9.88  ? 13  HYP C CA  1 
HETATM 376 C CA  B HYP C 1 13 ? -4.320  -2.667  6.380   0.41 9.67  ? 13  HYP C CA  1 
HETATM 377 C C   A HYP C 1 13 ? -3.160  -2.457  5.276   0.58 9.56  ? 13  HYP C C   1 
HETATM 378 C C   B HYP C 1 13 ? -3.270  -2.414  5.286   0.41 9.91  ? 13  HYP C C   1 
HETATM 379 O O   A HYP C 1 13 ? -2.025  -2.019  5.431   0.58 8.33  ? 13  HYP C O   1 
HETATM 380 O O   B HYP C 1 13 ? -2.177  -1.920  5.557   0.41 7.83  ? 13  HYP C O   1 
HETATM 381 C CB  A HYP C 1 13 ? -5.105  -1.197  6.253   0.58 12.01 ? 13  HYP C CB  1 
HETATM 382 C CB  B HYP C 1 13 ? -5.420  -1.598  6.320   0.41 11.87 ? 13  HYP C CB  1 
HETATM 383 C CG  A HYP C 1 13 ? -5.447  -0.828  7.643   0.58 11.89 ? 13  HYP C CG  1 
HETATM 384 C CG  B HYP C 1 13 ? -4.708  -0.432  6.939   0.41 11.97 ? 13  HYP C CG  1 
HETATM 385 C CD  A HYP C 1 13 ? -4.194  -1.168  8.415   0.58 9.48  ? 13  HYP C CD  1 
HETATM 386 C CD  B HYP C 1 13 ? -4.027  -1.029  8.144   0.41 8.63  ? 13  HYP C CD  1 
HETATM 387 O OD1 A HYP C 1 13 ? -6.492  -1.634  8.165   0.58 16.43 ? 13  HYP C OD1 1 
HETATM 388 O OD1 B HYP C 1 13 ? -5.569  0.609   7.278   0.41 17.99 ? 13  HYP C OD1 1 
ATOM   389 N N   . ASP C 1 14 ? -3.613  -2.869  4.100   1.00 12.42 ? 14  ASP C N   1 
ATOM   390 C CA  . ASP C 1 14 ? -2.784  -2.672  2.917   1.00 12.22 ? 14  ASP C CA  1 
ATOM   391 C C   . ASP C 1 14 ? -2.547  -1.163  2.744   1.00 11.07 ? 14  ASP C C   1 
ATOM   392 O O   . ASP C 1 14 ? -3.378  -0.320  3.100   1.00 11.41 ? 14  ASP C O   1 
ATOM   393 C CB  . ASP C 1 14 ? -3.363  -3.312  1.643   1.00 20.33 ? 14  ASP C CB  1 
ATOM   394 C CG  . ASP C 1 14 ? -3.345  -4.836  1.719   1.00 22.73 ? 14  ASP C CG  1 
ATOM   395 O OD1 . ASP C 1 14 ? -3.126  -5.438  2.781   1.00 32.26 ? 14  ASP C OD1 1 
ATOM   396 O OD2 . ASP C 1 14 ? -3.494  -5.461  0.629   1.00 38.00 ? 14  ASP C OD2 1 
ATOM   397 N N   . GLY C 1 15 ? -1.389  -0.827  2.196   1.00 9.63  ? 15  GLY C N   1 
ATOM   398 C CA  . GLY C 1 15 ? -0.976  0.520   1.897   1.00 7.98  ? 15  GLY C CA  1 
ATOM   399 C C   . GLY C 1 15 ? -1.836  1.172   0.833   1.00 8.27  ? 15  GLY C C   1 
ATOM   400 O O   . GLY C 1 15 ? -2.659  0.521   0.182   1.00 9.34  ? 15  GLY C O   1 
ATOM   401 N N   . PRO C 1 16 ? -1.617  2.459   0.580   1.00 8.55  ? 16  PRO C N   1 
ATOM   402 C CA  . PRO C 1 16 ? -2.272  3.176   -0.519  1.00 9.50  ? 16  PRO C CA  1 
ATOM   403 C C   . PRO C 1 16 ? -1.944  2.507   -1.837  1.00 8.53  ? 16  PRO C C   1 
ATOM   404 O O   . PRO C 1 16 ? -0.851  1.934   -2.011  1.00 7.60  ? 16  PRO C O   1 
ATOM   405 C CB  . PRO C 1 16 ? -1.687  4.576   -0.400  1.00 12.07 ? 16  PRO C CB  1 
ATOM   406 C CG  . PRO C 1 16 ? -1.135  4.733   0.968   1.00 12.71 ? 16  PRO C CG  1 
ATOM   407 C CD  . PRO C 1 16 ? -0.711  3.334   1.345   1.00 9.64  ? 16  PRO C CD  1 
ATOM   408 N N   . PRO C 1 17 ? -2.757  2.712   -2.866  1.00 11.30 ? 17  PRO C N   1 
ATOM   409 C CA  . PRO C 1 17 ? -2.386  2.280   -4.228  1.00 11.32 ? 17  PRO C CA  1 
ATOM   410 C C   . PRO C 1 17 ? -1.180  3.057   -4.685  1.00 10.40 ? 17  PRO C C   1 
ATOM   411 O O   . PRO C 1 17 ? -0.981  4.205   -4.274  1.00 12.58 ? 17  PRO C O   1 
ATOM   412 C CB  . PRO C 1 17 ? -3.535  2.754   -5.116  1.00 15.25 ? 17  PRO C CB  1 
ATOM   413 C CG  . PRO C 1 17 ? -4.023  3.947   -4.326  1.00 21.55 ? 17  PRO C CG  1 
ATOM   414 C CD  . PRO C 1 17 ? -4.023  3.440   -2.878  1.00 20.20 ? 17  PRO C CD  1 
ATOM   415 N N   . GLY C 1 18 ? -0.396  2.435   -5.544  1.00 9.70  ? 18  GLY C N   1 
ATOM   416 C CA  . GLY C 1 18 ? 0.745   3.114   -6.140  1.00 10.32 ? 18  GLY C CA  1 
ATOM   417 C C   . GLY C 1 18 ? 0.304   4.170   -7.109  1.00 8.10  ? 18  GLY C C   1 
ATOM   418 O O   . GLY C 1 18 ? -0.843  4.296   -7.482  1.00 7.06  ? 18  GLY C O   1 
ATOM   419 N N   . PRO C 1 19 ? 1.296   4.943   -7.530  1.00 8.04  ? 19  PRO C N   1 
ATOM   420 C CA  . PRO C 1 19 ? 1.030   5.995   -8.467  1.00 7.70  ? 19  PRO C CA  1 
ATOM   421 C C   . PRO C 1 19 ? 0.800   5.428   -9.877  1.00 5.68  ? 19  PRO C C   1 
ATOM   422 O O   . PRO C 1 19 ? 1.142   4.287   -10.166 1.00 6.12  ? 19  PRO C O   1 
ATOM   423 C CB  . PRO C 1 19 ? 2.355   6.813   -8.443  1.00 11.82 ? 19  PRO C CB  1 
ATOM   424 C CG  . PRO C 1 19 ? 3.379   5.753   -8.097  1.00 13.72 ? 19  PRO C CG  1 
ATOM   425 C CD  . PRO C 1 19 ? 2.711   4.812   -7.154  1.00 11.02 ? 19  PRO C CD  1 
ATOM   426 N N   . PRO C 1 20 ? 0.255   6.246   -10.811 1.00 6.00  ? 20  PRO C N   1 
ATOM   427 C CA  . PRO C 1 20 ? 0.185   5.798   -12.222 1.00 5.37  ? 20  PRO C CA  1 
ATOM   428 C C   . PRO C 1 20 ? 1.582   5.504   -12.747 1.00 4.93  ? 20  PRO C C   1 
ATOM   429 O O   . PRO C 1 20 ? 2.598   6.041   -12.278 1.00 5.25  ? 20  PRO C O   1 
ATOM   430 C CB  . PRO C 1 20 ? -0.407  7.007   -12.957 1.00 6.38  ? 20  PRO C CB  1 
ATOM   431 C CG  . PRO C 1 20 ? -1.121  7.767   -11.866 1.00 7.63  ? 20  PRO C CG  1 
ATOM   432 C CD  . PRO C 1 20 ? -0.277  7.602   -10.637 1.00 7.40  ? 20  PRO C CD  1 
ATOM   433 N N   . GLY C 1 21 ? 1.599   4.626   -13.743 1.00 4.78  ? 21  GLY C N   1 
ATOM   434 C CA  . GLY C 1 21 ? 2.823   4.410   -14.484 1.00 4.73  ? 21  GLY C CA  1 
ATOM   435 C C   . GLY C 1 21 ? 3.236   5.618   -15.325 1.00 4.90  ? 21  GLY C C   1 
ATOM   436 O O   . GLY C 1 21 ? 2.543   6.632   -15.360 1.00 5.66  ? 21  GLY C O   1 
ATOM   437 N N   . PRO C 1 22 ? 4.392   5.485   -15.960 1.00 5.25  ? 22  PRO C N   1 
ATOM   438 C CA  . PRO C 1 22 ? 4.869   6.570   -16.804 1.00 6.34  ? 22  PRO C CA  1 
ATOM   439 C C   . PRO C 1 22 ? 3.996   6.705   -18.036 1.00 5.22  ? 22  PRO C C   1 
ATOM   440 O O   . PRO C 1 22 ? 3.280   5.764   -18.452 1.00 5.56  ? 22  PRO C O   1 
ATOM   441 C CB  . PRO C 1 22 ? 6.305   6.156   -17.186 1.00 6.99  ? 22  PRO C CB  1 
ATOM   442 C CG  . PRO C 1 22 ? 6.214   4.660   -17.135 1.00 6.91  ? 22  PRO C CG  1 
ATOM   443 C CD  . PRO C 1 22 ? 5.293   4.324   -15.970 1.00 6.01  ? 22  PRO C CD  1 
ATOM   444 N N   . PRO C 1 23 ? 4.062   7.861   -18.715 1.00 6.38  ? 23  PRO C N   1 
ATOM   445 C CA  . PRO C 1 23 ? 3.394   8.018   -19.996 1.00 6.71  ? 23  PRO C CA  1 
ATOM   446 C C   . PRO C 1 23 ? 3.890   6.947   -20.972 1.00 6.58  ? 23  PRO C C   1 
ATOM   447 O O   . PRO C 1 23 ? 5.068   6.605   -20.977 1.00 6.87  ? 23  PRO C O   1 
ATOM   448 C CB  . PRO C 1 23 ? 3.831   9.416   -20.460 1.00 7.58  ? 23  PRO C CB  1 
ATOM   449 C CG  . PRO C 1 23 ? 4.118   10.176  -19.186 1.00 8.73  ? 23  PRO C CG  1 
ATOM   450 C CD  . PRO C 1 23 ? 4.787   9.096   -18.349 1.00 7.62  ? 23  PRO C CD  1 
ATOM   451 N N   . GLY C 1 24 ? 2.981   6.498   -21.839 1.00 6.29  ? 24  GLY C N   1 
ATOM   452 C CA  . GLY C 1 24 ? 3.338   5.586   -22.907 1.00 5.79  ? 24  GLY C CA  1 
ATOM   453 C C   . GLY C 1 24 ? 4.164   6.283   -23.964 1.00 5.72  ? 24  GLY C C   1 
ATOM   454 O O   . GLY C 1 24 ? 4.275   7.485   -24.024 1.00 6.43  ? 24  GLY C O   1 
ATOM   455 N N   . PRO C 1 25 ? 4.742   5.461   -24.862 1.00 6.08  ? 25  PRO C N   1 
ATOM   456 C CA  . PRO C 1 25 ? 5.609   6.038   -25.923 1.00 6.31  ? 25  PRO C CA  1 
ATOM   457 C C   . PRO C 1 25 ? 4.785   6.725   -26.982 1.00 5.58  ? 25  PRO C C   1 
ATOM   458 O O   . PRO C 1 25 ? 3.604   6.433   -27.177 1.00 5.73  ? 25  PRO C O   1 
ATOM   459 C CB  . PRO C 1 25 ? 6.334   4.813   -26.458 1.00 7.33  ? 25  PRO C CB  1 
ATOM   460 C CG  . PRO C 1 25 ? 5.378   3.687   -26.245 1.00 8.08  ? 25  PRO C CG  1 
ATOM   461 C CD  . PRO C 1 25 ? 4.708   4.002   -24.924 1.00 6.64  ? 25  PRO C CD  1 
ATOM   462 N N   . PRO C 1 26 ? 5.396   7.595   -27.757 1.00 7.70  ? 26  PRO C N   1 
ATOM   463 C CA  . PRO C 1 26 ? 4.707   8.165   -28.913 1.00 8.40  ? 26  PRO C CA  1 
ATOM   464 C C   . PRO C 1 26 ? 4.324   7.085   -29.913 1.00 10.44 ? 26  PRO C C   1 
ATOM   465 O O   . PRO C 1 26 ? 5.022   6.084   -30.032 1.00 13.78 ? 26  PRO C O   1 
ATOM   466 C CB  . PRO C 1 26 ? 5.763   9.066   -29.560 1.00 13.21 ? 26  PRO C CB  1 
ATOM   467 C CG  . PRO C 1 26 ? 6.712   9.349   -28.495 1.00 17.31 ? 26  PRO C CG  1 
ATOM   468 C CD  . PRO C 1 26 ? 6.801   8.081   -27.650 1.00 9.48  ? 26  PRO C CD  1 
ATOM   469 N N   . GLY C 1 27 ? 3.241   7.302   -30.627 1.00 10.17 ? 27  GLY C N   1 
ATOM   470 C CA  . GLY C 1 27 ? 2.935   6.370   -31.710 1.00 14.55 ? 27  GLY C CA  1 
ATOM   471 C C   . GLY C 1 27 ? 3.867   6.475   -32.908 1.00 23.76 ? 27  GLY C C   1 
ATOM   472 O O   . GLY C 1 27 ? 3.624   5.709   -33.889 1.00 34.23 ? 27  GLY C O   1 
ATOM   473 O OXT . GLY C 1 27 ? 4.804   7.315   -32.927 1.00 29.53 ? 27  GLY C OXT 1 
HETATM 474 O O   . HOH D 2 .  ? -2.796  9.795   -27.217 1.00 12.15 ? 101 HOH A O   1 
HETATM 475 O O   . HOH D 2 .  ? -3.049  7.413   -16.111 1.00 8.63  ? 103 HOH A O   1 
HETATM 476 O O   . HOH D 2 .  ? 0.572   -0.522  23.623  1.00 13.03 ? 106 HOH A O   1 
HETATM 477 O O   . HOH D 2 .  ? 4.607   -5.045  16.146  1.00 13.19 ? 112 HOH A O   1 
HETATM 478 O O   . HOH D 2 .  ? 3.236   -3.343  25.412  1.00 10.34 ? 117 HOH A O   1 
HETATM 479 O O   . HOH D 2 .  ? 3.531   0.036   14.038  1.00 9.66  ? 121 HOH A O   1 
HETATM 480 O O   . HOH D 2 .  ? 2.229   2.079   15.327  1.00 7.43  ? 127 HOH A O   1 
HETATM 481 O O   . HOH D 2 .  ? 5.041   1.469   12.062  1.00 15.00 ? 133 HOH A O   1 
HETATM 482 O O   . HOH D 2 .  ? 0.040   1.486   21.819  1.00 12.06 ? 134 HOH A O   1 
HETATM 483 O O   . HOH D 2 .  ? 5.331   -1.875  17.898  1.00 10.77 ? 135 HOH A O   1 
HETATM 484 O O   . HOH D 2 .  ? 1.549   11.576  -22.758 1.00 8.56  ? 136 HOH A O   1 
HETATM 485 O O   . HOH D 2 .  ? -2.172  11.319  -23.290 1.00 13.01 ? 138 HOH A O   1 
HETATM 486 O O   . HOH D 2 .  ? 5.084   -5.393  25.388  1.00 11.00 ? 141 HOH A O   1 
HETATM 487 O O   . HOH D 2 .  ? -5.385  1.784   -20.698 1.00 8.14  ? 142 HOH A O   1 
HETATM 488 O O   . HOH D 2 .  ? -4.787  11.366  -22.200 1.00 10.15 ? 143 HOH A O   1 
HETATM 489 O O   . HOH D 2 .  ? 2.281   2.957   22.174  1.00 12.47 ? 145 HOH A O   1 
HETATM 490 O O   . HOH D 2 .  ? 7.111   -1.749  19.978  1.00 9.89  ? 151 HOH A O   1 
HETATM 491 O O   . HOH D 2 .  ? -4.174  5.535   -19.277 1.00 9.76  ? 153 HOH A O   1 
HETATM 492 O O   . HOH D 2 .  ? 1.629   -4.710  -4.542  1.00 13.78 ? 157 HOH A O   1 
HETATM 493 O O   . HOH D 2 .  ? 3.580   -6.456  7.481   1.00 20.28 ? 158 HOH A O   1 
HETATM 494 O O   . HOH D 2 .  ? 0.586   -0.918  26.336  1.00 12.52 ? 160 HOH A O   1 
HETATM 495 O O   . HOH D 2 .  ? 1.043   13.819  -24.468 1.00 21.41 ? 161 HOH A O   1 
HETATM 496 O O   . HOH D 2 .  ? -4.842  4.270   -21.649 1.00 7.76  ? 162 HOH A O   1 
HETATM 497 O O   . HOH D 2 .  ? -5.839  2.660   -18.065 1.00 12.50 ? 165 HOH A O   1 
HETATM 498 O O   . HOH D 2 .  ? 4.257   -5.087  -3.745  1.00 17.06 ? 166 HOH A O   1 
HETATM 499 O O   . HOH D 2 .  ? 3.091   1.056   23.986  1.00 17.53 ? 168 HOH A O   1 
HETATM 500 O O   . HOH D 2 .  ? 1.459   0.324   28.378  1.00 16.14 ? 170 HOH A O   1 
HETATM 501 O O   . HOH D 2 .  ? -2.289  9.931   -15.520 1.00 13.95 ? 174 HOH A O   1 
HETATM 502 O O   . HOH D 2 .  ? -5.200  14.239  -22.259 1.00 12.98 ? 175 HOH A O   1 
HETATM 503 O O   . HOH D 2 .  ? -2.363  -1.659  -12.670 1.00 17.44 ? 176 HOH A O   1 
HETATM 504 O O   . HOH D 2 .  ? 1.626   3.989   13.339  1.00 13.94 ? 178 HOH A O   1 
HETATM 505 O O   . HOH D 2 .  ? 0.567   -6.603  -0.899  1.00 16.07 ? 179 HOH A O   1 
HETATM 506 O O   . HOH D 2 .  ? -5.831  0.630   -11.145 1.00 17.50 ? 180 HOH A O   1 
HETATM 507 O O   . HOH D 2 .  ? -4.295  -2.422  -8.537  1.00 15.87 ? 181 HOH A O   1 
HETATM 508 O O   . HOH D 2 .  ? -4.273  -5.167  -8.087  1.00 13.94 ? 185 HOH A O   1 
HETATM 509 O O   . HOH D 2 .  ? -6.104  5.416   -17.924 1.00 17.03 ? 199 HOH A O   1 
HETATM 510 O O   . HOH D 2 .  ? -3.309  10.472  -13.257 1.00 15.43 ? 204 HOH A O   1 
HETATM 511 O O   . HOH D 2 .  ? 0.411   -6.896  -3.594  1.00 20.27 ? 205 HOH A O   1 
HETATM 512 O O   . HOH D 2 .  ? -4.809  -5.832  -5.432  1.00 23.36 ? 206 HOH A O   1 
HETATM 513 O O   . HOH D 2 .  ? 5.100   -4.783  7.751   1.00 33.45 ? 208 HOH A O   1 
HETATM 514 O O   . HOH D 2 .  ? -2.491  12.612  -27.521 1.00 16.19 ? 209 HOH A O   1 
HETATM 515 O O   . HOH D 2 .  ? 0.564   2.079   30.019  1.00 23.45 ? 211 HOH A O   1 
HETATM 516 O O   . HOH D 2 .  ? -5.106  9.674   -25.420 1.00 25.15 ? 213 HOH A O   1 
HETATM 517 O O   . HOH D 2 .  ? 4.558   -4.909  4.970   1.00 26.96 ? 217 HOH A O   1 
HETATM 518 O O   . HOH D 2 .  ? 3.923   -6.364  1.361   1.00 24.34 ? 220 HOH A O   1 
HETATM 519 O O   . HOH D 2 .  ? 2.435   14.191  -31.478 1.00 38.60 ? 222 HOH A O   1 
HETATM 520 O O   . HOH D 2 .  ? 4.825   -1.021  26.768  1.00 25.92 ? 223 HOH A O   1 
HETATM 521 O O   . HOH D 2 .  ? 6.719   -5.305  -5.120  1.00 24.06 ? 224 HOH A O   1 
HETATM 522 O O   . HOH D 2 .  ? -3.840  11.471  -26.048 1.00 40.50 ? 227 HOH A O   1 
HETATM 523 O O   . HOH D 2 .  ? 0.686   -5.002  35.111  1.00 32.38 ? 229 HOH A O   1 
HETATM 524 O O   . HOH D 2 .  ? -4.600  1.480   -8.933  1.00 16.76 ? 230 HOH A O   1 
HETATM 525 O O   . HOH D 2 .  ? 6.083   -3.396  5.784   1.00 29.57 ? 231 HOH A O   1 
HETATM 526 O O   . HOH D 2 .  ? -6.400  -1.500  -7.360  1.00 27.39 ? 242 HOH A O   1 
HETATM 527 O O   . HOH D 2 .  ? -1.990  -0.650  31.300  1.00 34.58 ? 243 HOH A O   1 
HETATM 528 O O   . HOH D 2 .  ? 6.120   -6.191  3.231   1.00 39.52 ? 247 HOH A O   1 
HETATM 529 O O   . HOH D 2 .  ? 1.525   -7.463  7.104   1.00 31.79 ? 249 HOH A O   1 
HETATM 530 O O   . HOH D 2 .  ? 2.204   -8.169  -0.557  1.00 42.01 ? 253 HOH A O   1 
HETATM 531 O O   . HOH D 2 .  ? -1.220  -8.617  -0.167  1.00 32.58 ? 257 HOH A O   1 
HETATM 532 O O   . HOH D 2 .  ? -8.608  1.184   35.967  1.00 43.98 ? 258 HOH A O   1 
HETATM 533 O O   . HOH D 2 .  ? -2.706  -9.289  -2.778  1.00 44.62 ? 259 HOH A O   1 
HETATM 534 O O   . HOH D 2 .  ? 2.276   -2.174  33.661  1.00 40.47 ? 261 HOH A O   1 
HETATM 535 O O   . HOH D 2 .  ? 2.662   12.294  -37.567 1.00 47.88 ? 263 HOH A O   1 
HETATM 536 O O   . HOH D 2 .  ? -6.953  -0.268  32.614  1.00 45.17 ? 264 HOH A O   1 
HETATM 537 O O   . HOH E 2 .  ? 0.072   -0.793  -23.403 1.00 10.50 ? 104 HOH B O   1 
HETATM 538 O O   . HOH E 2 .  ? -1.722  1.873   -28.642 1.00 9.82  ? 109 HOH B O   1 
HETATM 539 O O   . HOH E 2 .  ? -4.248  1.634   15.059  1.00 9.27  ? 113 HOH B O   1 
HETATM 540 O O   . HOH E 2 .  ? -5.285  -2.308  22.150  1.00 9.10  ? 115 HOH B O   1 
HETATM 541 O O   . HOH E 2 .  ? 6.201   1.714   -14.043 1.00 10.46 ? 116 HOH B O   1 
HETATM 542 O O   . HOH E 2 .  ? -0.605  0.216   -20.840 1.00 6.56  ? 118 HOH B O   1 
HETATM 543 O O   . HOH E 2 .  ? -0.571  1.782   15.479  1.00 8.17  ? 120 HOH B O   1 
HETATM 544 O O   . HOH E 2 .  ? -0.188  -2.356  -19.651 1.00 6.56  ? 122 HOH B O   1 
HETATM 545 O O   . HOH E 2 .  ? -1.112  -0.831  -27.981 1.00 8.51  ? 124 HOH B O   1 
HETATM 546 O O   . HOH E 2 .  ? -6.903  1.636   15.948  1.00 9.65  ? 128 HOH B O   1 
HETATM 547 O O   . HOH E 2 .  ? -3.368  -0.006  -20.507 1.00 9.85  ? 129 HOH B O   1 
HETATM 548 O O   . HOH E 2 .  ? 5.423   -1.637  -11.086 1.00 15.40 ? 131 HOH B O   1 
HETATM 549 O O   . HOH E 2 .  ? -5.028  0.145   11.508  1.00 14.73 ? 132 HOH B O   1 
HETATM 550 O O   . HOH E 2 .  ? 2.217   -2.237  -12.404 1.00 9.94  ? 139 HOH B O   1 
HETATM 551 O O   . HOH E 2 .  ? -7.608  -7.969  17.604  1.00 9.33  ? 144 HOH B O   1 
HETATM 552 O O   . HOH E 2 .  ? 2.884   0.626   -23.567 1.00 10.49 ? 146 HOH B O   1 
HETATM 553 O O   . HOH E 2 .  ? -6.360  -4.186  18.962  1.00 10.64 ? 150 HOH B O   1 
HETATM 554 O O   . HOH E 2 .  ? 6.920   -0.807  -4.953  1.00 12.98 ? 155 HOH B O   1 
HETATM 555 O O   . HOH E 2 .  ? -1.821  -0.908  -25.394 1.00 11.14 ? 159 HOH B O   1 
HETATM 556 O O   . HOH E 2 .  ? -8.054  -7.068  20.183  1.00 13.87 ? 163 HOH B O   1 
HETATM 557 O O   . HOH E 2 .  ? -7.085  -5.495  16.589  1.00 8.58  ? 164 HOH B O   1 
HETATM 558 O O   . HOH E 2 .  ? 7.707   1.616   -4.035  1.00 13.94 ? 169 HOH B O   1 
HETATM 559 O O   . HOH E 2 .  ? 4.153   -2.609  -14.438 1.00 11.58 ? 171 HOH B O   1 
HETATM 560 O O   . HOH E 2 .  ? 4.915   -1.519  -3.174  1.00 9.99  ? 172 HOH B O   1 
HETATM 561 O O   . HOH E 2 .  ? 6.265   2.047   -1.706  1.00 16.06 ? 173 HOH B O   1 
HETATM 562 O O   . HOH E 2 .  ? 2.037   -4.621  -11.088 1.00 12.63 ? 182 HOH B O   1 
HETATM 563 O O   . HOH E 2 .  ? -4.528  0.156   22.951  1.00 16.60 ? 186 HOH B O   1 
HETATM 564 O O   . HOH E 2 .  ? 5.177   4.140   1.247   1.00 15.46 ? 188 HOH B O   1 
HETATM 565 O O   . HOH E 2 .  ? -3.252  5.250   -27.846 1.00 15.75 ? 189 HOH B O   1 
HETATM 566 O O   . HOH E 2 .  ? 5.613   2.941   -5.482  1.00 17.90 ? 190 HOH B O   1 
HETATM 567 O O   . HOH E 2 .  ? -8.010  -4.699  14.068  1.00 16.68 ? 194 HOH B O   1 
HETATM 568 O O   . HOH E 2 .  ? 6.013   -4.342  -13.061 1.00 18.14 ? 201 HOH B O   1 
HETATM 569 O O   . HOH E 2 .  ? 6.606   -3.422  -9.913  1.00 15.97 ? 202 HOH B O   1 
HETATM 570 O O   . HOH E 2 .  ? -4.183  2.369   10.794  1.00 23.40 ? 207 HOH B O   1 
HETATM 571 O O   . HOH E 2 .  ? -7.005  -7.695  29.150  1.00 17.16 ? 210 HOH B O   1 
HETATM 572 O O   . HOH E 2 .  ? -4.447  1.486   -28.633 1.00 17.61 ? 212 HOH B O   1 
HETATM 573 O O   . HOH E 2 .  ? -5.627  4.721   9.306   1.00 24.44 ? 214 HOH B O   1 
HETATM 574 O O   . HOH E 2 .  ? 5.238   -5.419  -8.846  1.00 23.47 ? 219 HOH B O   1 
HETATM 575 O O   . HOH E 2 .  ? -7.080  0.396   12.469  1.00 32.55 ? 221 HOH B O   1 
HETATM 576 O O   . HOH E 2 .  ? 8.137   2.376   0.244   1.00 24.13 ? 225 HOH B O   1 
HETATM 577 O O   . HOH E 2 .  ? 7.642   -1.959  -7.910  1.00 23.26 ? 228 HOH B O   1 
HETATM 578 O O   . HOH E 2 .  ? 0.883   2.866   -31.786 1.00 40.59 ? 232 HOH B O   1 
HETATM 579 O O   . HOH E 2 .  ? -8.895  1.875   13.850  1.00 28.62 ? 233 HOH B O   1 
HETATM 580 O O   . HOH E 2 .  ? 7.032   4.048   -0.873  1.00 37.18 ? 235 HOH B O   1 
HETATM 581 O O   . HOH E 2 .  ? 4.599   1.471   6.441   1.00 34.31 ? 236 HOH B O   1 
HETATM 582 O O   . HOH E 2 .  ? -8.273  -4.264  20.245  1.00 22.02 ? 237 HOH B O   1 
HETATM 583 O O   . HOH E 2 .  ? 2.129   -1.696  -22.892 1.00 19.50 ? 238 HOH B O   1 
HETATM 584 O O   . HOH E 2 .  ? 8.090   -3.142  -5.345  1.00 24.89 ? 240 HOH B O   1 
HETATM 585 O O   . HOH E 2 .  ? -9.175  3.853   12.721  1.00 32.20 ? 241 HOH B O   1 
HETATM 586 O O   . HOH E 2 .  ? -2.114  1.775   -35.079 1.00 28.54 ? 244 HOH B O   1 
HETATM 587 O O   . HOH E 2 .  ? -6.120  0.830   24.716  1.00 35.32 ? 248 HOH B O   1 
HETATM 588 O O   . HOH E 2 .  ? -10.342 -6.282  13.573  1.00 37.94 ? 250 HOH B O   1 
HETATM 589 O O   . HOH E 2 .  ? 6.838   -6.238  -7.428  1.00 38.10 ? 256 HOH B O   1 
HETATM 590 O O   . HOH E 2 .  ? -5.198  -10.419 34.664  1.00 39.05 ? 262 HOH B O   1 
HETATM 591 O O   . HOH F 2 .  ? 5.432   6.255   -12.558 1.00 9.38  ? 102 HOH C O   1 
HETATM 592 O O   . HOH F 2 .  ? -2.111  -10.577 14.902  1.00 11.23 ? 105 HOH C O   1 
HETATM 593 O O   . HOH F 2 .  ? 6.812   4.825   -22.142 1.00 12.49 ? 107 HOH C O   1 
HETATM 594 O O   . HOH F 2 .  ? -2.842  -9.563  17.438  1.00 6.98  ? 108 HOH C O   1 
HETATM 595 O O   . HOH F 2 .  ? 2.764   9.251   -14.538 1.00 11.46 ? 110 HOH C O   1 
HETATM 596 O O   . HOH F 2 .  ? 2.621   8.795   -11.877 1.00 10.56 ? 111 HOH C O   1 
HETATM 597 O O   . HOH F 2 .  ? -4.155  -7.792  9.721   1.00 12.46 ? 114 HOH C O   1 
HETATM 598 O O   . HOH F 2 .  ? 5.575   9.859   -24.243 1.00 9.40  ? 119 HOH C O   1 
HETATM 599 O O   . HOH F 2 .  ? -2.424  -12.129 18.651  1.00 7.10  ? 123 HOH C O   1 
HETATM 600 O O   . HOH F 2 .  ? 7.252   4.113   -12.873 1.00 8.53  ? 125 HOH C O   1 
HETATM 601 O O   . HOH F 2 .  ? 2.314   11.319  -16.378 1.00 11.87 ? 126 HOH C O   1 
HETATM 602 O O   . HOH F 2 .  ? 4.092   9.849   -9.947  1.00 14.91 ? 130 HOH C O   1 
HETATM 603 O O   . HOH F 2 .  ? -5.599  -9.825  17.648  1.00 11.14 ? 137 HOH C O   1 
HETATM 604 O O   . HOH F 2 .  ? 4.363   11.895  -22.855 1.00 8.64  ? 140 HOH C O   1 
HETATM 605 O O   . HOH F 2 .  ? -4.236  2.508   3.205   1.00 15.17 ? 147 HOH C O   1 
HETATM 606 O O   . HOH F 2 .  ? 7.472   7.889   -20.288 1.00 12.53 ? 148 HOH C O   1 
HETATM 607 O O   . HOH F 2 .  ? 0.633   -9.156  14.720  1.00 9.89  ? 149 HOH C O   1 
HETATM 608 O O   . HOH F 2 .  ? -3.353  -10.480 10.265  1.00 10.81 ? 152 HOH C O   1 
HETATM 609 O O   . HOH F 2 .  ? 4.477   12.712  -16.096 1.00 12.94 ? 154 HOH C O   1 
HETATM 610 O O   . HOH F 2 .  ? -4.534  -12.446 20.323  1.00 10.96 ? 156 HOH C O   1 
HETATM 611 O O   . HOH F 2 .  ? -0.103  -12.006 25.929  1.00 14.99 ? 167 HOH C O   1 
HETATM 612 O O   . HOH F 2 .  ? -6.683  -1.995  10.795  1.00 12.60 ? 177 HOH C O   1 
HETATM 613 O O   . HOH F 2 .  ? 5.221   10.730  -14.357 1.00 18.45 ? 183 HOH C O   1 
HETATM 614 O O   . HOH F 2 .  ? -3.990  -10.657 12.895  1.00 12.65 ? 184 HOH C O   1 
HETATM 615 O O   . HOH F 2 .  ? -2.398  -4.554  -1.618  1.00 14.88 ? 187 HOH C O   1 
HETATM 616 O O   . HOH F 2 .  ? -5.471  -4.349  10.535  1.00 18.80 ? 191 HOH C O   1 
HETATM 617 O O   . HOH F 2 .  ? 6.424   8.219   -14.275 1.00 12.32 ? 192 HOH C O   1 
HETATM 618 O O   . HOH F 2 .  ? -3.646  -12.336 8.329   1.00 19.44 ? 193 HOH C O   1 
HETATM 619 O O   . HOH F 2 .  ? -2.852  6.067   -7.857  1.00 15.05 ? 195 HOH C O   1 
HETATM 620 O O   . HOH F 2 .  ? -6.717  -4.614  7.833   1.00 22.93 ? 196 HOH C O   1 
HETATM 621 O O   . HOH F 2 .  ? -2.456  -6.103  -3.911  1.00 21.85 ? 197 HOH C O   1 
HETATM 622 O O   . HOH F 2 .  ? -2.541  8.052   -5.927  1.00 17.72 ? 198 HOH C O   1 
HETATM 623 O O   . HOH F 2 .  ? 5.754   11.441  -11.633 1.00 17.77 ? 200 HOH C O   1 
HETATM 624 O O   . HOH F 2 .  ? -8.682  -6.154  9.022   1.00 19.78 ? 203 HOH C O   1 
HETATM 625 O O   . HOH F 2 .  ? -5.103  0.157   -0.584  1.00 31.61 ? 215 HOH C O   1 
HETATM 626 O O   . HOH F 2 .  ? -5.817  3.403   1.079   1.00 20.36 ? 216 HOH C O   1 
HETATM 627 O O   . HOH F 2 .  ? -10.125 -5.078  10.917  1.00 18.48 ? 218 HOH C O   1 
HETATM 628 O O   . HOH F 2 .  ? 6.221   7.179   -10.040 1.00 30.17 ? 226 HOH C O   1 
HETATM 629 O O   . HOH F 2 .  ? -5.364  4.657   -7.350  1.00 24.90 ? 234 HOH C O   1 
HETATM 630 O O   . HOH F 2 .  ? 7.173   11.349  -26.238 1.00 27.18 ? 239 HOH C O   1 
HETATM 631 O O   . HOH F 2 .  ? 3.159   -7.074  32.519  1.00 26.88 ? 245 HOH C O   1 
HETATM 632 O O   . HOH F 2 .  ? -0.033  -11.568 15.488  1.00 29.60 ? 246 HOH C O   1 
HETATM 633 O O   . HOH F 2 .  ? -6.083  2.843   5.299   1.00 29.89 ? 251 HOH C O   1 
HETATM 634 O O   . HOH F 2 .  ? -6.036  -0.582  2.366   1.00 30.65 ? 252 HOH C O   1 
HETATM 635 O O   . HOH F 2 .  ? 6.999   13.283  -27.466 1.00 41.01 ? 254 HOH C O   1 
HETATM 636 O O   . HOH F 2 .  ? 0.576   6.178   -4.525  1.00 32.08 ? 255 HOH C O   1 
HETATM 637 O O   . HOH F 2 .  ? 6.696   8.699   -34.147 1.00 41.85 ? 260 HOH C O   1 
# 
loop_
_atom_site_anisotrop.id 
_atom_site_anisotrop.type_symbol 
_atom_site_anisotrop.pdbx_label_atom_id 
_atom_site_anisotrop.pdbx_label_alt_id 
_atom_site_anisotrop.pdbx_label_comp_id 
_atom_site_anisotrop.pdbx_label_asym_id 
_atom_site_anisotrop.pdbx_label_seq_id 
_atom_site_anisotrop.pdbx_PDB_ins_code 
_atom_site_anisotrop.U[1][1] 
_atom_site_anisotrop.U[2][2] 
_atom_site_anisotrop.U[3][3] 
_atom_site_anisotrop.U[1][2] 
_atom_site_anisotrop.U[1][3] 
_atom_site_anisotrop.U[2][3] 
_atom_site_anisotrop.pdbx_auth_seq_id 
_atom_site_anisotrop.pdbx_auth_comp_id 
_atom_site_anisotrop.pdbx_auth_asym_id 
_atom_site_anisotrop.pdbx_auth_atom_id 
1   N N   . PRO A 1  ? 0.2231 0.4643 0.2113 -0.1007 -0.0195 0.0391  1   PRO A N   
2   C CA  . PRO A 1  ? 0.2330 0.4161 0.2079 -0.0576 -0.0764 0.0913  1   PRO A CA  
3   C C   . PRO A 1  ? 0.3040 0.4607 0.2428 -0.0691 0.1219  0.1448  1   PRO A C   
4   O O   . PRO A 1  ? 0.3270 0.3437 0.1932 -0.0500 0.1022  0.0305  1   PRO A O   
5   C CB  . PRO A 1  ? 0.2204 0.4643 0.3183 -0.0839 -0.0197 0.1104  1   PRO A CB  
6   C CG  . PRO A 1  ? 0.2992 0.3869 0.3339 -0.1190 -0.0615 0.0853  1   PRO A CG  
7   C CD  . PRO A 1  ? 0.2289 0.4828 0.2839 -0.0741 -0.0676 -0.0017 1   PRO A CD  
8   N N   . PRO A 2  ? 0.3406 0.5274 0.2484 -0.0246 0.0925  0.1297  2   PRO A N   
9   C CA  . PRO A 2  ? 0.3122 0.4524 0.2825 -0.0959 0.0309  0.0387  2   PRO A CA  
10  C C   . PRO A 2  ? 0.3573 0.3504 0.2278 -0.1811 0.1669  -0.1026 2   PRO A C   
11  O O   . PRO A 2  ? 0.5894 0.4150 0.3372 -0.2705 0.3037  -0.2083 2   PRO A O   
12  C CB  . PRO A 2  ? 0.4981 0.4471 0.2823 -0.0964 0.0074  0.0530  2   PRO A CB  
13  C CG  . PRO A 2  ? 0.5562 0.4806 0.2870 -0.0589 -0.0113 0.1081  2   PRO A CG  
14  C CD  . PRO A 2  ? 0.3484 0.5607 0.2866 -0.0328 0.0721  0.1541  2   PRO A CD  
15  N N   . GLY A 3  ? 0.3478 0.3462 0.2000 -0.1400 0.1165  -0.0542 3   GLY A N   
16  C CA  . GLY A 3  ? 0.2656 0.3074 0.1056 -0.0797 0.0099  -0.0181 3   GLY A CA  
17  C C   . GLY A 3  ? 0.1848 0.2700 0.0773 -0.0374 0.0150  -0.0514 3   GLY A C   
18  O O   . GLY A 3  ? 0.1670 0.2016 0.1821 -0.0151 0.0220  -0.0877 3   GLY A O   
19  N N   . PRO A 4  ? 0.1558 0.2345 0.0850 0.0146  -0.0067 -0.0279 4   PRO A N   
20  C CA  . PRO A 4  ? 0.1581 0.1613 0.1147 -0.0052 -0.0099 -0.0509 4   PRO A CA  
21  C C   . PRO A 4  ? 0.1103 0.1109 0.0853 0.0221  0.0078  -0.0151 4   PRO A C   
22  O O   . PRO A 4  ? 0.1059 0.1127 0.0781 0.0278  -0.0003 -0.0183 4   PRO A O   
23  C CB  . PRO A 4  ? 0.1746 0.2287 0.1768 -0.0388 -0.0200 -0.0601 4   PRO A CB  
24  C CG  . PRO A 4  ? 0.1573 0.3286 0.1542 0.0153  0.0026  -0.0430 4   PRO A CG  
25  C CD  . PRO A 4  ? 0.1679 0.2839 0.1219 -0.0007 -0.0428 -0.0430 4   PRO A CD  
26  N N   . PRO A 5  ? 0.0953 0.0878 0.0909 0.0225  0.0151  -0.0234 5   PRO A N   
27  C CA  . PRO A 5  ? 0.0790 0.0880 0.0856 0.0220  0.0081  -0.0165 5   PRO A CA  
28  C C   . PRO A 5  ? 0.0646 0.0962 0.0742 0.0206  -0.0068 -0.0160 5   PRO A C   
29  O O   . PRO A 5  ? 0.0795 0.0869 0.0944 0.0198  -0.0044 -0.0228 5   PRO A O   
30  C CB  . PRO A 5  ? 0.0800 0.0897 0.1111 0.0278  0.0000  -0.0124 5   PRO A CB  
31  C CG  . PRO A 5  ? 0.1031 0.0912 0.1341 0.0293  0.0111  -0.0216 5   PRO A CG  
32  C CD  . PRO A 5  ? 0.1170 0.0975 0.1147 0.0367  0.0204  -0.0290 5   PRO A CD  
33  N N   . GLY A 6  ? 0.0636 0.0703 0.0708 0.0112  0.0026  -0.0002 6   GLY A N   
34  C CA  . GLY A 6  ? 0.0750 0.0791 0.0601 0.0264  -0.0068 -0.0014 6   GLY A CA  
35  C C   . GLY A 6  ? 0.0775 0.0775 0.0569 0.0219  -0.0067 0.0008  6   GLY A C   
36  O O   . GLY A 6  ? 0.0851 0.0634 0.0855 0.0190  -0.0144 -0.0016 6   GLY A O   
37  N N   . PRO A 7  ? 0.0851 0.0715 0.0649 0.0156  -0.0068 0.0010  7   PRO A N   
38  C CA  . PRO A 7  ? 0.0854 0.0984 0.0724 -0.0006 -0.0085 0.0167  7   PRO A CA  
39  C C   . PRO A 7  ? 0.0815 0.0707 0.0539 0.0243  0.0055  -0.0016 7   PRO A C   
40  O O   . PRO A 7  ? 0.0706 0.0836 0.0676 0.0196  0.0052  -0.0052 7   PRO A O   
41  C CB  . PRO A 7  ? 0.0782 0.1399 0.1278 0.0099  -0.0071 0.0472  7   PRO A CB  
42  C CG  . PRO A 7  ? 0.0963 0.1197 0.1742 0.0082  0.0593  -0.0031 7   PRO A CG  
43  C CD  . PRO A 7  ? 0.0631 0.0852 0.0820 0.0141  -0.0040 -0.0059 7   PRO A CD  
44  N N   . PRO A 8  ? 0.0916 0.0893 0.0574 0.0220  0.0113  0.0086  8   PRO A N   
45  C CA  . PRO A 8  ? 0.0706 0.1065 0.0650 0.0296  0.0151  0.0238  8   PRO A CA  
46  C C   . PRO A 8  ? 0.0697 0.1179 0.0511 0.0297  0.0052  0.0213  8   PRO A C   
47  O O   . PRO A 8  ? 0.0645 0.1410 0.0716 0.0346  0.0073  -0.0095 8   PRO A O   
48  C CB  . PRO A 8  ? 0.1121 0.1074 0.0818 0.0321  0.0201  0.0348  8   PRO A CB  
49  C CG  . PRO A 8  ? 0.0892 0.0983 0.1052 0.0172  0.0123  0.0224  8   PRO A CG  
50  C CD  . PRO A 8  ? 0.1137 0.0816 0.0873 0.0148  0.0081  0.0012  8   PRO A CD  
51  N N   . GLY A 9  ? 0.0615 0.1197 0.0638 0.0335  0.0081  0.0195  9   GLY A N   
52  C CA  . GLY A 9  ? 0.0742 0.1021 0.0557 0.0299  0.0066  0.0228  9   GLY A CA  
53  C C   . GLY A 9  ? 0.0587 0.0896 0.0532 0.0203  0.0007  0.0178  9   GLY A C   
54  O O   . GLY A 9  ? 0.0704 0.1006 0.0596 0.0082  0.0102  0.0075  9   GLY A O   
55  N N   . PRO A 10 ? 0.0786 0.0907 0.0705 0.0219  0.0103  0.0177  10  PRO A N   
56  C CA  . PRO A 10 ? 0.0720 0.1008 0.0600 0.0235  0.0120  0.0152  10  PRO A CA  
57  C C   . PRO A 10 ? 0.0639 0.0852 0.0566 0.0291  0.0112  -0.0024 10  PRO A C   
58  O O   . PRO A 10 ? 0.0703 0.0725 0.0580 0.0278  0.0082  -0.0019 10  PRO A O   
59  C CB  . PRO A 10 ? 0.0734 0.1192 0.0936 0.0392  0.0108  0.0189  10  PRO A CB  
60  C CG  . PRO A 10 ? 0.0793 0.0966 0.1017 0.0333  -0.0020 -0.0089 10  PRO A CG  
61  C CD  . PRO A 10 ? 0.0913 0.0870 0.0688 0.0220  -0.0031 0.0161  10  PRO A CD  
62  N N   . PRO A 11 ? 0.0737 0.1134 0.0580 0.0189  0.0050  0.0114  11  PRO A N   
63  C CA  . PRO A 11 ? 0.0830 0.1206 0.0534 0.0270  0.0122  0.0097  11  PRO A CA  
64  C C   . PRO A 11 ? 0.1104 0.0867 0.0483 0.0307  0.0159  0.0149  11  PRO A C   
65  O O   . PRO A 11 ? 0.1675 0.1094 0.0699 0.0625  0.0421  0.0150  11  PRO A O   
66  C CB  . PRO A 11 ? 0.0909 0.1627 0.1066 -0.0022 -0.0027 0.0623  11  PRO A CB  
67  C CG  . PRO A 11 ? 0.1405 0.3032 0.1022 -0.0743 -0.0156 0.0896  11  PRO A CG  
68  C CD  . PRO A 11 ? 0.0696 0.1513 0.0762 0.0179  0.0176  0.0096  11  PRO A CD  
69  N N   . GLY A 12 ? 0.1207 0.0817 0.0419 0.0156  0.0123  0.0049  12  GLY A N   
70  C CA  . GLY A 12 ? 0.2002 0.1020 0.0584 -0.0275 -0.0033 0.0095  12  GLY A CA  
71  C C   . GLY A 12 ? 0.2683 0.0874 0.0400 0.0278  -0.0054 0.0044  12  GLY A C   
72  O O   . GLY A 12 ? 0.2318 0.1031 0.0638 0.0604  0.0367  0.0094  12  GLY A O   
73  N N   . HYP A 13 ? 0.3767 0.1119 0.0507 -0.0183 -0.0052 0.0048  13  HYP A N   
74  C CA  . HYP A 13 ? 0.4683 0.0850 0.0470 0.0072  0.0023  -0.0008 13  HYP A CA  
75  C C   . HYP A 13 ? 0.3318 0.0771 0.0522 0.0285  0.0157  -0.0059 13  HYP A C   
76  O O   . HYP A 13 ? 0.2272 0.1075 0.0463 0.0111  0.0134  -0.0005 13  HYP A O   
77  C CB  . HYP A 13 ? 0.6411 0.1118 0.0754 -0.0880 -0.0058 -0.0034 13  HYP A CB  
78  C CG  . HYP A 13 ? 0.6994 0.1391 0.0847 -0.1389 -0.0132 0.0210  13  HYP A CG  
79  C CD  . HYP A 13 ? 0.4514 0.1615 0.0660 -0.0950 -0.0376 0.0218  13  HYP A CD  
80  O OD1 . HYP A 13 ? 0.8848 0.1074 0.1186 -0.0599 0.0088  0.0123  13  HYP A OD1 
81  N N   . ASP A 14 ? 0.2290 0.1182 0.0487 0.0390  -0.0180 0.0026  14  ASP A N   
82  C CA  . ASP A 14 ? 0.1761 0.1205 0.0553 0.0513  -0.0025 0.0035  14  ASP A CA  
83  C C   . ASP A 14 ? 0.1632 0.0977 0.0411 0.0262  0.0084  -0.0004 14  ASP A C   
84  O O   . ASP A 14 ? 0.2154 0.1006 0.0571 0.0027  0.0021  0.0035  14  ASP A O   
85  C CB  . ASP A 14 ? 0.1823 0.1754 0.0649 0.0809  0.0031  0.0117  14  ASP A CB  
86  C CG  . ASP A 14 ? 0.1824 0.1631 0.1104 0.1005  -0.0078 0.0006  14  ASP A CG  
87  O OD1 . ASP A 14 ? 0.2146 0.2868 0.1635 0.1434  -0.0534 -0.0695 14  ASP A OD1 
88  O OD2 . ASP A 14 ? 0.1866 0.2089 0.1541 0.0641  0.0205  0.0219  14  ASP A OD2 
89  N N   . GLY A 15 ? 0.1331 0.0920 0.0507 0.0067  0.0041  0.0028  15  GLY A N   
90  C CA  . GLY A 15 ? 0.1423 0.1137 0.0463 0.0079  0.0003  0.0128  15  GLY A CA  
91  C C   . GLY A 15 ? 0.1185 0.1225 0.0509 0.0011  0.0012  0.0106  15  GLY A C   
92  O O   . GLY A 15 ? 0.1412 0.1075 0.0529 0.0092  0.0054  -0.0011 15  GLY A O   
93  N N   . PRO A 16 ? 0.1237 0.1707 0.0545 -0.0149 0.0033  0.0081  16  PRO A N   
94  C CA  . PRO A 16 ? 0.1648 0.1647 0.0599 -0.0211 -0.0188 -0.0023 16  PRO A CA  
95  C C   . PRO A 16 ? 0.1086 0.1305 0.0553 0.0176  -0.0198 0.0011  16  PRO A C   
96  O O   . PRO A 16 ? 0.1070 0.1363 0.0623 0.0188  -0.0069 -0.0017 16  PRO A O   
97  C CB  . PRO A 16 ? 0.1609 0.2380 0.0852 -0.0644 -0.0163 0.0242  16  PRO A CB  
98  C CG  . PRO A 16 ? 0.1227 0.3550 0.1127 0.0033  -0.0264 -0.0337 16  PRO A CG  
99  C CD  . PRO A 16 ? 0.1046 0.2335 0.0859 -0.0110 0.0033  0.0066  16  PRO A CD  
100 N N   . PRO A 17 ? 0.1555 0.1277 0.0520 0.0192  -0.0213 0.0048  17  PRO A N   
101 C CA  . PRO A 17 ? 0.1422 0.1303 0.0437 0.0184  -0.0179 -0.0002 17  PRO A CA  
102 C C   . PRO A 17 ? 0.1047 0.1413 0.0580 0.0043  -0.0126 0.0132  17  PRO A C   
103 O O   . PRO A 17 ? 0.1108 0.1720 0.0779 -0.0084 -0.0174 0.0325  17  PRO A O   
104 C CB  . PRO A 17 ? 0.2211 0.1438 0.0720 0.0174  0.0012  -0.0216 17  PRO A CB  
105 C CG  . PRO A 17 ? 0.3340 0.1370 0.1058 0.0010  0.0253  -0.0244 17  PRO A CG  
106 C CD  . PRO A 17 ? 0.2437 0.1268 0.0698 0.0020  -0.0276 -0.0019 17  PRO A CD  
107 N N   . GLY A 18 ? 0.0825 0.1404 0.0438 0.0131  -0.0067 0.0102  18  GLY A N   
108 C CA  . GLY A 18 ? 0.0793 0.1273 0.0529 0.0256  -0.0045 -0.0027 18  GLY A CA  
109 C C   . GLY A 18 ? 0.0758 0.0928 0.0625 0.0153  -0.0134 0.0011  18  GLY A C   
110 O O   . GLY A 18 ? 0.0844 0.0875 0.0606 0.0210  -0.0071 0.0050  18  GLY A O   
111 N N   . PRO A 19 ? 0.0856 0.0857 0.0523 0.0167  0.0022  0.0090  19  PRO A N   
112 C CA  . PRO A 19 ? 0.0673 0.0841 0.0578 0.0228  -0.0053 0.0085  19  PRO A CA  
113 C C   . PRO A 19 ? 0.0657 0.0637 0.0544 0.0206  -0.0030 0.0067  19  PRO A C   
114 O O   . PRO A 19 ? 0.0637 0.0721 0.0529 0.0215  -0.0027 0.0063  19  PRO A O   
115 C CB  . PRO A 19 ? 0.0693 0.1101 0.0932 0.0396  -0.0013 0.0026  19  PRO A CB  
116 C CG  . PRO A 19 ? 0.0647 0.0973 0.1113 0.0333  0.0145  -0.0023 19  PRO A CG  
117 C CD  . PRO A 19 ? 0.0841 0.1002 0.0762 0.0234  0.0164  -0.0109 19  PRO A CD  
118 N N   . PRO A 20 ? 0.0786 0.0846 0.0551 0.0105  -0.0164 0.0133  20  PRO A N   
119 C CA  . PRO A 20 ? 0.0779 0.0781 0.0504 0.0271  -0.0046 0.0014  20  PRO A CA  
120 C C   . PRO A 20 ? 0.0718 0.0815 0.0402 0.0344  -0.0045 0.0125  20  PRO A C   
121 O O   . PRO A 20 ? 0.0774 0.0862 0.0476 0.0327  0.0047  0.0089  20  PRO A O   
122 C CB  . PRO A 20 ? 0.1012 0.1034 0.0628 0.0260  -0.0164 -0.0090 20  PRO A CB  
123 C CG  . PRO A 20 ? 0.0945 0.0988 0.0790 0.0216  -0.0330 -0.0074 20  PRO A CG  
124 C CD  . PRO A 20 ? 0.0839 0.0814 0.0781 0.0106  -0.0227 0.0039  20  PRO A CD  
125 N N   . GLY A 21 ? 0.0714 0.0735 0.0509 0.0338  -0.0059 0.0045  21  GLY A N   
126 C CA  . GLY A 21 ? 0.0710 0.0774 0.0423 0.0255  0.0066  0.0048  21  GLY A CA  
127 C C   . GLY A 21 ? 0.0591 0.0731 0.0453 0.0327  0.0053  0.0027  21  GLY A C   
128 O O   . GLY A 21 ? 0.0672 0.0750 0.0460 0.0260  0.0023  0.0051  21  GLY A O   
129 N N   . PRO A 22 ? 0.0746 0.0749 0.0497 0.0287  -0.0009 0.0017  22  PRO A N   
130 C CA  . PRO A 22 ? 0.0607 0.0745 0.0548 0.0302  0.0031  0.0158  22  PRO A CA  
131 C C   . PRO A 22 ? 0.0596 0.0755 0.0529 0.0286  0.0042  0.0200  22  PRO A C   
132 O O   . PRO A 22 ? 0.0631 0.0933 0.0524 0.0313  0.0050  0.0119  22  PRO A O   
133 C CB  . PRO A 22 ? 0.0977 0.0782 0.0716 0.0258  0.0075  0.0138  22  PRO A CB  
134 C CG  . PRO A 22 ? 0.0995 0.0876 0.0745 0.0207  0.0064  -0.0042 22  PRO A CG  
135 C CD  . PRO A 22 ? 0.0979 0.0818 0.0490 0.0205  0.0028  -0.0107 22  PRO A CD  
136 N N   . PRO A 23 ? 0.0646 0.0721 0.0504 0.0226  0.0024  0.0131  23  PRO A N   
137 C CA  . PRO A 23 ? 0.0706 0.0740 0.0512 0.0276  0.0044  0.0151  23  PRO A CA  
138 C C   . PRO A 23 ? 0.0735 0.0736 0.0414 0.0258  0.0039  0.0051  23  PRO A C   
139 O O   . PRO A 23 ? 0.0737 0.0738 0.0548 0.0230  0.0086  0.0006  23  PRO A O   
140 C CB  . PRO A 23 ? 0.0909 0.1182 0.0569 0.0041  -0.0088 0.0042  23  PRO A CB  
141 C CG  . PRO A 23 ? 0.0760 0.2847 0.0868 0.0536  -0.0187 -0.0470 23  PRO A CG  
142 C CD  . PRO A 23 ? 0.0613 0.0957 0.0602 0.0285  0.0005  0.0166  23  PRO A CD  
143 N N   . GLY A 24 ? 0.0754 0.0733 0.0504 0.0333  0.0123  0.0121  24  GLY A N   
144 C CA  . GLY A 24 ? 0.0686 0.0792 0.0584 0.0230  0.0094  0.0044  24  GLY A CA  
145 C C   . GLY A 24 ? 0.0753 0.0717 0.0394 0.0230  0.0050  -0.0017 24  GLY A C   
146 O O   . GLY A 24 ? 0.0763 0.0793 0.0677 0.0178  -0.0020 0.0017  24  GLY A O   
147 N N   . PRO A 25 ? 0.0861 0.0910 0.0606 0.0050  -0.0010 0.0125  25  PRO A N   
148 C CA  . PRO A 25 ? 0.1248 0.0643 0.0739 0.0024  -0.0183 0.0128  25  PRO A CA  
149 C C   . PRO A 25 ? 0.1317 0.0904 0.0717 -0.0030 -0.0171 0.0144  25  PRO A C   
150 O O   . PRO A 25 ? 0.1020 0.1007 0.0632 -0.0086 0.0026  0.0108  25  PRO A O   
151 C CB  . PRO A 25 ? 0.1641 0.0877 0.0754 -0.0164 -0.0007 0.0141  25  PRO A CB  
152 C CG  . PRO A 25 ? 0.1323 0.1049 0.1138 -0.0427 -0.0056 0.0218  25  PRO A CG  
153 C CD  . PRO A 25 ? 0.0864 0.1440 0.0686 -0.0054 0.0011  0.0197  25  PRO A CD  
154 N N   . PRO A 26 ? 0.2926 0.1015 0.0944 0.0506  -0.0725 0.0024  26  PRO A N   
155 C CA  . PRO A 26 ? 0.2881 0.1363 0.0862 0.0125  -0.0627 0.0118  26  PRO A CA  
156 C C   . PRO A 26 ? 0.3507 0.1487 0.1002 -0.0722 -0.0182 0.0306  26  PRO A C   
157 O O   . PRO A 26 ? 0.4834 0.2072 0.1840 -0.1792 0.0202  0.0352  26  PRO A O   
158 C CB  . PRO A 26 ? 0.4467 0.1933 0.1243 0.0972  -0.1208 0.0100  26  PRO A CB  
159 C CG  . PRO A 26 ? 0.4023 0.2078 0.1544 0.1354  -0.1515 -0.0206 26  PRO A CG  
160 C CD  . PRO A 26 ? 0.3317 0.1332 0.1501 0.0900  -0.1144 -0.0061 26  PRO A CD  
161 N N   . GLY A 27 ? 0.3426 0.2455 0.0857 -0.0936 0.0235  0.0053  27  GLY A N   
162 C CA  . GLY A 27 ? 0.5142 0.4954 0.2208 -0.1626 0.1772  0.0434  27  GLY A CA  
163 C C   . GLY A 27 ? 0.8571 0.7402 0.1887 -0.3050 0.1316  0.1499  27  GLY A C   
164 O O   . GLY A 27 ? 0.7286 1.4435 0.1649 -0.5489 0.1181  0.0497  27  GLY A O   
165 O OXT . GLY A 27 ? 1.2794 0.2965 0.1599 -0.2973 -0.1128 0.0852  27  GLY A OXT 
166 N N   . PRO B 2  ? 0.4226 0.2424 0.3583 -0.1212 -0.0806 0.1759  2   PRO B N   
167 C CA  . PRO B 2  ? 0.2745 0.1968 0.1774 -0.0343 -0.1176 0.0601  2   PRO B CA  
168 C C   . PRO B 2  ? 0.1681 0.2121 0.1289 -0.0082 -0.0300 0.0472  2   PRO B C   
169 O O   . PRO B 2  ? 0.1717 0.2415 0.1366 -0.0388 -0.0232 0.0325  2   PRO B O   
170 C CB  . PRO B 2  ? 0.4876 0.1392 0.2869 0.0391  -0.2163 0.0182  2   PRO B CB  
171 C CG  . PRO B 2  ? 0.6266 0.1698 0.5307 -0.1164 -0.1082 0.0905  2   PRO B CG  
172 C CD  . PRO B 2  ? 0.3491 0.2633 0.5786 -0.1427 -0.2287 0.1388  2   PRO B CD  
173 N N   . GLY B 3  ? 0.1343 0.1844 0.0963 0.0087  -0.0206 0.0297  3   GLY B N   
174 C CA  . GLY B 3  ? 0.1048 0.1808 0.0848 0.0244  -0.0054 0.0082  3   GLY B CA  
175 C C   . GLY B 3  ? 0.0915 0.1018 0.0886 0.0082  -0.0052 0.0129  3   GLY B C   
176 O O   . GLY B 3  ? 0.1186 0.1169 0.1071 0.0345  -0.0123 0.0182  3   GLY B O   
177 N N   . PRO B 4  ? 0.0736 0.0965 0.0911 0.0102  0.0064  0.0078  4   PRO B N   
178 C CA  . PRO B 4  ? 0.0731 0.0932 0.0911 0.0087  0.0002  0.0133  4   PRO B CA  
179 C C   . PRO B 4  ? 0.0636 0.0777 0.0756 0.0212  -0.0082 0.0178  4   PRO B C   
180 O O   . PRO B 4  ? 0.0701 0.0798 0.0712 0.0184  -0.0038 0.0065  4   PRO B O   
181 C CB  . PRO B 4  ? 0.0689 0.1267 0.1265 0.0257  0.0071  -0.0019 4   PRO B CB  
182 C CG  . PRO B 4  ? 0.0758 0.0964 0.1419 0.0254  0.0173  0.0024  4   PRO B CG  
183 C CD  . PRO B 4  ? 0.0786 0.1036 0.1207 0.0057  0.0221  -0.0096 4   PRO B CD  
184 N N   . PRO B 5  ? 0.0695 0.0943 0.0777 0.0152  -0.0215 0.0199  5   PRO B N   
185 C CA  . PRO B 5  ? 0.0898 0.0840 0.0679 0.0339  -0.0072 0.0030  5   PRO B CA  
186 C C   . PRO B 5  ? 0.0726 0.0800 0.0666 0.0293  -0.0085 0.0105  5   PRO B C   
187 O O   . PRO B 5  ? 0.0804 0.0842 0.0676 0.0312  0.0035  0.0110  5   PRO B O   
188 C CB  . PRO B 5  ? 0.1187 0.1085 0.0844 0.0219  -0.0271 -0.0127 5   PRO B CB  
189 C CG  . PRO B 5  ? 0.1111 0.1112 0.0951 0.0236  -0.0407 0.0094  5   PRO B CG  
190 C CD  . PRO B 5  ? 0.0833 0.1047 0.1002 0.0118  -0.0386 0.0115  5   PRO B CD  
191 N N   . GLY B 6  ? 0.0747 0.0861 0.0596 0.0474  -0.0065 0.0122  6   GLY B N   
192 C CA  . GLY B 6  ? 0.0705 0.0876 0.0504 0.0277  0.0077  0.0077  6   GLY B CA  
193 C C   . GLY B 6  ? 0.0718 0.0641 0.0542 0.0316  0.0063  0.0044  6   GLY B C   
194 O O   . GLY B 6  ? 0.0734 0.0802 0.0524 0.0295  0.0082  0.0071  6   GLY B O   
195 N N   . PRO B 7  ? 0.0660 0.0756 0.0484 0.0283  0.0048  0.0044  7   PRO B N   
196 C CA  . PRO B 7  ? 0.0613 0.0820 0.0474 0.0336  0.0061  0.0119  7   PRO B CA  
197 C C   . PRO B 7  ? 0.0618 0.0629 0.0513 0.0283  0.0083  0.0136  7   PRO B C   
198 O O   . PRO B 7  ? 0.0620 0.0821 0.0540 0.0318  0.0104  0.0076  7   PRO B O   
199 C CB  . PRO B 7  ? 0.0883 0.0734 0.0646 0.0348  0.0097  0.0050  7   PRO B CB  
200 C CG  . PRO B 7  ? 0.0957 0.0980 0.0606 0.0129  0.0129  -0.0004 7   PRO B CG  
201 C CD  . PRO B 7  ? 0.0833 0.0825 0.0545 0.0125  -0.0001 -0.0097 7   PRO B CD  
202 N N   . PRO B 8  ? 0.0669 0.0725 0.0513 0.0272  0.0068  0.0083  8   PRO B N   
203 C CA  . PRO B 8  ? 0.0762 0.0809 0.0550 0.0291  0.0095  -0.0004 8   PRO B CA  
204 C C   . PRO B 8  ? 0.0782 0.0741 0.0375 0.0332  0.0091  0.0031  8   PRO B C   
205 O O   . PRO B 8  ? 0.0977 0.0693 0.0500 0.0272  0.0138  0.0042  8   PRO B O   
206 C CB  . PRO B 8  ? 0.0837 0.1472 0.0686 0.0332  -0.0127 -0.0229 8   PRO B CB  
207 C CG  . PRO B 8  ? 0.0757 0.2720 0.0980 0.0246  -0.0049 -0.0676 8   PRO B CG  
208 C CD  . PRO B 8  ? 0.0638 0.0781 0.0598 0.0269  -0.0006 0.0042  8   PRO B CD  
209 N N   . GLY B 9  ? 0.0852 0.0711 0.0454 0.0308  0.0156  0.0062  9   GLY B N   
210 C CA  . GLY B 9  ? 0.0853 0.0751 0.0538 0.0292  0.0177  0.0137  9   GLY B CA  
211 C C   . GLY B 9  ? 0.0939 0.0750 0.0335 0.0291  0.0168  -0.0015 9   GLY B C   
212 O O   . GLY B 9  ? 0.1000 0.0954 0.0592 0.0393  0.0082  0.0172  9   GLY B O   
213 N N   . PRO B 10 ? 0.1102 0.0790 0.0592 0.0309  0.0245  0.0124  10  PRO B N   
214 C CA  . PRO B 10 ? 0.1307 0.0760 0.0680 0.0156  0.0134  0.0152  10  PRO B CA  
215 C C   . PRO B 10 ? 0.1395 0.0753 0.0626 0.0334  0.0363  0.0249  10  PRO B C   
216 O O   . PRO B 10 ? 0.0964 0.0628 0.0698 0.0149  0.0218  0.0132  10  PRO B O   
217 C CB  . PRO B 10 ? 0.1433 0.1037 0.0923 0.0033  0.0157  0.0200  10  PRO B CB  
218 C CG  . PRO B 10 ? 0.1379 0.0962 0.0768 0.0007  0.0120  0.0049  10  PRO B CG  
219 C CD  . PRO B 10 ? 0.1085 0.0978 0.0765 0.0178  0.0186  0.0077  10  PRO B CD  
220 N N   . PRO B 11 ? 0.1788 0.0785 0.0655 0.0484  0.0262  0.0167  11  PRO B N   
221 C CA  . PRO B 11 ? 0.1653 0.0683 0.0595 0.0196  0.0153  0.0218  11  PRO B CA  
222 C C   . PRO B 11 ? 0.1620 0.0970 0.0425 0.0290  0.0069  0.0047  11  PRO B C   
223 O O   . PRO B 11 ? 0.1960 0.0988 0.0716 -0.0260 0.0347  -0.0056 11  PRO B O   
224 C CB  . PRO B 11 ? 0.1820 0.1315 0.0844 0.0568  0.0099  0.0351  11  PRO B CB  
225 C CG  . PRO B 11 ? 0.2440 0.1690 0.1048 0.1076  0.0309  0.0450  11  PRO B CG  
226 C CD  . PRO B 11 ? 0.2501 0.0967 0.0951 0.0836  0.0498  0.0317  11  PRO B CD  
227 N N   . GLY B 12 ? 0.1525 0.0806 0.0443 0.0127  0.0066  0.0044  12  GLY B N   
228 C CA  . GLY B 12 ? 0.1468 0.0768 0.0562 0.0211  0.0012  0.0070  12  GLY B CA  
229 C C   . GLY B 12 ? 0.1410 0.0930 0.0478 0.0158  0.0065  0.0045  12  GLY B C   
230 O O   . GLY B 12 ? 0.1546 0.0902 0.0676 0.0193  0.0145  0.0188  12  GLY B O   
231 N N   . HYP B 13 ? 0.1454 0.1185 0.0558 0.0270  0.0021  0.0046  13  HYP B N   
232 C CA  . HYP B 13 ? 0.1274 0.1068 0.0483 0.0144  0.0017  -0.0027 13  HYP B CA  
233 C C   . HYP B 13 ? 0.0954 0.1168 0.0634 0.0099  0.0156  0.0148  13  HYP B C   
234 O O   . HYP B 13 ? 0.0939 0.1187 0.0564 0.0112  0.0057  0.0139  13  HYP B O   
235 C CB  . HYP B 13 ? 0.1058 0.2033 0.0886 0.0414  -0.0078 0.0078  13  HYP B CB  
236 C CG  . HYP B 13 ? 0.2000 0.1864 0.1084 0.0935  0.0149  0.0005  13  HYP B CG  
237 C CD  . HYP B 13 ? 0.2152 0.1426 0.0455 0.0866  0.0048  0.0052  13  HYP B CD  
238 O OD1 . HYP B 13 ? 0.1521 0.3761 0.1270 0.0970  -0.0436 -0.0321 13  HYP B OD1 
239 N N   . ASP B 14 ? 0.1258 0.0920 0.0609 0.0119  -0.0006 -0.0067 14  ASP B N   
240 C CA  . ASP B 14 ? 0.1221 0.1019 0.0682 0.0271  0.0027  0.0056  14  ASP B CA  
241 C C   . ASP B 14 ? 0.1203 0.0882 0.0462 0.0295  0.0014  0.0158  14  ASP B C   
242 O O   . ASP B 14 ? 0.1048 0.1226 0.0528 0.0316  0.0000  0.0117  14  ASP B O   
243 C CB  . ASP B 14 ? 0.1786 0.1008 0.0954 0.0229  -0.0001 0.0205  14  ASP B CB  
244 C CG  . ASP B 14 ? 0.2095 0.0999 0.1423 0.0279  -0.0155 0.0103  14  ASP B CG  
245 O OD1 . ASP B 14 ? 0.1898 0.1410 0.2276 0.0330  0.0169  -0.0590 14  ASP B OD1 
246 O OD2 . ASP B 14 ? 0.2996 0.1385 0.2446 -0.0267 0.0424  -0.0237 14  ASP B OD2 
247 N N   . GLY B 15 ? 0.1047 0.1069 0.0521 0.0399  0.0103  0.0156  15  GLY B N   
248 C CA  . GLY B 15 ? 0.1056 0.1033 0.0530 0.0182  0.0049  0.0058  15  GLY B CA  
249 C C   . GLY B 15 ? 0.0852 0.1206 0.0510 0.0229  0.0000  0.0116  15  GLY B C   
250 O O   . GLY B 15 ? 0.0977 0.1337 0.0694 0.0143  -0.0005 0.0180  15  GLY B O   
251 N N   . PRO B 16 ? 0.0987 0.1447 0.0444 0.0333  -0.0009 0.0083  16  PRO B N   
252 C CA  . PRO B 16 ? 0.1038 0.1742 0.0574 0.0549  0.0021  0.0207  16  PRO B CA  
253 C C   . PRO B 16 ? 0.0789 0.1709 0.0425 0.0273  -0.0110 0.0160  16  PRO B C   
254 O O   . PRO B 16 ? 0.0724 0.1366 0.0484 0.0297  -0.0050 0.0041  16  PRO B O   
255 C CB  . PRO B 16 ? 0.1726 0.1905 0.0668 0.0899  0.0257  0.0050  16  PRO B CB  
256 C CG  . PRO B 16 ? 0.3464 0.1819 0.2268 -0.0119 0.1761  -0.0731 16  PRO B CG  
257 C CD  . PRO B 16 ? 0.1109 0.1317 0.0755 0.0317  -0.0040 -0.0126 16  PRO B CD  
258 N N   . PRO B 17 ? 0.0794 0.1544 0.0524 0.0221  -0.0059 0.0153  17  PRO B N   
259 C CA  . PRO B 17 ? 0.0782 0.1189 0.0588 0.0226  0.0023  0.0078  17  PRO B CA  
260 C C   . PRO B 17 ? 0.0900 0.1075 0.0467 0.0407  0.0008  0.0090  17  PRO B C   
261 O O   . PRO B 17 ? 0.1026 0.1093 0.0629 0.0571  0.0007  0.0102  17  PRO B O   
262 C CB  . PRO B 17 ? 0.0871 0.1817 0.0803 0.0067  0.0010  0.0442  17  PRO B CB  
263 C CG  . PRO B 17 ? 0.0851 0.3427 0.2524 0.0302  0.0210  0.2053  17  PRO B CG  
264 C CD  . PRO B 17 ? 0.0791 0.2246 0.0834 0.0385  0.0056  0.0478  17  PRO B CD  
265 N N   . GLY B 18 ? 0.0830 0.0944 0.0466 0.0453  0.0007  -0.0076 18  GLY B N   
266 C CA  . GLY B 18 ? 0.0913 0.0737 0.0509 0.0304  0.0001  0.0030  18  GLY B CA  
267 C C   . GLY B 18 ? 0.0835 0.0689 0.0475 0.0309  -0.0063 0.0034  18  GLY B C   
268 O O   . GLY B 18 ? 0.0869 0.0757 0.0539 0.0283  -0.0008 0.0010  18  GLY B O   
269 N N   . PRO B 19 ? 0.0868 0.0682 0.0567 0.0217  0.0072  0.0020  19  PRO B N   
270 C CA  . PRO B 19 ? 0.0864 0.0684 0.0480 0.0247  -0.0039 -0.0063 19  PRO B CA  
271 C C   . PRO B 19 ? 0.0781 0.0699 0.0460 0.0332  -0.0022 -0.0047 19  PRO B C   
272 O O   . PRO B 19 ? 0.0734 0.0682 0.0485 0.0299  -0.0022 -0.0012 19  PRO B O   
273 C CB  . PRO B 19 ? 0.0997 0.0726 0.0689 0.0152  0.0012  -0.0113 19  PRO B CB  
274 C CG  . PRO B 19 ? 0.1009 0.0805 0.0814 0.0111  0.0082  -0.0155 19  PRO B CG  
275 C CD  . PRO B 19 ? 0.0892 0.0769 0.0745 0.0135  0.0064  -0.0025 19  PRO B CD  
276 N N   . PRO B 20 ? 0.0664 0.0697 0.0490 0.0244  -0.0042 -0.0114 20  PRO B N   
277 C CA  . PRO B 20 ? 0.0676 0.0640 0.0576 0.0187  0.0026  -0.0025 20  PRO B CA  
278 C C   . PRO B 20 ? 0.0805 0.0670 0.0373 0.0193  0.0011  0.0027  20  PRO B C   
279 O O   . PRO B 20 ? 0.0789 0.0685 0.0572 0.0209  -0.0100 0.0021  20  PRO B O   
280 C CB  . PRO B 20 ? 0.0851 0.0814 0.0714 0.0232  0.0169  -0.0035 20  PRO B CB  
281 C CG  . PRO B 20 ? 0.0663 0.0920 0.0885 0.0218  0.0081  0.0008  20  PRO B CG  
282 C CD  . PRO B 20 ? 0.0703 0.0658 0.0901 0.0302  0.0012  0.0005  20  PRO B CD  
283 N N   . GLY B 21 ? 0.0699 0.0681 0.0546 0.0226  -0.0080 -0.0124 21  GLY B N   
284 C CA  . GLY B 21 ? 0.0765 0.0742 0.0437 0.0286  -0.0014 0.0030  21  GLY B CA  
285 C C   . GLY B 21 ? 0.0729 0.0663 0.0396 0.0261  0.0062  0.0057  21  GLY B C   
286 O O   . GLY B 21 ? 0.0696 0.0753 0.0449 0.0202  0.0075  0.0008  21  GLY B O   
287 N N   . PRO B 22 ? 0.0736 0.0694 0.0432 0.0219  0.0045  0.0051  22  PRO B N   
288 C CA  . PRO B 22 ? 0.0871 0.0662 0.0507 0.0157  0.0036  0.0023  22  PRO B CA  
289 C C   . PRO B 22 ? 0.0745 0.0685 0.0369 0.0251  -0.0040 0.0043  22  PRO B C   
290 O O   . PRO B 22 ? 0.0758 0.0684 0.0542 0.0219  0.0051  -0.0017 22  PRO B O   
291 C CB  . PRO B 22 ? 0.0956 0.0783 0.0613 0.0138  -0.0127 0.0008  22  PRO B CB  
292 C CG  . PRO B 22 ? 0.0818 0.2922 0.1034 0.0311  -0.0089 -0.0682 22  PRO B CG  
293 C CD  . PRO B 22 ? 0.0646 0.0947 0.0556 0.0283  0.0049  0.0028  22  PRO B CD  
294 N N   . PRO B 23 ? 0.0804 0.0665 0.0482 0.0210  -0.0017 0.0030  23  PRO B N   
295 C CA  . PRO B 23 ? 0.0819 0.0783 0.0490 0.0137  0.0001  0.0085  23  PRO B CA  
296 C C   . PRO B 23 ? 0.0880 0.0746 0.0397 0.0111  0.0054  0.0024  23  PRO B C   
297 O O   . PRO B 23 ? 0.0812 0.0727 0.0813 0.0110  -0.0002 0.0070  23  PRO B O   
298 C CB  . PRO B 23 ? 0.1044 0.0912 0.0582 0.0239  0.0151  0.0026  23  PRO B CB  
299 C CG  . PRO B 23 ? 0.1243 0.0794 0.0806 0.0246  0.0314  0.0050  23  PRO B CG  
300 C CD  . PRO B 23 ? 0.1053 0.0687 0.0578 0.0252  0.0073  -0.0072 23  PRO B CD  
301 N N   . GLY B 24 ? 0.0942 0.0720 0.0596 0.0123  -0.0032 0.0109  24  GLY B N   
302 C CA  . GLY B 24 ? 0.0995 0.0754 0.0622 0.0145  -0.0028 0.0062  24  GLY B CA  
303 C C   . GLY B 24 ? 0.1255 0.0697 0.0735 0.0018  -0.0196 0.0041  24  GLY B C   
304 O O   . GLY B 24 ? 0.1679 0.0837 0.0692 0.0145  -0.0174 -0.0040 24  GLY B O   
305 N N   . PRO B 25 ? 0.1303 0.1447 0.0668 0.0210  -0.0220 0.0074  25  PRO B N   
306 C CA  . PRO B 25 ? 0.1471 0.2238 0.0909 -0.0175 -0.0407 -0.0066 25  PRO B CA  
307 C C   . PRO B 25 ? 0.1931 0.1440 0.0759 0.0008  -0.0191 -0.0124 25  PRO B C   
308 O O   . PRO B 25 ? 0.2072 0.1639 0.0824 -0.0231 -0.0086 0.0003  25  PRO B O   
309 C CB  . PRO B 25 ? 0.1629 0.3294 0.1153 0.0119  -0.0500 0.0539  25  PRO B CB  
310 C CG  . PRO B 25 ? 0.1535 0.2723 0.1896 0.0677  -0.0585 0.0498  25  PRO B CG  
311 C CD  . PRO B 25 ? 0.1156 0.2165 0.0992 0.0700  0.0060  0.0215  25  PRO B CD  
312 N N   . PRO B 26 ? 0.2231 0.3379 0.1182 -0.0656 -0.0127 -0.0984 26  PRO B N   
313 C CA  . PRO B 26 ? 0.3027 0.5495 0.0977 -0.1242 0.0187  -0.1286 26  PRO B CA  
314 C C   . PRO B 26 ? 0.5107 0.6125 0.0791 -0.1705 -0.0255 -0.0035 26  PRO B C   
315 O O   . PRO B 26 ? 0.8952 0.5828 0.2727 -0.2183 -0.3311 0.0985  26  PRO B O   
316 C CB  . PRO B 26 ? 0.4329 0.6773 0.1850 -0.1366 0.0465  -0.2498 26  PRO B CB  
317 C CG  . PRO B 26 ? 0.4522 0.5773 0.2995 -0.1364 0.0502  -0.3005 26  PRO B CG  
318 C CD  . PRO B 26 ? 0.2990 0.4405 0.2737 -0.1489 0.0292  -0.2391 26  PRO B CD  
319 N N   . PRO C 4  ? 0.1633 1.0080 0.2535 0.0709  -0.0059 0.4094  4   PRO C N   
320 C CA  . PRO C 4  ? 0.1879 0.7728 0.2195 0.0558  -0.0293 0.3040  4   PRO C CA  
321 C C   . PRO C 4  ? 0.1189 0.4867 0.1408 0.0186  -0.0265 0.1466  4   PRO C C   
322 O O   . PRO C 4  ? 0.1223 0.3353 0.0957 0.0314  -0.0038 0.0559  4   PRO C O   
323 C CB  . PRO C 4  ? 0.1684 0.6754 0.4954 0.0720  -0.0151 0.4365  4   PRO C CB  
324 C CG  . PRO C 4  ? 0.1722 0.9286 0.5846 -0.0547 -0.0023 0.4822  4   PRO C CG  
325 C CD  . PRO C 4  ? 0.1343 1.0948 0.4741 0.0060  -0.0191 0.4807  4   PRO C CD  
326 N N   . PRO C 5  ? 0.1075 0.2708 0.0908 0.0387  -0.0210 0.0409  5   PRO C N   
327 C CA  . PRO C 5  ? 0.1077 0.1615 0.0877 0.0418  -0.0085 0.0083  5   PRO C CA  
328 C C   . PRO C 5  ? 0.1201 0.1321 0.0773 0.0556  -0.0071 0.0081  5   PRO C C   
329 O O   . PRO C 5  ? 0.1447 0.1201 0.1112 0.0511  0.0067  0.0331  5   PRO C O   
330 C CB  . PRO C 5  ? 0.1198 0.2145 0.1159 0.0129  -0.0084 0.0359  5   PRO C CB  
331 C CG  . PRO C 5  ? 0.1307 0.2302 0.2641 0.0010  -0.0521 0.1051  5   PRO C CG  
332 C CD  . PRO C 5  ? 0.1084 0.2835 0.1504 0.0351  -0.0180 0.0758  5   PRO C CD  
333 N N   . GLY C 6  ? 0.1164 0.0950 0.0710 0.0411  -0.0007 0.0011  6   GLY C N   
334 C CA  . GLY C 6  ? 0.1238 0.0758 0.0716 0.0256  -0.0050 0.0120  6   GLY C CA  
335 C C   . GLY C 6  ? 0.1110 0.0659 0.0766 0.0400  -0.0031 0.0051  6   GLY C C   
336 O O   . GLY C 6  ? 0.1154 0.0830 0.0775 0.0333  -0.0084 0.0073  6   GLY C O   
337 N N   . PRO C 7  ? 0.1085 0.0789 0.0685 0.0325  -0.0038 0.0080  7   PRO C N   
338 C CA  . PRO C 7  ? 0.0996 0.0567 0.0782 0.0284  -0.0051 -0.0002 7   PRO C CA  
339 C C   . PRO C 7  ? 0.0805 0.0525 0.0578 0.0262  -0.0143 -0.0068 7   PRO C C   
340 O O   . PRO C 7  ? 0.0801 0.0744 0.0653 0.0356  -0.0002 -0.0006 7   PRO C O   
341 C CB  . PRO C 7  ? 0.1043 0.0611 0.1109 0.0154  -0.0020 -0.0166 7   PRO C CB  
342 C CG  . PRO C 7  ? 0.1045 0.0828 0.1055 0.0168  0.0003  -0.0138 7   PRO C CG  
343 C CD  . PRO C 7  ? 0.1024 0.0934 0.1005 0.0254  0.0028  0.0100  7   PRO C CD  
344 N N   . PRO C 8  ? 0.0658 0.0704 0.0706 0.0297  -0.0104 -0.0066 8   PRO C N   
345 C CA  . PRO C 8  ? 0.0813 0.0781 0.0661 0.0283  -0.0096 -0.0043 8   PRO C CA  
346 C C   . PRO C 8  ? 0.0794 0.0640 0.0483 0.0190  -0.0056 -0.0034 8   PRO C C   
347 O O   . PRO C 8  ? 0.0851 0.0662 0.0646 0.0217  -0.0094 0.0003  8   PRO C O   
348 C CB  . PRO C 8  ? 0.0855 0.0832 0.0857 0.0301  0.0025  -0.0030 8   PRO C CB  
349 C CG  . PRO C 8  ? 0.0770 0.0967 0.1047 0.0358  0.0033  -0.0049 8   PRO C CG  
350 C CD  . PRO C 8  ? 0.0744 0.0743 0.0989 0.0335  -0.0016 -0.0059 8   PRO C CD  
351 N N   . GLY C 9  ? 0.0705 0.0649 0.0636 0.0200  0.0010  -0.0083 9   GLY C N   
352 C CA  . GLY C 9  ? 0.0599 0.0700 0.0556 0.0186  0.0061  0.0016  9   GLY C CA  
353 C C   . GLY C 9  ? 0.0736 0.0666 0.0505 0.0299  0.0043  0.0148  9   GLY C C   
354 O O   . GLY C 9  ? 0.0728 0.0796 0.0525 0.0267  0.0052  0.0051  9   GLY C O   
355 N N   . PRO C 10 ? 0.0716 0.0662 0.0516 0.0192  0.0127  0.0068  10  PRO C N   
356 C CA  . PRO C 10 ? 0.0713 0.0722 0.0507 0.0201  0.0080  0.0113  10  PRO C CA  
357 C C   . PRO C 10 ? 0.0819 0.0609 0.0389 0.0230  0.0027  0.0060  10  PRO C C   
358 O O   . PRO C 10 ? 0.0790 0.0665 0.0527 0.0231  0.0072  -0.0017 10  PRO C O   
359 C CB  . PRO C 10 ? 0.0864 0.0776 0.0700 0.0103  0.0006  0.0007  10  PRO C CB  
360 C CG  . PRO C 10 ? 0.0780 0.4613 0.1379 0.0585  -0.0167 -0.1443 10  PRO C CG  
361 C CD  . PRO C 10 ? 0.0700 0.1124 0.0569 0.0337  0.0030  -0.0040 10  PRO C CD  
362 N N   . PRO C 11 ? 0.0820 0.0594 0.0459 0.0196  0.0077  0.0083  11  PRO C N   
363 C CA  . PRO C 11 ? 0.0846 0.0706 0.0496 0.0159  0.0139  0.0018  11  PRO C CA  
364 C C   . PRO C 11 ? 0.0875 0.0802 0.0383 0.0109  0.0090  0.0082  11  PRO C C   
365 O O   . PRO C 11 ? 0.0896 0.0714 0.0643 0.0078  0.0015  0.0128  11  PRO C O   
366 C CB  . PRO C 11 ? 0.1292 0.0721 0.0648 0.0103  0.0296  -0.0074 11  PRO C CB  
367 C CG  . PRO C 11 ? 0.1245 0.0708 0.0836 0.0164  0.0342  -0.0014 11  PRO C CG  
368 C CD  . PRO C 11 ? 0.1061 0.0650 0.0487 0.0118  0.0084  -0.0107 11  PRO C CD  
369 N N   . GLY C 12 ? 0.0922 0.0737 0.0484 0.0149  0.0035  0.0111  12  GLY C N   
370 C CA  . GLY C 12 ? 0.1020 0.0709 0.0518 0.0059  -0.0015 0.0171  12  GLY C CA  
371 C C   . GLY C 12 ? 0.1149 0.1101 0.0508 -0.0132 -0.0030 0.0290  12  GLY C C   
372 O O   . GLY C 12 ? 0.1819 0.1125 0.0488 -0.0163 -0.0022 0.0084  12  GLY C O   
373 N N   A HYP C 13 ? 0.0978 0.1601 0.0614 -0.0040 -0.0078 0.0469  13  HYP C N   
374 N N   B HYP C 13 ? 0.1150 0.1487 0.0638 -0.0063 -0.0054 0.0523  13  HYP C N   
375 C CA  A HYP C 13 ? 0.1090 0.1925 0.0739 -0.0277 -0.0232 0.0548  13  HYP C CA  
376 C CA  B HYP C 13 ? 0.1118 0.1795 0.0761 -0.0128 -0.0151 0.0573  13  HYP C CA  
377 C C   A HYP C 13 ? 0.1530 0.1526 0.0577 -0.0215 -0.0050 0.0506  13  HYP C C   
378 C C   B HYP C 13 ? 0.1559 0.1606 0.0600 -0.0440 -0.0082 0.0511  13  HYP C C   
379 O O   A HYP C 13 ? 0.1569 0.1192 0.0405 -0.0294 0.0225  0.0235  13  HYP C O   
380 O O   B HYP C 13 ? 0.0924 0.1377 0.0673 0.0289  -0.0056 0.0387  13  HYP C O   
381 C CB  A HYP C 13 ? 0.0816 0.2627 0.1121 0.0045  -0.0177 0.0869  13  HYP C CB  
382 C CB  B HYP C 13 ? 0.1655 0.1907 0.0948 0.0179  -0.0212 0.0835  13  HYP C CB  
383 C CG  A HYP C 13 ? 0.1337 0.1934 0.1246 0.0259  -0.0130 0.0796  13  HYP C CG  
384 C CG  B HYP C 13 ? 0.1527 0.1954 0.1066 0.0438  -0.0309 0.0532  13  HYP C CG  
385 C CD  A HYP C 13 ? 0.1323 0.1640 0.0638 0.0397  0.0178  0.0754  13  HYP C CD  
386 C CD  B HYP C 13 ? 0.1283 0.1301 0.0696 -0.0043 0.0225  0.0754  13  HYP C CD  
387 O OD1 A HYP C 13 ? 0.1161 0.3052 0.2031 0.0479  0.0493  0.1365  13  HYP C OD1 
388 O OD1 B HYP C 13 ? 0.1931 0.2808 0.2099 0.1088  -0.1127 -0.0371 13  HYP C OD1 
389 N N   . ASP C 14 ? 0.2079 0.1844 0.0795 -0.0753 -0.0082 0.0284  14  ASP C N   
390 C CA  . ASP C 14 ? 0.2124 0.1965 0.0553 -0.0520 -0.0206 0.0277  14  ASP C CA  
391 C C   . ASP C 14 ? 0.1838 0.1885 0.0481 -0.0190 -0.0074 0.0445  14  ASP C C   
392 O O   . ASP C 14 ? 0.1652 0.2061 0.0621 -0.0261 0.0050  0.0360  14  ASP C O   
393 C CB  . ASP C 14 ? 0.2934 0.3799 0.0993 -0.1857 -0.0126 -0.0320 14  ASP C CB  
394 C CG  . ASP C 14 ? 0.3153 0.3681 0.1801 -0.2023 0.0119  -0.1026 14  ASP C CG  
395 O OD1 . ASP C 14 ? 0.6801 0.3206 0.2253 -0.1179 0.0805  -0.0587 14  ASP C OD1 
396 O OD2 . ASP C 14 ? 0.7289 0.5035 0.2114 -0.2834 0.1208  -0.1732 14  ASP C OD2 
397 N N   . GLY C 15 ? 0.1755 0.1316 0.0586 0.0089  -0.0076 0.0213  15  GLY C N   
398 C CA  . GLY C 15 ? 0.1270 0.1188 0.0574 0.0347  0.0049  0.0134  15  GLY C CA  
399 C C   . GLY C 15 ? 0.1266 0.1490 0.0385 0.0338  0.0129  0.0211  15  GLY C C   
400 O O   . GLY C 15 ? 0.1358 0.1619 0.0573 0.0270  0.0110  0.0326  15  GLY C O   
401 N N   . PRO C 16 ? 0.1397 0.1334 0.0516 0.0570  0.0158  0.0189  16  PRO C N   
402 C CA  . PRO C 16 ? 0.1401 0.1537 0.0673 0.0768  0.0159  0.0265  16  PRO C CA  
403 C C   . PRO C 16 ? 0.1356 0.1321 0.0563 0.0687  0.0199  0.0405  16  PRO C C   
404 O O   . PRO C 16 ? 0.1251 0.0981 0.0654 0.0413  0.0084  0.0175  16  PRO C O   
405 C CB  . PRO C 16 ? 0.2464 0.1295 0.0828 0.0804  0.0264  0.0269  16  PRO C CB  
406 C CG  . PRO C 16 ? 0.2320 0.1414 0.1094 0.0406  0.0055  0.0184  16  PRO C CG  
407 C CD  . PRO C 16 ? 0.1627 0.1414 0.0621 0.0373  0.0190  0.0046  16  PRO C CD  
408 N N   . PRO C 17 ? 0.1355 0.2229 0.0708 0.0895  0.0198  0.0267  17  PRO C N   
409 C CA  . PRO C 17 ? 0.1515 0.2190 0.0597 0.0811  -0.0016 0.0227  17  PRO C CA  
410 C C   . PRO C 17 ? 0.1777 0.1640 0.0537 0.0830  0.0203  0.0187  17  PRO C C   
411 O O   . PRO C 17 ? 0.2554 0.1482 0.0746 0.0969  0.0544  0.0220  17  PRO C O   
412 C CB  . PRO C 17 ? 0.1746 0.3090 0.0960 0.1258  -0.0018 0.0499  17  PRO C CB  
413 C CG  . PRO C 17 ? 0.2822 0.3919 0.1446 0.2221  -0.0278 0.0160  17  PRO C CG  
414 C CD  . PRO C 17 ? 0.2238 0.4255 0.1183 0.2208  -0.0198 -0.0125 17  PRO C CD  
415 N N   . GLY C 18 ? 0.1796 0.1336 0.0554 0.0699  0.0101  0.0149  18  GLY C N   
416 C CA  . GLY C 18 ? 0.1734 0.1678 0.0510 0.0840  0.0229  0.0218  18  GLY C CA  
417 C C   . GLY C 18 ? 0.1244 0.1278 0.0554 0.0406  0.0070  0.0032  18  GLY C C   
418 O O   . GLY C 18 ? 0.1206 0.0996 0.0480 0.0272  0.0085  0.0068  18  GLY C O   
419 N N   . PRO C 19 ? 0.1233 0.1380 0.0440 0.0193  0.0008  -0.0156 19  PRO C N   
420 C CA  . PRO C 19 ? 0.1295 0.1111 0.0520 -0.0152 0.0114  -0.0162 19  PRO C CA  
421 C C   . PRO C 19 ? 0.0928 0.0724 0.0507 0.0063  0.0093  -0.0012 19  PRO C C   
422 O O   . PRO C 19 ? 0.0979 0.0889 0.0456 0.0255  0.0035  -0.0038 19  PRO C O   
423 C CB  . PRO C 19 ? 0.1737 0.1782 0.0973 -0.0670 -0.0111 -0.0375 19  PRO C CB  
424 C CG  . PRO C 19 ? 0.1344 0.2678 0.1190 -0.0317 0.0007  -0.0475 19  PRO C CG  
425 C CD  . PRO C 19 ? 0.1247 0.2125 0.0817 0.0245  -0.0105 -0.0435 19  PRO C CD  
426 N N   . PRO C 20 ? 0.0922 0.0742 0.0615 0.0210  0.0083  -0.0140 20  PRO C N   
427 C CA  . PRO C 20 ? 0.0812 0.0669 0.0561 0.0221  0.0097  -0.0019 20  PRO C CA  
428 C C   . PRO C 20 ? 0.0752 0.0681 0.0441 0.0205  0.0054  0.0065  20  PRO C C   
429 O O   . PRO C 20 ? 0.0770 0.0680 0.0547 0.0156  -0.0033 -0.0050 20  PRO C O   
430 C CB  . PRO C 20 ? 0.0894 0.0771 0.0759 0.0309  -0.0014 0.0013  20  PRO C CB  
431 C CG  . PRO C 20 ? 0.1302 0.0632 0.0966 0.0361  0.0227  -0.0106 20  PRO C CG  
432 C CD  . PRO C 20 ? 0.1234 0.0767 0.0809 0.0327  0.0267  -0.0101 20  PRO C CD  
433 N N   . GLY C 21 ? 0.0679 0.0688 0.0451 0.0137  -0.0019 -0.0051 21  GLY C N   
434 C CA  . GLY C 21 ? 0.0600 0.0705 0.0493 0.0184  -0.0029 -0.0070 21  GLY C CA  
435 C C   . GLY C 21 ? 0.0715 0.0670 0.0476 0.0114  -0.0043 -0.0107 21  GLY C C   
436 O O   . GLY C 21 ? 0.0907 0.0719 0.0522 0.0229  -0.0032 -0.0005 21  GLY C O   
437 N N   . PRO C 22 ? 0.0714 0.0811 0.0470 0.0068  0.0004  -0.0041 22  PRO C N   
438 C CA  . PRO C 22 ? 0.0820 0.0981 0.0610 0.0013  0.0067  0.0056  22  PRO C CA  
439 C C   . PRO C 22 ? 0.0691 0.0737 0.0556 0.0208  0.0096  -0.0019 22  PRO C C   
440 O O   . PRO C 22 ? 0.0736 0.0835 0.0543 0.0135  0.0111  -0.0010 22  PRO C O   
441 C CB  . PRO C 22 ? 0.0693 0.1131 0.0830 0.0031  0.0013  0.0137  22  PRO C CB  
442 C CG  . PRO C 22 ? 0.0682 0.1123 0.0820 0.0097  0.0063  -0.0001 22  PRO C CG  
443 C CD  . PRO C 22 ? 0.0631 0.0810 0.0841 0.0051  0.0030  -0.0077 22  PRO C CD  
444 N N   . PRO C 23 ? 0.0892 0.0930 0.0602 0.0135  0.0131  0.0109  23  PRO C N   
445 C CA  . PRO C 23 ? 0.0852 0.1042 0.0657 0.0386  0.0154  0.0203  23  PRO C CA  
446 C C   . PRO C 23 ? 0.0774 0.1199 0.0528 0.0336  0.0105  0.0157  23  PRO C C   
447 O O   . PRO C 23 ? 0.0651 0.1212 0.0748 0.0242  0.0134  -0.0056 23  PRO C O   
448 C CB  . PRO C 23 ? 0.0961 0.1103 0.0815 0.0303  0.0266  0.0276  23  PRO C CB  
449 C CG  . PRO C 23 ? 0.1202 0.1122 0.0992 0.0060  0.0143  0.0237  23  PRO C CG  
450 C CD  . PRO C 23 ? 0.1143 0.0780 0.0971 0.0106  0.0125  0.0081  23  PRO C CD  
451 N N   . GLY C 24 ? 0.0548 0.1127 0.0714 0.0243  0.0194  0.0163  24  GLY C N   
452 C CA  . GLY C 24 ? 0.0637 0.0915 0.0650 0.0206  0.0032  0.0221  24  GLY C CA  
453 C C   . GLY C 24 ? 0.0567 0.0968 0.0640 0.0268  0.0094  0.0221  24  GLY C C   
454 O O   . GLY C 24 ? 0.0752 0.0998 0.0694 0.0192  0.0136  0.0203  24  GLY C O   
455 N N   . PRO C 25 ? 0.0768 0.0921 0.0622 0.0122  0.0079  0.0110  25  PRO C N   
456 C CA  . PRO C 25 ? 0.0630 0.1096 0.0673 0.0230  0.0179  0.0171  25  PRO C CA  
457 C C   . PRO C 25 ? 0.0736 0.0728 0.0657 0.0150  0.0111  0.0087  25  PRO C C   
458 O O   . PRO C 25 ? 0.0733 0.0780 0.0666 0.0199  0.0038  -0.0076 25  PRO C O   
459 C CB  . PRO C 25 ? 0.0743 0.1019 0.1024 0.0294  0.0166  0.0113  25  PRO C CB  
460 C CG  . PRO C 25 ? 0.0669 0.1089 0.1313 0.0222  0.0148  -0.0172 25  PRO C CG  
461 C CD  . PRO C 25 ? 0.0829 0.0824 0.0870 0.0148  -0.0064 0.0095  25  PRO C CD  
462 N N   . PRO C 26 ? 0.0721 0.1169 0.1037 0.0226  0.0133  0.0376  26  PRO C N   
463 C CA  . PRO C 26 ? 0.0924 0.1319 0.0949 0.0172  0.0198  0.0445  26  PRO C CA  
464 C C   . PRO C 26 ? 0.1296 0.1812 0.0856 0.0533  0.0196  0.0036  26  PRO C C   
465 O O   . PRO C 26 ? 0.1846 0.2390 0.0998 0.1006  0.0086  -0.0382 26  PRO C O   
466 C CB  . PRO C 26 ? 0.0957 0.2147 0.1917 0.0093  0.0327  0.1224  26  PRO C CB  
467 C CG  . PRO C 26 ? 0.1275 0.2402 0.2901 -0.0454 -0.0440 0.1736  26  PRO C CG  
468 C CD  . PRO C 26 ? 0.0839 0.1385 0.1380 -0.0059 0.0196  0.0493  26  PRO C CD  
469 N N   . GLY C 27 ? 0.1258 0.1856 0.0752 0.0210  0.0159  0.0144  27  GLY C N   
470 C CA  . GLY C 27 ? 0.2054 0.2731 0.0741 0.0691  0.0009  -0.0308 27  GLY C CA  
471 C C   . GLY C 27 ? 0.2646 0.5346 0.1035 0.1165  0.0519  -0.0404 27  GLY C C   
472 O O   . GLY C 27 ? 0.4100 0.7410 0.1493 0.1752  0.0308  -0.1643 27  GLY C O   
473 O OXT . GLY C 27 ? 0.3142 0.6567 0.1514 0.0382  0.1143  0.0547  27  GLY C OXT 
474 O O   . HOH D .  ? 0.1014 0.1368 0.2237 0.0298  -0.0447 0.0252  101 HOH A O   
475 O O   . HOH D .  ? 0.1218 0.1149 0.0912 0.0657  -0.0055 -0.0110 103 HOH A O   
476 O O   . HOH D .  ? 0.2255 0.0871 0.1826 0.0570  -0.0238 -0.0232 106 HOH A O   
477 O O   . HOH D .  ? 0.1080 0.2206 0.1726 0.0828  -0.0072 -0.0700 112 HOH A O   
478 O O   . HOH D .  ? 0.0891 0.1604 0.1433 0.0140  -0.0010 -0.0397 117 HOH A O   
479 O O   . HOH D .  ? 0.1098 0.0842 0.1731 0.0236  -0.0040 -0.0078 121 HOH A O   
480 O O   . HOH D .  ? 0.0958 0.0925 0.0941 0.0127  0.0060  -0.0085 127 HOH A O   
481 O O   . HOH D .  ? 0.1295 0.2702 0.1704 0.0017  0.0113  -0.0990 133 HOH A O   
482 O O   . HOH D .  ? 0.1650 0.1747 0.1188 0.0509  0.0032  -0.0104 134 HOH A O   
483 O O   . HOH D .  ? 0.0928 0.1675 0.1489 0.0170  -0.0080 0.0191  135 HOH A O   
484 O O   . HOH D .  ? 0.0977 0.1286 0.0989 0.0075  -0.0037 -0.0098 136 HOH A O   
485 O O   . HOH D .  ? 0.1416 0.1191 0.2336 0.0580  0.0115  0.0460  138 HOH A O   
486 O O   . HOH D .  ? 0.1315 0.1811 0.1054 0.0427  -0.0054 -0.0266 141 HOH A O   
487 O O   . HOH D .  ? 0.0923 0.0902 0.1269 0.0077  0.0170  0.0062  142 HOH A O   
488 O O   . HOH D .  ? 0.1395 0.1135 0.1324 0.0049  -0.0235 0.0117  143 HOH A O   
489 O O   . HOH D .  ? 0.1451 0.1831 0.1455 0.0655  -0.0035 -0.0328 145 HOH A O   
490 O O   . HOH D .  ? 0.1293 0.1353 0.1112 -0.0236 0.0150  -0.0225 151 HOH A O   
491 O O   . HOH D .  ? 0.0780 0.1314 0.1616 0.0267  -0.0204 -0.0516 153 HOH A O   
492 O O   . HOH D .  ? 0.2701 0.1239 0.1295 0.0009  0.0482  -0.0360 157 HOH A O   
493 O O   . HOH D .  ? 0.3460 0.1752 0.2494 0.0637  -0.0970 -0.0534 158 HOH A O   
494 O O   . HOH D .  ? 0.1764 0.1118 0.1873 0.0028  0.0067  -0.0225 160 HOH A O   
495 O O   . HOH D .  ? 0.1784 0.3941 0.2409 0.1467  0.0804  0.1667  161 HOH A O   
496 O O   . HOH D .  ? 0.1012 0.1002 0.0935 0.0153  0.0175  -0.0125 162 HOH A O   
497 O O   . HOH D .  ? 0.1780 0.1881 0.1089 0.1194  -0.0542 -0.0396 165 HOH A O   
498 O O   . HOH D .  ? 0.2076 0.2661 0.1745 -0.0132 0.0730  -0.0548 166 HOH A O   
499 O O   . HOH D .  ? 0.1453 0.1858 0.3351 0.0719  0.0718  0.0885  168 HOH A O   
500 O O   . HOH D .  ? 0.2522 0.1937 0.1673 -0.0054 -0.0820 0.0020  170 HOH A O   
501 O O   . HOH D .  ? 0.1533 0.1175 0.2591 0.0225  0.0204  -0.0073 174 HOH A O   
502 O O   . HOH D .  ? 0.1484 0.1531 0.1916 0.0060  0.0001  0.0437  175 HOH A O   
503 O O   . HOH D .  ? 0.2098 0.2576 0.1951 -0.0408 -0.0052 -0.0901 176 HOH A O   
504 O O   . HOH D .  ? 0.1744 0.1910 0.1644 -0.0442 0.0265  -0.0154 178 HOH A O   
505 O O   . HOH D .  ? 0.3552 0.1396 0.1159 0.0212  -0.0263 -0.0122 179 HOH A O   
506 O O   . HOH D .  ? 0.1649 0.2233 0.2769 0.0056  -0.0137 0.0891  180 HOH A O   
507 O O   . HOH D .  ? 0.2426 0.2076 0.1531 0.0016  -0.0236 0.0189  181 HOH A O   
508 O O   . HOH D .  ? 0.1868 0.2172 0.1259 -0.0114 -0.0202 0.0271  185 HOH A O   
509 O O   . HOH D .  ? 0.1673 0.3016 0.1782 0.0370  -0.0237 -0.0800 199 HOH A O   
510 O O   . HOH D .  ? 0.2755 0.1613 0.1495 0.0679  0.0493  -0.0247 204 HOH A O   
511 O O   . HOH D .  ? 0.4093 0.2352 0.1257 -0.1188 0.0323  -0.0289 205 HOH A O   
512 O O   . HOH D .  ? 0.3817 0.3140 0.1918 -0.1444 0.0693  -0.0240 206 HOH A O   
513 O O   . HOH D .  ? 0.1972 0.6087 0.4651 0.0636  -0.0653 -0.3061 208 HOH A O   
514 O O   . HOH D .  ? 0.2527 0.1805 0.1818 -0.0136 -0.0291 -0.0205 209 HOH A O   
515 O O   . HOH D .  ? 0.3056 0.2737 0.3116 -0.0222 0.0808  0.0095  211 HOH A O   
516 O O   . HOH D .  ? 0.4186 0.3010 0.2359 0.0153  -0.0087 0.1170  213 HOH A O   
517 O O   . HOH D .  ? 0.3100 0.2928 0.4214 -0.0139 0.1710  -0.1083 217 HOH A O   
518 O O   . HOH D .  ? 0.4476 0.1652 0.3119 0.1465  -0.0671 -0.0432 220 HOH A O   
519 O O   . HOH D .  ? 0.7044 0.2202 0.5422 -0.1084 0.3592  -0.0160 222 HOH A O   
520 O O   . HOH D .  ? 0.3236 0.4869 0.1743 0.1984  0.0391  0.0763  223 HOH A O   
521 O O   . HOH D .  ? 0.2265 0.2480 0.4398 -0.0252 0.1433  -0.0979 224 HOH A O   
522 O O   . HOH D .  ? 0.3620 0.6180 0.5590 -0.0335 -0.2277 -0.1287 227 HOH A O   
523 O O   . HOH D .  ? 0.4486 0.5330 0.2489 -0.0594 -0.0750 0.1310  229 HOH A O   
524 O O   . HOH D .  ? 0.1379 0.2541 0.2447 0.0141  0.0191  0.0573  230 HOH A O   
525 O O   . HOH D .  ? 0.4929 0.4005 0.2300 0.2079  -0.0236 -0.0477 231 HOH A O   
526 O O   . HOH D .  ? 0.1936 0.4982 0.3487 0.0785  -0.0216 0.0127  242 HOH A O   
527 O O   . HOH D .  ? 0.6562 0.1326 0.5250 0.0056  0.2608  -0.0764 243 HOH A O   
528 O O   . HOH D .  ? 0.1490 0.9489 0.4038 -0.0833 0.0969  -0.3243 247 HOH A O   
529 O O   . HOH D .  ? 0.2907 0.7213 0.1958 0.2581  -0.0167 -0.0765 249 HOH A O   
530 O O   . HOH D .  ? 0.8289 0.4627 0.3047 -0.1496 0.0909  -0.0268 253 HOH A O   
531 O O   . HOH D .  ? 0.5103 0.2668 0.4610 -0.0572 0.1624  0.0717  257 HOH A O   
532 O O   . HOH D .  ? 0.6010 0.6125 0.4577 -0.1295 0.0065  -0.0864 258 HOH A O   
533 O O   . HOH D .  ? 0.6138 0.7849 0.2965 -0.2093 -0.0868 0.0283  259 HOH A O   
534 O O   . HOH D .  ? 0.2759 0.5231 0.7387 -0.1462 0.1279  -0.0711 261 HOH A O   
535 O O   . HOH D .  ? 0.5921 0.4371 0.7902 -0.0621 -0.0559 -0.1215 263 HOH A O   
536 O O   . HOH D .  ? 0.5164 0.5328 0.6671 -0.1319 0.1158  0.2195  264 HOH A O   
537 O O   . HOH E .  ? 0.2380 0.0864 0.0744 0.0039  0.0205  -0.0021 104 HOH B O   
538 O O   . HOH E .  ? 0.1192 0.0952 0.1586 0.0112  -0.0400 -0.0017 109 HOH B O   
539 O O   . HOH E .  ? 0.1193 0.0969 0.1358 0.0434  0.0089  0.0026  113 HOH B O   
540 O O   . HOH E .  ? 0.1170 0.1254 0.1033 0.0565  0.0066  0.0027  115 HOH B O   
541 O O   . HOH E .  ? 0.1617 0.0993 0.1367 0.0128  0.0537  0.0004  116 HOH B O   
542 O O   . HOH E .  ? 0.0816 0.0744 0.0932 0.0146  -0.0001 -0.0111 118 HOH B O   
543 O O   . HOH E .  ? 0.1092 0.1032 0.0981 0.0125  -0.0069 0.0023  120 HOH B O   
544 O O   . HOH E .  ? 0.1042 0.0826 0.0627 0.0304  0.0028  -0.0007 122 HOH B O   
545 O O   . HOH E .  ? 0.1296 0.1047 0.0890 0.0128  -0.0012 -0.0095 124 HOH B O   
546 O O   . HOH E .  ? 0.1093 0.1102 0.1470 -0.0094 0.0015  0.0042  128 HOH B O   
547 O O   . HOH E .  ? 0.0990 0.1020 0.1735 0.0209  0.0016  0.0036  129 HOH B O   
548 O O   . HOH E .  ? 0.1098 0.2643 0.2111 0.0447  0.0000  -0.0329 131 HOH B O   
549 O O   . HOH E .  ? 0.1413 0.1993 0.2193 0.0287  0.0191  0.0370  132 HOH B O   
550 O O   . HOH E .  ? 0.1515 0.0964 0.1300 0.0332  0.0001  0.0064  139 HOH B O   
551 O O   . HOH E .  ? 0.1088 0.1026 0.1432 0.0001  0.0209  0.0004  144 HOH B O   
552 O O   . HOH E .  ? 0.1978 0.1092 0.0916 0.0779  -0.0201 -0.0201 146 HOH B O   
553 O O   . HOH E .  ? 0.0934 0.1368 0.1742 0.0347  -0.0235 -0.0428 150 HOH B O   
554 O O   . HOH E .  ? 0.1283 0.2597 0.1053 -0.0060 -0.0004 0.0051  155 HOH B O   
555 O O   . HOH E .  ? 0.1427 0.1612 0.1194 0.0308  0.0258  0.0018  159 HOH B O   
556 O O   . HOH E .  ? 0.1827 0.2212 0.1230 0.1236  -0.0527 -0.0545 163 HOH B O   
557 O O   . HOH E .  ? 0.1008 0.1151 0.1101 0.0040  0.0213  -0.0106 164 HOH B O   
558 O O   . HOH E .  ? 0.1905 0.2115 0.1278 0.0018  0.0376  0.0010  169 HOH B O   
559 O O   . HOH E .  ? 0.1955 0.1455 0.0989 0.0140  0.0230  0.0036  171 HOH B O   
560 O O   . HOH E .  ? 0.1142 0.1575 0.1079 0.0388  -0.0164 0.0088  172 HOH B O   
561 O O   . HOH E .  ? 0.1267 0.3063 0.1771 -0.0076 0.0395  -0.0393 173 HOH B O   
562 O O   . HOH E .  ? 0.1902 0.1324 0.1572 -0.0265 0.0306  -0.0182 182 HOH B O   
563 O O   . HOH E .  ? 0.1796 0.1362 0.3149 0.0496  0.0612  0.0397  186 HOH B O   
564 O O   . HOH E .  ? 0.2401 0.1562 0.1911 -0.0336 -0.0271 -0.0106 188 HOH B O   
565 O O   . HOH E .  ? 0.0992 0.1712 0.3280 0.0195  0.0309  -0.0026 189 HOH B O   
566 O O   . HOH E .  ? 0.1953 0.2660 0.2187 -0.0809 -0.0588 0.0854  190 HOH B O   
567 O O   . HOH E .  ? 0.2304 0.2236 0.1800 0.0137  -0.0185 0.0530  194 HOH B O   
568 O O   . HOH E .  ? 0.3462 0.1525 0.1907 -0.0170 -0.0425 0.0038  201 HOH B O   
569 O O   . HOH E .  ? 0.1752 0.1550 0.2767 -0.0324 0.0898  0.0056  202 HOH B O   
570 O O   . HOH E .  ? 0.2705 0.4224 0.1963 -0.0881 0.0385  -0.1550 207 HOH B O   
571 O O   . HOH E .  ? 0.2093 0.2069 0.2357 0.0442  0.0235  0.0492  210 HOH B O   
572 O O   . HOH E .  ? 0.1668 0.2001 0.3023 0.0060  0.0363  -0.0006 212 HOH B O   
573 O O   . HOH E .  ? 0.3340 0.3462 0.2484 0.0457  -0.0551 -0.0184 214 HOH B O   
574 O O   . HOH E .  ? 0.4039 0.3439 0.1438 -0.2109 0.0648  -0.0224 219 HOH B O   
575 O O   . HOH E .  ? 0.3812 0.2711 0.5844 0.0437  -0.1805 0.0889  221 HOH B O   
576 O O   . HOH E .  ? 0.5002 0.2740 0.1428 -0.0887 0.0211  -0.0245 225 HOH B O   
577 O O   . HOH E .  ? 0.1053 0.5042 0.2743 -0.0119 0.0174  0.2271  228 HOH B O   
578 O O   . HOH E .  ? 0.7490 0.4313 0.3620 0.0483  -0.0612 -0.2436 232 HOH B O   
579 O O   . HOH E .  ? 0.2731 0.3717 0.4427 -0.0400 -0.0745 0.0735  233 HOH B O   
580 O O   . HOH E .  ? 0.3313 0.6685 0.4130 -0.1623 -0.0272 0.0323  235 HOH B O   
581 O O   . HOH E .  ? 0.6951 0.1987 0.4098 -0.1472 0.2326  0.0207  236 HOH B O   
582 O O   . HOH E .  ? 0.1773 0.4175 0.2419 0.0799  -0.0497 -0.1366 237 HOH B O   
583 O O   . HOH E .  ? 0.3582 0.1180 0.2646 0.0117  0.0214  -0.0209 238 HOH B O   
584 O O   . HOH E .  ? 0.1201 0.1950 0.6306 -0.0103 0.0912  -0.1378 240 HOH B O   
585 O O   . HOH E .  ? 0.2296 0.5078 0.4860 -0.2013 -0.0710 -0.0482 241 HOH B O   
586 O O   . HOH E .  ? 0.4876 0.3662 0.2307 0.0536  -0.0580 0.0480  244 HOH B O   
587 O O   . HOH E .  ? 0.9758 0.1544 0.2115 -0.0042 0.2329  -0.0641 248 HOH B O   
588 O O   . HOH E .  ? 0.7932 0.3762 0.2724 -0.2487 0.2679  -0.0600 250 HOH B O   
589 O O   . HOH E .  ? 0.6773 0.4111 0.3592 -0.0299 0.0158  0.0467  256 HOH B O   
590 O O   . HOH E .  ? 0.6242 0.4783 0.3812 0.1008  0.1953  0.2356  262 HOH B O   
591 O O   . HOH F .  ? 0.0868 0.1366 0.1332 0.0117  0.0007  -0.0479 102 HOH C O   
592 O O   . HOH F .  ? 0.2536 0.0870 0.0859 -0.0028 0.0346  0.0077  105 HOH C O   
593 O O   . HOH F .  ? 0.1014 0.1858 0.1874 0.0732  -0.0360 -0.0751 107 HOH C O   
594 O O   . HOH F .  ? 0.0892 0.0771 0.0988 -0.0006 -0.0005 -0.0159 108 HOH C O   
595 O O   . HOH F .  ? 0.2043 0.0791 0.1521 0.0263  -0.0170 -0.0259 110 HOH C O   
596 O O   . HOH F .  ? 0.1589 0.0767 0.1657 -0.0023 -0.0040 -0.0184 111 HOH C O   
597 O O   . HOH F .  ? 0.1509 0.1347 0.1878 0.0041  -0.0138 0.0125  114 HOH C O   
598 O O   . HOH F .  ? 0.1138 0.0904 0.1531 0.0195  -0.0146 -0.0033 119 HOH C O   
599 O O   . HOH F .  ? 0.1039 0.0921 0.0739 0.0275  0.0115  0.0112  123 HOH C O   
600 O O   . HOH F .  ? 0.0878 0.1472 0.0891 0.0336  0.0049  0.0134  125 HOH C O   
601 O O   . HOH F .  ? 0.1720 0.1568 0.1222 0.0540  0.0309  0.0034  126 HOH C O   
602 O O   . HOH F .  ? 0.2492 0.1813 0.1359 0.0201  -0.0488 -0.0243 130 HOH C O   
603 O O   . HOH F .  ? 0.1121 0.1220 0.1893 0.0214  -0.0110 0.0175  137 HOH C O   
604 O O   . HOH F .  ? 0.1052 0.1081 0.1149 0.0082  0.0024  -0.0181 140 HOH C O   
605 O O   . HOH F .  ? 0.1931 0.2316 0.1515 0.0608  -0.0327 0.0561  147 HOH C O   
606 O O   . HOH F .  ? 0.0988 0.2061 0.1712 0.0137  -0.0143 0.0371  148 HOH C O   
607 O O   . HOH F .  ? 0.1565 0.1094 0.1100 0.0647  -0.0205 -0.0234 149 HOH C O   
608 O O   . HOH F .  ? 0.1334 0.1255 0.1519 -0.0161 -0.0004 0.0138  152 HOH C O   
609 O O   . HOH F .  ? 0.1858 0.1822 0.1236 0.0602  0.0039  -0.0253 154 HOH C O   
610 O O   . HOH F .  ? 0.1285 0.1449 0.1430 -0.0270 0.0331  -0.0217 156 HOH C O   
611 O O   . HOH F .  ? 0.2842 0.1200 0.1654 0.0791  -0.0685 -0.0075 167 HOH C O   
612 O O   . HOH F .  ? 0.1553 0.1649 0.1587 -0.0097 0.0035  0.0540  177 HOH C O   
613 O O   . HOH F .  ? 0.1989 0.1838 0.3183 0.0839  0.0938  0.1229  183 HOH C O   
614 O O   . HOH F .  ? 0.1976 0.1287 0.1543 0.0056  0.0357  -0.0104 184 HOH C O   
615 O O   . HOH F .  ? 0.2447 0.1894 0.1311 -0.0166 0.0128  -0.0114 187 HOH C O   
616 O O   . HOH F .  ? 0.0976 0.1982 0.4186 0.0164  0.0472  -0.0175 191 HOH C O   
617 O O   . HOH F .  ? 0.1567 0.1519 0.1594 0.0248  0.0448  -0.0107 192 HOH C O   
618 O O   . HOH F .  ? 0.4249 0.1375 0.1764 -0.0015 0.0389  -0.0195 193 HOH C O   
619 O O   . HOH F .  ? 0.1888 0.2317 0.1512 0.0983  -0.0396 -0.0155 195 HOH C O   
620 O O   . HOH F .  ? 0.2577 0.3699 0.2437 -0.0832 0.0689  0.0871  196 HOH C O   
621 O O   . HOH F .  ? 0.4247 0.2539 0.1518 -0.0277 -0.0488 -0.0554 197 HOH C O   
622 O O   . HOH F .  ? 0.3160 0.2254 0.1319 -0.0005 -0.0145 0.0145  198 HOH C O   
623 O O   . HOH F .  ? 0.2319 0.2227 0.2206 -0.0888 0.0134  0.0074  200 HOH C O   
624 O O   . HOH F .  ? 0.2937 0.1968 0.2609 -0.0796 0.0916  -0.0024 203 HOH C O   
625 O O   . HOH F .  ? 0.2141 0.5881 0.3990 -0.0106 -0.0258 -0.0960 215 HOH C O   
626 O O   . HOH F .  ? 0.2891 0.2935 0.1911 0.0426  -0.0446 0.0286  216 HOH C O   
627 O O   . HOH F .  ? 0.2133 0.1983 0.2908 -0.0109 0.0054  -0.0680 218 HOH C O   
628 O O   . HOH F .  ? 0.3819 0.5791 0.1854 -0.1993 0.0133  -0.0802 226 HOH C O   
629 O O   . HOH F .  ? 0.3290 0.3860 0.2309 -0.1039 -0.1165 0.1429  234 HOH C O   
630 O O   . HOH F .  ? 0.2473 0.2954 0.4898 0.0013  0.1292  -0.1418 239 HOH C O   
631 O O   . HOH F .  ? 0.5489 0.2344 0.2381 -0.0837 -0.1029 -0.0097 245 HOH C O   
632 O O   . HOH F .  ? 0.4805 0.1165 0.5276 0.0008  0.2321  -0.0005 246 HOH C O   
633 O O   . HOH F .  ? 0.2280 0.5699 0.3379 -0.1376 0.0302  -0.0639 251 HOH C O   
634 O O   . HOH F .  ? 0.3289 0.3079 0.5279 -0.0702 -0.1630 0.1181  252 HOH C O   
635 O O   . HOH F .  ? 0.1251 0.5828 0.8501 -0.0585 -0.0126 0.4622  254 HOH C O   
636 O O   . HOH F .  ? 0.4350 0.1811 0.6028 0.0344  0.1272  0.0511  255 HOH C O   
637 O O   . HOH F .  ? 0.3470 0.4288 0.8143 0.0762  -0.1761 0.1627  260 HOH C O   
# 
